data_9EX0
# 
_entry.id   9EX0 
# 
_audit_conform.dict_name       mmcif_pdbx.dic 
_audit_conform.dict_version    5.398 
_audit_conform.dict_location   http://mmcif.pdb.org/dictionaries/ascii/mmcif_pdbx.dic 
# 
loop_
_database_2.database_id 
_database_2.database_code 
_database_2.pdbx_database_accession 
_database_2.pdbx_DOI 
PDB   9EX0         pdb_00009ex0 10.2210/pdb9ex0/pdb 
WWPDB D_1292137744 ?            ?                   
# 
loop_
_pdbx_audit_revision_history.ordinal 
_pdbx_audit_revision_history.data_content_type 
_pdbx_audit_revision_history.major_revision 
_pdbx_audit_revision_history.minor_revision 
_pdbx_audit_revision_history.revision_date 
1 'Structure model' 1 0 2024-06-26 
2 'Structure model' 1 1 2024-07-03 
3 'Structure model' 1 2 2024-07-31 
4 'Structure model' 1 3 2024-11-06 
# 
_pdbx_audit_revision_details.ordinal             1 
_pdbx_audit_revision_details.revision_ordinal    1 
_pdbx_audit_revision_details.data_content_type   'Structure model' 
_pdbx_audit_revision_details.provider            repository 
_pdbx_audit_revision_details.type                'Initial release' 
_pdbx_audit_revision_details.description         ? 
_pdbx_audit_revision_details.details             ? 
# 
loop_
_pdbx_audit_revision_group.ordinal 
_pdbx_audit_revision_group.revision_ordinal 
_pdbx_audit_revision_group.data_content_type 
_pdbx_audit_revision_group.group 
1 2 'Structure model' 'Structure summary'   
2 3 'Structure model' 'Database references' 
3 4 'Structure model' 'Structure summary'   
# 
loop_
_pdbx_audit_revision_category.ordinal 
_pdbx_audit_revision_category.revision_ordinal 
_pdbx_audit_revision_category.data_content_type 
_pdbx_audit_revision_category.category 
1 2 'Structure model' struct                    
2 3 'Structure model' citation                  
3 3 'Structure model' citation_author           
4 4 'Structure model' pdbx_entry_details        
5 4 'Structure model' pdbx_modification_feature 
# 
loop_
_pdbx_audit_revision_item.ordinal 
_pdbx_audit_revision_item.revision_ordinal 
_pdbx_audit_revision_item.data_content_type 
_pdbx_audit_revision_item.item 
1 2 'Structure model' '_struct.title'                                
2 3 'Structure model' '_citation.journal_volume'                     
3 3 'Structure model' '_citation_author.identifier_ORCID'            
4 4 'Structure model' '_pdbx_entry_details.has_protein_modification' 
# 
_pdbx_database_status.status_code                     REL 
_pdbx_database_status.status_code_sf                  REL 
_pdbx_database_status.status_code_mr                  ? 
_pdbx_database_status.entry_id                        9EX0 
_pdbx_database_status.recvd_initial_deposition_date   2024-04-05 
_pdbx_database_status.SG_entry                        N 
_pdbx_database_status.deposit_site                    PDBE 
_pdbx_database_status.process_site                    PDBE 
_pdbx_database_status.status_code_cs                  ? 
_pdbx_database_status.status_code_nmr_data            ? 
_pdbx_database_status.methods_development_category    ? 
_pdbx_database_status.pdb_format_compatible           N 
# 
loop_
_pdbx_contact_author.id 
_pdbx_contact_author.email 
_pdbx_contact_author.name_first 
_pdbx_contact_author.name_last 
_pdbx_contact_author.name_mi 
_pdbx_contact_author.role 
_pdbx_contact_author.identifier_ORCID 
4 giarita.ferraro@unina.it   Giarita   Ferraro ? 'principal investigator/group leader' 0000-0001-9385-2429 
5 gabriella.tito@unina.it    Gabriella Tito    ? 'principal investigator/group leader' 0000-0001-5682-3100 
6 antonello.merlino@unina.it Antonello Merlino ? 'principal investigator/group leader' 0000-0002-1045-7720 
# 
loop_
_audit_author.name 
_audit_author.pdbx_ordinal 
_audit_author.identifier_ORCID 
'Tito, G.'    1 ? 
'Merlino, A.' 2 ? 
'Ferraro, G.' 3 ? 
# 
_citation.abstract                  ? 
_citation.abstract_id_CAS           ? 
_citation.book_id_ISBN              ? 
_citation.book_publisher            ? 
_citation.book_publisher_city       ? 
_citation.book_title                ? 
_citation.coordinate_linkage        ? 
_citation.country                   GE 
_citation.database_id_Medline       ? 
_citation.details                   ? 
_citation.id                        primary 
_citation.journal_abbrev            Angew.Chem.Int.Ed.Engl. 
_citation.journal_id_ASTM           ACIEAY 
_citation.journal_id_CSD            0179 
_citation.journal_id_ISSN           1521-3773 
_citation.journal_full              ? 
_citation.journal_issue             ? 
_citation.journal_volume            63 
_citation.language                  ? 
_citation.page_first                e202406669 
_citation.page_last                 e202406669 
_citation.title                     
'Non-Covalent and Covalent Binding of New Mixed-Valence Cage-like Polyoxidovanadate Clusters to Lysozyme.' 
_citation.year                      2024 
_citation.database_id_CSD           ? 
_citation.pdbx_database_id_DOI      10.1002/anie.202406669 
_citation.pdbx_database_id_PubMed   38842919 
_citation.pdbx_database_id_patent   ? 
_citation.unpublished_flag          ? 
# 
loop_
_citation_author.citation_id 
_citation_author.name 
_citation_author.ordinal 
_citation_author.identifier_ORCID 
primary 'Tito, G.'     1 ?                   
primary 'Ferraro, G.'  2 0000-0001-9385-2429 
primary 'Pisanu, F.'   3 0000-0001-8027-3161 
primary 'Garribba, E.' 4 0000-0002-7229-5966 
primary 'Merlino, A.'  5 0000-0002-1045-7720 
# 
loop_
_entity.id 
_entity.type 
_entity.src_method 
_entity.pdbx_description 
_entity.formula_weight 
_entity.pdbx_number_of_molecules 
_entity.pdbx_ec 
_entity.pdbx_mutation 
_entity.pdbx_fragment 
_entity.details 
1 polymer     nat 'Lysozyme C'                14331.160 1   3.2.1.17 ? ? ? 
2 non-polymer syn 'CHLORIDE ION'              35.453    3   ?        ? ? ? 
3 non-polymer syn 'SODIUM ION'                22.990    1   ?        ? ? ? 
4 non-polymer syn 'Polyoxidovanadate complex' 1834.799  1   ?        ? ? ? 
5 non-polymer syn 'VANADATE ION'              114.939   1   ?        ? ? ? 
6 water       nat water                       18.015    131 ?        ? ? ? 
# 
_entity_name_com.entity_id   1 
_entity_name_com.name        '1,4-beta-N-acetylmuramidase C,Allergen Gal d IV' 
# 
_entity_poly.entity_id                      1 
_entity_poly.type                           'polypeptide(L)' 
_entity_poly.nstd_linkage                   no 
_entity_poly.nstd_monomer                   no 
_entity_poly.pdbx_seq_one_letter_code       
;KVFGRCELAAAMKRHGLDNYRGYSLGNWVCAAKFESNFNTQATNRNTDGSTDYGILQINSRWWCNDGRTPGSRNLCNIPC
SALLSSDITASVNCAKKIVSDGNGMNAWVAWRNRCKGTDVQAWIRGCRL
;
_entity_poly.pdbx_seq_one_letter_code_can   
;KVFGRCELAAAMKRHGLDNYRGYSLGNWVCAAKFESNFNTQATNRNTDGSTDYGILQINSRWWCNDGRTPGSRNLCNIPC
SALLSSDITASVNCAKKIVSDGNGMNAWVAWRNRCKGTDVQAWIRGCRL
;
_entity_poly.pdbx_strand_id                 A 
_entity_poly.pdbx_target_identifier         ? 
# 
loop_
_pdbx_entity_nonpoly.entity_id 
_pdbx_entity_nonpoly.name 
_pdbx_entity_nonpoly.comp_id 
2 'CHLORIDE ION'              CL    
3 'SODIUM ION'                NA    
4 'Polyoxidovanadate complex' A1ICR 
5 'VANADATE ION'              VO4   
6 water                       HOH   
# 
loop_
_entity_poly_seq.entity_id 
_entity_poly_seq.num 
_entity_poly_seq.mon_id 
_entity_poly_seq.hetero 
1 1   LYS n 
1 2   VAL n 
1 3   PHE n 
1 4   GLY n 
1 5   ARG n 
1 6   CYS n 
1 7   GLU n 
1 8   LEU n 
1 9   ALA n 
1 10  ALA n 
1 11  ALA n 
1 12  MET n 
1 13  LYS n 
1 14  ARG n 
1 15  HIS n 
1 16  GLY n 
1 17  LEU n 
1 18  ASP n 
1 19  ASN n 
1 20  TYR n 
1 21  ARG n 
1 22  GLY n 
1 23  TYR n 
1 24  SER n 
1 25  LEU n 
1 26  GLY n 
1 27  ASN n 
1 28  TRP n 
1 29  VAL n 
1 30  CYS n 
1 31  ALA n 
1 32  ALA n 
1 33  LYS n 
1 34  PHE n 
1 35  GLU n 
1 36  SER n 
1 37  ASN n 
1 38  PHE n 
1 39  ASN n 
1 40  THR n 
1 41  GLN n 
1 42  ALA n 
1 43  THR n 
1 44  ASN n 
1 45  ARG n 
1 46  ASN n 
1 47  THR n 
1 48  ASP n 
1 49  GLY n 
1 50  SER n 
1 51  THR n 
1 52  ASP n 
1 53  TYR n 
1 54  GLY n 
1 55  ILE n 
1 56  LEU n 
1 57  GLN n 
1 58  ILE n 
1 59  ASN n 
1 60  SER n 
1 61  ARG n 
1 62  TRP n 
1 63  TRP n 
1 64  CYS n 
1 65  ASN n 
1 66  ASP n 
1 67  GLY n 
1 68  ARG n 
1 69  THR n 
1 70  PRO n 
1 71  GLY n 
1 72  SER n 
1 73  ARG n 
1 74  ASN n 
1 75  LEU n 
1 76  CYS n 
1 77  ASN n 
1 78  ILE n 
1 79  PRO n 
1 80  CYS n 
1 81  SER n 
1 82  ALA n 
1 83  LEU n 
1 84  LEU n 
1 85  SER n 
1 86  SER n 
1 87  ASP n 
1 88  ILE n 
1 89  THR n 
1 90  ALA n 
1 91  SER n 
1 92  VAL n 
1 93  ASN n 
1 94  CYS n 
1 95  ALA n 
1 96  LYS n 
1 97  LYS n 
1 98  ILE n 
1 99  VAL n 
1 100 SER n 
1 101 ASP n 
1 102 GLY n 
1 103 ASN n 
1 104 GLY n 
1 105 MET n 
1 106 ASN n 
1 107 ALA n 
1 108 TRP n 
1 109 VAL n 
1 110 ALA n 
1 111 TRP n 
1 112 ARG n 
1 113 ASN n 
1 114 ARG n 
1 115 CYS n 
1 116 LYS n 
1 117 GLY n 
1 118 THR n 
1 119 ASP n 
1 120 VAL n 
1 121 GLN n 
1 122 ALA n 
1 123 TRP n 
1 124 ILE n 
1 125 ARG n 
1 126 GLY n 
1 127 CYS n 
1 128 ARG n 
1 129 LEU n 
# 
_entity_src_nat.entity_id                  1 
_entity_src_nat.pdbx_src_id                1 
_entity_src_nat.pdbx_alt_source_flag       sample 
_entity_src_nat.pdbx_beg_seq_num           1 
_entity_src_nat.pdbx_end_seq_num           129 
_entity_src_nat.common_name                ? 
_entity_src_nat.pdbx_organism_scientific   Gallus 
_entity_src_nat.pdbx_ncbi_taxonomy_id      9030 
_entity_src_nat.genus                      ? 
_entity_src_nat.species                    ? 
_entity_src_nat.strain                     ? 
_entity_src_nat.tissue                     ? 
_entity_src_nat.tissue_fraction            ? 
_entity_src_nat.pdbx_secretion             ? 
_entity_src_nat.pdbx_fragment              ? 
_entity_src_nat.pdbx_variant               ? 
_entity_src_nat.pdbx_cell_line             ? 
_entity_src_nat.pdbx_atcc                  ? 
_entity_src_nat.pdbx_cellular_location     ? 
_entity_src_nat.pdbx_organ                 ? 
_entity_src_nat.pdbx_organelle             ? 
_entity_src_nat.pdbx_cell                  ? 
_entity_src_nat.pdbx_plasmid_name          ? 
_entity_src_nat.pdbx_plasmid_details       ? 
_entity_src_nat.details                    ? 
# 
loop_
_chem_comp.id 
_chem_comp.type 
_chem_comp.mon_nstd_flag 
_chem_comp.name 
_chem_comp.pdbx_synonyms 
_chem_comp.formula 
_chem_comp.formula_weight 
A1ICR non-polymer         . 'Polyoxidovanadate complex' VUF-6884 'O51 V20 -3'     1834.799 
ALA   'L-peptide linking' y ALANINE                     ?        'C3 H7 N O2'     89.093   
ARG   'L-peptide linking' y ARGININE                    ?        'C6 H15 N4 O2 1' 175.209  
ASN   'L-peptide linking' y ASPARAGINE                  ?        'C4 H8 N2 O3'    132.118  
ASP   'L-peptide linking' y 'ASPARTIC ACID'             ?        'C4 H7 N O4'     133.103  
CL    non-polymer         . 'CHLORIDE ION'              ?        'Cl -1'          35.453   
CYS   'L-peptide linking' y CYSTEINE                    ?        'C3 H7 N O2 S'   121.158  
GLN   'L-peptide linking' y GLUTAMINE                   ?        'C5 H10 N2 O3'   146.144  
GLU   'L-peptide linking' y 'GLUTAMIC ACID'             ?        'C5 H9 N O4'     147.129  
GLY   'peptide linking'   y GLYCINE                     ?        'C2 H5 N O2'     75.067   
HIS   'L-peptide linking' y HISTIDINE                   ?        'C6 H10 N3 O2 1' 156.162  
HOH   non-polymer         . WATER                       ?        'H2 O'           18.015   
ILE   'L-peptide linking' y ISOLEUCINE                  ?        'C6 H13 N O2'    131.173  
LEU   'L-peptide linking' y LEUCINE                     ?        'C6 H13 N O2'    131.173  
LYS   'L-peptide linking' y LYSINE                      ?        'C6 H15 N2 O2 1' 147.195  
MET   'L-peptide linking' y METHIONINE                  ?        'C5 H11 N O2 S'  149.211  
NA    non-polymer         . 'SODIUM ION'                ?        'Na 1'           22.990   
PHE   'L-peptide linking' y PHENYLALANINE               ?        'C9 H11 N O2'    165.189  
PRO   'L-peptide linking' y PROLINE                     ?        'C5 H9 N O2'     115.130  
SER   'L-peptide linking' y SERINE                      ?        'C3 H7 N O3'     105.093  
THR   'L-peptide linking' y THREONINE                   ?        'C4 H9 N O3'     119.119  
TRP   'L-peptide linking' y TRYPTOPHAN                  ?        'C11 H12 N2 O2'  204.225  
TYR   'L-peptide linking' y TYROSINE                    ?        'C9 H11 N O3'    181.189  
VAL   'L-peptide linking' y VALINE                      ?        'C5 H11 N O2'    117.146  
VO4   non-polymer         . 'VANADATE ION'              ?        'O4 V -3'        114.939  
# 
loop_
_pdbx_poly_seq_scheme.asym_id 
_pdbx_poly_seq_scheme.entity_id 
_pdbx_poly_seq_scheme.seq_id 
_pdbx_poly_seq_scheme.mon_id 
_pdbx_poly_seq_scheme.ndb_seq_num 
_pdbx_poly_seq_scheme.pdb_seq_num 
_pdbx_poly_seq_scheme.auth_seq_num 
_pdbx_poly_seq_scheme.pdb_mon_id 
_pdbx_poly_seq_scheme.auth_mon_id 
_pdbx_poly_seq_scheme.pdb_strand_id 
_pdbx_poly_seq_scheme.pdb_ins_code 
_pdbx_poly_seq_scheme.hetero 
A 1 1   LYS 1   1   1   LYS LYS A . n 
A 1 2   VAL 2   2   2   VAL VAL A . n 
A 1 3   PHE 3   3   3   PHE PHE A . n 
A 1 4   GLY 4   4   4   GLY GLY A . n 
A 1 5   ARG 5   5   5   ARG ARG A . n 
A 1 6   CYS 6   6   6   CYS CYS A . n 
A 1 7   GLU 7   7   7   GLU GLU A . n 
A 1 8   LEU 8   8   8   LEU LEU A . n 
A 1 9   ALA 9   9   9   ALA ALA A . n 
A 1 10  ALA 10  10  10  ALA ALA A . n 
A 1 11  ALA 11  11  11  ALA ALA A . n 
A 1 12  MET 12  12  12  MET MET A . n 
A 1 13  LYS 13  13  13  LYS LYS A . n 
A 1 14  ARG 14  14  14  ARG ARG A . n 
A 1 15  HIS 15  15  15  HIS HIS A . n 
A 1 16  GLY 16  16  16  GLY GLY A . n 
A 1 17  LEU 17  17  17  LEU LEU A . n 
A 1 18  ASP 18  18  18  ASP ASP A . n 
A 1 19  ASN 19  19  19  ASN ASN A . n 
A 1 20  TYR 20  20  20  TYR TYR A . n 
A 1 21  ARG 21  21  21  ARG ARG A . n 
A 1 22  GLY 22  22  22  GLY GLY A . n 
A 1 23  TYR 23  23  23  TYR TYR A . n 
A 1 24  SER 24  24  24  SER SER A . n 
A 1 25  LEU 25  25  25  LEU LEU A . n 
A 1 26  GLY 26  26  26  GLY GLY A . n 
A 1 27  ASN 27  27  27  ASN ASN A . n 
A 1 28  TRP 28  28  28  TRP TRP A . n 
A 1 29  VAL 29  29  29  VAL VAL A . n 
A 1 30  CYS 30  30  30  CYS CYS A . n 
A 1 31  ALA 31  31  31  ALA ALA A . n 
A 1 32  ALA 32  32  32  ALA ALA A . n 
A 1 33  LYS 33  33  33  LYS LYS A . n 
A 1 34  PHE 34  34  34  PHE PHE A . n 
A 1 35  GLU 35  35  35  GLU GLU A . n 
A 1 36  SER 36  36  36  SER SER A . n 
A 1 37  ASN 37  37  37  ASN ASN A . n 
A 1 38  PHE 38  38  38  PHE PHE A . n 
A 1 39  ASN 39  39  39  ASN ASN A . n 
A 1 40  THR 40  40  40  THR THR A . n 
A 1 41  GLN 41  41  41  GLN GLN A . n 
A 1 42  ALA 42  42  42  ALA ALA A . n 
A 1 43  THR 43  43  43  THR THR A . n 
A 1 44  ASN 44  44  44  ASN ASN A . n 
A 1 45  ARG 45  45  45  ARG ARG A . n 
A 1 46  ASN 46  46  46  ASN ASN A . n 
A 1 47  THR 47  47  47  THR THR A . n 
A 1 48  ASP 48  48  48  ASP ASP A . n 
A 1 49  GLY 49  49  49  GLY GLY A . n 
A 1 50  SER 50  50  50  SER SER A . n 
A 1 51  THR 51  51  51  THR THR A . n 
A 1 52  ASP 52  52  52  ASP ASP A . n 
A 1 53  TYR 53  53  53  TYR TYR A . n 
A 1 54  GLY 54  54  54  GLY GLY A . n 
A 1 55  ILE 55  55  55  ILE ILE A . n 
A 1 56  LEU 56  56  56  LEU LEU A . n 
A 1 57  GLN 57  57  57  GLN GLN A . n 
A 1 58  ILE 58  58  58  ILE ILE A . n 
A 1 59  ASN 59  59  59  ASN ASN A . n 
A 1 60  SER 60  60  60  SER SER A . n 
A 1 61  ARG 61  61  61  ARG ARG A . n 
A 1 62  TRP 62  62  62  TRP TRP A . n 
A 1 63  TRP 63  63  63  TRP TRP A . n 
A 1 64  CYS 64  64  64  CYS CYS A . n 
A 1 65  ASN 65  65  65  ASN ASN A . n 
A 1 66  ASP 66  66  66  ASP ASP A . n 
A 1 67  GLY 67  67  67  GLY GLY A . n 
A 1 68  ARG 68  68  68  ARG ARG A . n 
A 1 69  THR 69  69  69  THR THR A . n 
A 1 70  PRO 70  70  70  PRO PRO A . n 
A 1 71  GLY 71  71  71  GLY GLY A . n 
A 1 72  SER 72  72  72  SER SER A . n 
A 1 73  ARG 73  73  73  ARG ARG A . n 
A 1 74  ASN 74  74  74  ASN ASN A . n 
A 1 75  LEU 75  75  75  LEU LEU A . n 
A 1 76  CYS 76  76  76  CYS CYS A . n 
A 1 77  ASN 77  77  77  ASN ASN A . n 
A 1 78  ILE 78  78  78  ILE ILE A . n 
A 1 79  PRO 79  79  79  PRO PRO A . n 
A 1 80  CYS 80  80  80  CYS CYS A . n 
A 1 81  SER 81  81  81  SER SER A . n 
A 1 82  ALA 82  82  82  ALA ALA A . n 
A 1 83  LEU 83  83  83  LEU LEU A . n 
A 1 84  LEU 84  84  84  LEU LEU A . n 
A 1 85  SER 85  85  85  SER SER A . n 
A 1 86  SER 86  86  86  SER SER A . n 
A 1 87  ASP 87  87  87  ASP ASP A . n 
A 1 88  ILE 88  88  88  ILE ILE A . n 
A 1 89  THR 89  89  89  THR THR A . n 
A 1 90  ALA 90  90  90  ALA ALA A . n 
A 1 91  SER 91  91  91  SER SER A . n 
A 1 92  VAL 92  92  92  VAL VAL A . n 
A 1 93  ASN 93  93  93  ASN ASN A . n 
A 1 94  CYS 94  94  94  CYS CYS A . n 
A 1 95  ALA 95  95  95  ALA ALA A . n 
A 1 96  LYS 96  96  96  LYS LYS A . n 
A 1 97  LYS 97  97  97  LYS LYS A . n 
A 1 98  ILE 98  98  98  ILE ILE A . n 
A 1 99  VAL 99  99  99  VAL VAL A . n 
A 1 100 SER 100 100 100 SER SER A . n 
A 1 101 ASP 101 101 101 ASP ASP A . n 
A 1 102 GLY 102 102 102 GLY GLY A . n 
A 1 103 ASN 103 103 103 ASN ASN A . n 
A 1 104 GLY 104 104 104 GLY GLY A . n 
A 1 105 MET 105 105 105 MET MET A . n 
A 1 106 ASN 106 106 106 ASN ASN A . n 
A 1 107 ALA 107 107 107 ALA ALA A . n 
A 1 108 TRP 108 108 108 TRP TRP A . n 
A 1 109 VAL 109 109 109 VAL VAL A . n 
A 1 110 ALA 110 110 110 ALA ALA A . n 
A 1 111 TRP 111 111 111 TRP TRP A . n 
A 1 112 ARG 112 112 112 ARG ARG A . n 
A 1 113 ASN 113 113 113 ASN ASN A . n 
A 1 114 ARG 114 114 114 ARG ARG A . n 
A 1 115 CYS 115 115 115 CYS CYS A . n 
A 1 116 LYS 116 116 116 LYS LYS A . n 
A 1 117 GLY 117 117 117 GLY GLY A . n 
A 1 118 THR 118 118 118 THR THR A . n 
A 1 119 ASP 119 119 119 ASP ASP A . n 
A 1 120 VAL 120 120 120 VAL VAL A . n 
A 1 121 GLN 121 121 121 GLN GLN A . n 
A 1 122 ALA 122 122 122 ALA ALA A . n 
A 1 123 TRP 123 123 123 TRP TRP A . n 
A 1 124 ILE 124 124 124 ILE ILE A . n 
A 1 125 ARG 125 125 125 ARG ARG A . n 
A 1 126 GLY 126 126 126 GLY GLY A . n 
A 1 127 CYS 127 127 127 CYS CYS A . n 
A 1 128 ARG 128 128 128 ARG ARG A . n 
A 1 129 LEU 129 129 129 LEU LEU A . n 
# 
loop_
_pdbx_entity_instance_feature.ordinal 
_pdbx_entity_instance_feature.comp_id 
_pdbx_entity_instance_feature.asym_id 
_pdbx_entity_instance_feature.seq_num 
_pdbx_entity_instance_feature.auth_comp_id 
_pdbx_entity_instance_feature.auth_asym_id 
_pdbx_entity_instance_feature.auth_seq_num 
_pdbx_entity_instance_feature.feature_type 
_pdbx_entity_instance_feature.details 
1 A1ICR ? ? A1ICR ? ? 'SUBJECT OF INVESTIGATION' ? 
2 VO4   ? ? VO4   ? ? 'SUBJECT OF INVESTIGATION' ? 
# 
loop_
_pdbx_nonpoly_scheme.asym_id 
_pdbx_nonpoly_scheme.entity_id 
_pdbx_nonpoly_scheme.mon_id 
_pdbx_nonpoly_scheme.ndb_seq_num 
_pdbx_nonpoly_scheme.pdb_seq_num 
_pdbx_nonpoly_scheme.auth_seq_num 
_pdbx_nonpoly_scheme.pdb_mon_id 
_pdbx_nonpoly_scheme.auth_mon_id 
_pdbx_nonpoly_scheme.pdb_strand_id 
_pdbx_nonpoly_scheme.pdb_ins_code 
B 2 CL    1   201 130 CL    CL  A . 
C 3 NA    1   202 131 NA    NA  A . 
D 4 A1ICR 1   203 1   A1ICR VCF A . 
E 5 VO4   1   204 3   VO4   VSS A . 
F 2 CL    1   205 2   CL    CL  A . 
G 2 CL    1   206 3   CL    CL  A . 
H 6 HOH   1   301 128 HOH   HOH A . 
H 6 HOH   2   302 127 HOH   HOH A . 
H 6 HOH   3   303 35  HOH   HOH A . 
H 6 HOH   4   304 11  HOH   HOH A . 
H 6 HOH   5   305 113 HOH   HOH A . 
H 6 HOH   6   306 77  HOH   HOH A . 
H 6 HOH   7   307 49  HOH   HOH A . 
H 6 HOH   8   308 75  HOH   HOH A . 
H 6 HOH   9   309 120 HOH   HOH A . 
H 6 HOH   10  310 125 HOH   HOH A . 
H 6 HOH   11  311 67  HOH   HOH A . 
H 6 HOH   12  312 98  HOH   HOH A . 
H 6 HOH   13  313 66  HOH   HOH A . 
H 6 HOH   14  314 89  HOH   HOH A . 
H 6 HOH   15  315 40  HOH   HOH A . 
H 6 HOH   16  316 12  HOH   HOH A . 
H 6 HOH   17  317 82  HOH   HOH A . 
H 6 HOH   18  318 110 HOH   HOH A . 
H 6 HOH   19  319 74  HOH   HOH A . 
H 6 HOH   20  320 129 HOH   HOH A . 
H 6 HOH   21  321 87  HOH   HOH A . 
H 6 HOH   22  322 84  HOH   HOH A . 
H 6 HOH   23  323 16  HOH   HOH A . 
H 6 HOH   24  324 41  HOH   HOH A . 
H 6 HOH   25  325 81  HOH   HOH A . 
H 6 HOH   26  326 97  HOH   HOH A . 
H 6 HOH   27  327 13  HOH   HOH A . 
H 6 HOH   28  328 85  HOH   HOH A . 
H 6 HOH   29  329 1   HOH   HOH A . 
H 6 HOH   30  330 37  HOH   HOH A . 
H 6 HOH   31  331 64  HOH   HOH A . 
H 6 HOH   32  332 96  HOH   HOH A . 
H 6 HOH   33  333 93  HOH   HOH A . 
H 6 HOH   34  334 32  HOH   HOH A . 
H 6 HOH   35  335 38  HOH   HOH A . 
H 6 HOH   36  336 115 HOH   HOH A . 
H 6 HOH   37  337 17  HOH   HOH A . 
H 6 HOH   38  338 46  HOH   HOH A . 
H 6 HOH   39  339 69  HOH   HOH A . 
H 6 HOH   40  340 61  HOH   HOH A . 
H 6 HOH   41  341 108 HOH   HOH A . 
H 6 HOH   42  342 24  HOH   HOH A . 
H 6 HOH   43  343 21  HOH   HOH A . 
H 6 HOH   44  344 59  HOH   HOH A . 
H 6 HOH   45  345 7   HOH   HOH A . 
H 6 HOH   46  346 56  HOH   HOH A . 
H 6 HOH   47  347 83  HOH   HOH A . 
H 6 HOH   48  348 106 HOH   HOH A . 
H 6 HOH   49  349 105 HOH   HOH A . 
H 6 HOH   50  350 45  HOH   HOH A . 
H 6 HOH   51  351 30  HOH   HOH A . 
H 6 HOH   52  352 2   HOH   HOH A . 
H 6 HOH   53  353 20  HOH   HOH A . 
H 6 HOH   54  354 78  HOH   HOH A . 
H 6 HOH   55  355 25  HOH   HOH A . 
H 6 HOH   56  356 33  HOH   HOH A . 
H 6 HOH   57  357 26  HOH   HOH A . 
H 6 HOH   58  358 54  HOH   HOH A . 
H 6 HOH   59  359 73  HOH   HOH A . 
H 6 HOH   60  360 100 HOH   HOH A . 
H 6 HOH   61  361 43  HOH   HOH A . 
H 6 HOH   62  362 18  HOH   HOH A . 
H 6 HOH   63  363 80  HOH   HOH A . 
H 6 HOH   64  364 44  HOH   HOH A . 
H 6 HOH   65  365 27  HOH   HOH A . 
H 6 HOH   66  366 9   HOH   HOH A . 
H 6 HOH   67  367 14  HOH   HOH A . 
H 6 HOH   68  368 47  HOH   HOH A . 
H 6 HOH   69  369 23  HOH   HOH A . 
H 6 HOH   70  370 79  HOH   HOH A . 
H 6 HOH   71  371 132 HOH   HOH A . 
H 6 HOH   72  372 5   HOH   HOH A . 
H 6 HOH   73  373 71  HOH   HOH A . 
H 6 HOH   74  374 68  HOH   HOH A . 
H 6 HOH   75  375 4   HOH   HOH A . 
H 6 HOH   76  376 8   HOH   HOH A . 
H 6 HOH   77  377 63  HOH   HOH A . 
H 6 HOH   78  378 3   HOH   HOH A . 
H 6 HOH   79  379 50  HOH   HOH A . 
H 6 HOH   80  380 6   HOH   HOH A . 
H 6 HOH   81  381 55  HOH   HOH A . 
H 6 HOH   82  382 111 HOH   HOH A . 
H 6 HOH   83  383 130 HOH   HOH A . 
H 6 HOH   84  384 39  HOH   HOH A . 
H 6 HOH   85  385 123 HOH   HOH A . 
H 6 HOH   86  386 94  HOH   HOH A . 
H 6 HOH   87  387 86  HOH   HOH A . 
H 6 HOH   88  388 31  HOH   HOH A . 
H 6 HOH   89  389 88  HOH   HOH A . 
H 6 HOH   90  390 65  HOH   HOH A . 
H 6 HOH   91  391 101 HOH   HOH A . 
H 6 HOH   92  392 22  HOH   HOH A . 
H 6 HOH   93  393 126 HOH   HOH A . 
H 6 HOH   94  394 135 HOH   HOH A . 
H 6 HOH   95  395 42  HOH   HOH A . 
H 6 HOH   96  396 19  HOH   HOH A . 
H 6 HOH   97  397 112 HOH   HOH A . 
H 6 HOH   98  398 124 HOH   HOH A . 
H 6 HOH   99  399 104 HOH   HOH A . 
H 6 HOH   100 400 10  HOH   HOH A . 
H 6 HOH   101 401 52  HOH   HOH A . 
H 6 HOH   102 402 76  HOH   HOH A . 
H 6 HOH   103 403 133 HOH   HOH A . 
H 6 HOH   104 404 118 HOH   HOH A . 
H 6 HOH   105 405 29  HOH   HOH A . 
H 6 HOH   106 406 95  HOH   HOH A . 
H 6 HOH   107 407 53  HOH   HOH A . 
H 6 HOH   108 408 121 HOH   HOH A . 
H 6 HOH   109 409 90  HOH   HOH A . 
H 6 HOH   110 410 103 HOH   HOH A . 
H 6 HOH   111 411 91  HOH   HOH A . 
H 6 HOH   112 412 119 HOH   HOH A . 
H 6 HOH   113 413 36  HOH   HOH A . 
H 6 HOH   114 414 122 HOH   HOH A . 
H 6 HOH   115 415 57  HOH   HOH A . 
H 6 HOH   116 416 114 HOH   HOH A . 
H 6 HOH   117 417 51  HOH   HOH A . 
H 6 HOH   118 418 15  HOH   HOH A . 
H 6 HOH   119 419 116 HOH   HOH A . 
H 6 HOH   120 420 62  HOH   HOH A . 
H 6 HOH   121 421 34  HOH   HOH A . 
H 6 HOH   122 422 109 HOH   HOH A . 
H 6 HOH   123 423 48  HOH   HOH A . 
H 6 HOH   124 424 99  HOH   HOH A . 
H 6 HOH   125 425 92  HOH   HOH A . 
H 6 HOH   126 426 28  HOH   HOH A . 
H 6 HOH   127 427 70  HOH   HOH A . 
H 6 HOH   128 428 58  HOH   HOH A . 
H 6 HOH   129 429 60  HOH   HOH A . 
H 6 HOH   130 430 102 HOH   HOH A . 
H 6 HOH   131 431 134 HOH   HOH A . 
# 
loop_
_pdbx_unobs_or_zero_occ_atoms.id 
_pdbx_unobs_or_zero_occ_atoms.PDB_model_num 
_pdbx_unobs_or_zero_occ_atoms.polymer_flag 
_pdbx_unobs_or_zero_occ_atoms.occupancy_flag 
_pdbx_unobs_or_zero_occ_atoms.auth_asym_id 
_pdbx_unobs_or_zero_occ_atoms.auth_comp_id 
_pdbx_unobs_or_zero_occ_atoms.auth_seq_id 
_pdbx_unobs_or_zero_occ_atoms.PDB_ins_code 
_pdbx_unobs_or_zero_occ_atoms.auth_atom_id 
_pdbx_unobs_or_zero_occ_atoms.label_alt_id 
_pdbx_unobs_or_zero_occ_atoms.label_asym_id 
_pdbx_unobs_or_zero_occ_atoms.label_comp_id 
_pdbx_unobs_or_zero_occ_atoms.label_seq_id 
_pdbx_unobs_or_zero_occ_atoms.label_atom_id 
1  1 N 1 A A1ICR 203 ? O14 ? D A1ICR 1 O14 
2  1 N 1 A A1ICR 203 ? V11 ? D A1ICR 1 V11 
3  1 N 1 A A1ICR 203 ? V21 ? D A1ICR 1 V21 
4  1 N 1 A A1ICR 203 ? V31 ? D A1ICR 1 V31 
5  1 N 1 A A1ICR 203 ? V41 ? D A1ICR 1 V41 
6  1 N 1 A A1ICR 203 ? V51 ? D A1ICR 1 V51 
7  1 N 1 A A1ICR 203 ? V61 ? D A1ICR 1 V61 
8  1 N 1 A A1ICR 203 ? V71 ? D A1ICR 1 V71 
9  1 N 1 A A1ICR 203 ? V81 ? D A1ICR 1 V81 
10 1 N 1 A A1ICR 203 ? V91 ? D A1ICR 1 V91 
11 1 N 1 A A1ICR 203 ? V12 ? D A1ICR 1 V12 
12 1 N 1 A A1ICR 203 ? O1A ? D A1ICR 1 O1A 
13 1 N 1 A A1ICR 203 ? O24 ? D A1ICR 1 O24 
14 1 N 1 A A1ICR 203 ? O33 ? D A1ICR 1 O33 
15 1 N 1 A A1ICR 203 ? O61 ? D A1ICR 1 O61 
16 1 N 1 A A1ICR 203 ? O71 ? D A1ICR 1 O71 
17 1 N 1 A A1ICR 203 ? O81 ? D A1ICR 1 O81 
18 1 N 1 A A1ICR 203 ? O91 ? D A1ICR 1 O91 
19 1 N 1 A A1ICR 203 ? O25 ? D A1ICR 1 O25 
20 1 N 1 A A1ICR 203 ? O26 ? D A1ICR 1 O26 
21 1 N 1 A A1ICR 203 ? O27 ? D A1ICR 1 O27 
22 1 N 1 A A1ICR 203 ? O28 ? D A1ICR 1 O28 
23 1 N 1 A A1ICR 203 ? O34 ? D A1ICR 1 O34 
24 1 N 1 A A1ICR 203 ? O35 ? D A1ICR 1 O35 
25 1 N 1 A A1ICR 203 ? O36 ? D A1ICR 1 O36 
26 1 N 1 A A1ICR 203 ? O37 ? D A1ICR 1 O37 
27 1 N 1 A A1ICR 203 ? O38 ? D A1ICR 1 O38 
28 1 N 1 A A1ICR 203 ? O39 ? D A1ICR 1 O39 
29 1 N 1 A A1ICR 203 ? O40 ? D A1ICR 1 O40 
30 1 N 1 A A1ICR 203 ? O42 ? D A1ICR 1 O42 
31 1 N 1 A A1ICR 203 ? O43 ? D A1ICR 1 O43 
32 1 N 1 A A1ICR 203 ? O44 ? D A1ICR 1 O44 
33 1 N 1 A A1ICR 203 ? O45 ? D A1ICR 1 O45 
34 1 N 1 A A1ICR 203 ? O46 ? D A1ICR 1 O46 
35 1 N 1 A A1ICR 203 ? O51 ? D A1ICR 1 O51 
# 
loop_
_software.citation_id 
_software.classification 
_software.compiler_name 
_software.compiler_version 
_software.contact_author 
_software.contact_author_email 
_software.date 
_software.description 
_software.dependencies 
_software.hardware 
_software.language 
_software.location 
_software.mods 
_software.name 
_software.os 
_software.os_version 
_software.type 
_software.version 
_software.pdbx_ordinal 
? refinement       ? ? ? ? ? ? ? ? ? ? ? REFMAC   ? ? ? 5.8.0352 1 
? 'data reduction' ? ? ? ? ? ? ? ? ? ? ? autoPROC ? ? ? .        2 
? 'data scaling'   ? ? ? ? ? ? ? ? ? ? ? autoPROC ? ? ? .        3 
? phasing          ? ? ? ? ? ? ? ? ? ? ? PHASER   ? ? ? .        4 
# 
_cell.angle_alpha                  90.000 
_cell.angle_alpha_esd              ? 
_cell.angle_beta                   90.000 
_cell.angle_beta_esd               ? 
_cell.angle_gamma                  90.000 
_cell.angle_gamma_esd              ? 
_cell.entry_id                     9EX0 
_cell.details                      ? 
_cell.formula_units_Z              ? 
_cell.length_a                     80.550 
_cell.length_a_esd                 ? 
_cell.length_b                     80.550 
_cell.length_b_esd                 ? 
_cell.length_c                     36.280 
_cell.length_c_esd                 ? 
_cell.volume                       ? 
_cell.volume_esd                   ? 
_cell.Z_PDB                        8 
_cell.reciprocal_angle_alpha       ? 
_cell.reciprocal_angle_beta        ? 
_cell.reciprocal_angle_gamma       ? 
_cell.reciprocal_angle_alpha_esd   ? 
_cell.reciprocal_angle_beta_esd    ? 
_cell.reciprocal_angle_gamma_esd   ? 
_cell.reciprocal_length_a          ? 
_cell.reciprocal_length_b          ? 
_cell.reciprocal_length_c          ? 
_cell.reciprocal_length_a_esd      ? 
_cell.reciprocal_length_b_esd      ? 
_cell.reciprocal_length_c_esd      ? 
_cell.pdbx_unique_axis             ? 
_cell.pdbx_esd_method              ? 
# 
_symmetry.entry_id                         9EX0 
_symmetry.cell_setting                     ? 
_symmetry.Int_Tables_number                96 
_symmetry.space_group_name_Hall            ? 
_symmetry.space_group_name_H-M             'P 43 21 2' 
_symmetry.pdbx_full_space_group_name_H-M   ? 
# 
_exptl.absorpt_coefficient_mu     ? 
_exptl.absorpt_correction_T_max   ? 
_exptl.absorpt_correction_T_min   ? 
_exptl.absorpt_correction_type    ? 
_exptl.absorpt_process_details    ? 
_exptl.entry_id                   9EX0 
_exptl.crystals_number            1 
_exptl.details                    ? 
_exptl.method                     'X-RAY DIFFRACTION' 
_exptl.method_details             ? 
# 
_exptl_crystal.colour                       ? 
_exptl_crystal.density_diffrn               ? 
_exptl_crystal.density_Matthews             2.05 
_exptl_crystal.density_method               ? 
_exptl_crystal.density_percent_sol          40.09 
_exptl_crystal.description                  ? 
_exptl_crystal.F_000                        ? 
_exptl_crystal.id                           1 
_exptl_crystal.preparation                  ? 
_exptl_crystal.size_max                     ? 
_exptl_crystal.size_mid                     ? 
_exptl_crystal.size_min                     ? 
_exptl_crystal.size_rad                     ? 
_exptl_crystal.colour_lustre                ? 
_exptl_crystal.colour_modifier              ? 
_exptl_crystal.colour_primary               ? 
_exptl_crystal.density_meas                 ? 
_exptl_crystal.density_meas_esd             ? 
_exptl_crystal.density_meas_gt              ? 
_exptl_crystal.density_meas_lt              ? 
_exptl_crystal.density_meas_temp            ? 
_exptl_crystal.density_meas_temp_esd        ? 
_exptl_crystal.density_meas_temp_gt         ? 
_exptl_crystal.density_meas_temp_lt         ? 
_exptl_crystal.pdbx_crystal_image_url       ? 
_exptl_crystal.pdbx_crystal_image_format    ? 
_exptl_crystal.pdbx_mosaicity               ? 
_exptl_crystal.pdbx_mosaicity_esd           ? 
_exptl_crystal.pdbx_mosaic_method           ? 
_exptl_crystal.pdbx_mosaic_block_size       ? 
_exptl_crystal.pdbx_mosaic_block_size_esd   ? 
# 
_exptl_crystal_grow.apparatus       ? 
_exptl_crystal_grow.atmosphere      ? 
_exptl_crystal_grow.crystal_id      1 
_exptl_crystal_grow.details         ? 
_exptl_crystal_grow.method          'VAPOR DIFFUSION, HANGING DROP' 
_exptl_crystal_grow.method_ref      ? 
_exptl_crystal_grow.pH              4.0 
_exptl_crystal_grow.pressure        ? 
_exptl_crystal_grow.pressure_esd    ? 
_exptl_crystal_grow.seeding         ? 
_exptl_crystal_grow.seeding_ref     ? 
_exptl_crystal_grow.temp_details    ? 
_exptl_crystal_grow.temp_esd        ? 
_exptl_crystal_grow.time            ? 
_exptl_crystal_grow.pdbx_details    '1.1 M NaCl, 0.1 M sodium acetate at pH 4.0' 
_exptl_crystal_grow.pdbx_pH_range   ? 
_exptl_crystal_grow.temp            293 
# 
_diffrn.ambient_environment              ? 
_diffrn.ambient_temp                     100 
_diffrn.ambient_temp_details             ? 
_diffrn.ambient_temp_esd                 ? 
_diffrn.crystal_id                       1 
_diffrn.crystal_support                  ? 
_diffrn.crystal_treatment                ? 
_diffrn.details                          ? 
_diffrn.id                               1 
_diffrn.ambient_pressure                 ? 
_diffrn.ambient_pressure_esd             ? 
_diffrn.ambient_pressure_gt              ? 
_diffrn.ambient_pressure_lt              ? 
_diffrn.ambient_temp_gt                  ? 
_diffrn.ambient_temp_lt                  ? 
_diffrn.pdbx_serial_crystal_experiment   N 
# 
_diffrn_detector.details                      ? 
_diffrn_detector.detector                     PIXEL 
_diffrn_detector.diffrn_id                    1 
_diffrn_detector.type                         'DECTRIS PILATUS3 6M' 
_diffrn_detector.area_resol_mean              ? 
_diffrn_detector.dtime                        ? 
_diffrn_detector.pdbx_frames_total            ? 
_diffrn_detector.pdbx_collection_time_total   ? 
_diffrn_detector.pdbx_collection_date         2023-05-11 
_diffrn_detector.pdbx_frequency               ? 
_diffrn_detector.id                           ? 
_diffrn_detector.number_of_axes               ? 
# 
_diffrn_radiation.collimation                      ? 
_diffrn_radiation.diffrn_id                        1 
_diffrn_radiation.filter_edge                      ? 
_diffrn_radiation.inhomogeneity                    ? 
_diffrn_radiation.monochromator                    ? 
_diffrn_radiation.polarisn_norm                    ? 
_diffrn_radiation.polarisn_ratio                   ? 
_diffrn_radiation.probe                            ? 
_diffrn_radiation.type                             ? 
_diffrn_radiation.xray_symbol                      ? 
_diffrn_radiation.wavelength_id                    1 
_diffrn_radiation.pdbx_monochromatic_or_laue_m_l   M 
_diffrn_radiation.pdbx_wavelength_list             ? 
_diffrn_radiation.pdbx_wavelength                  ? 
_diffrn_radiation.pdbx_diffrn_protocol             'SINGLE WAVELENGTH' 
_diffrn_radiation.pdbx_analyzer                    ? 
_diffrn_radiation.pdbx_scattering_type             x-ray 
# 
_diffrn_radiation_wavelength.id           1 
_diffrn_radiation_wavelength.wavelength   1.00 
_diffrn_radiation_wavelength.wt           1.0 
# 
_diffrn_source.current                     ? 
_diffrn_source.details                     ? 
_diffrn_source.diffrn_id                   1 
_diffrn_source.power                       ? 
_diffrn_source.size                        ? 
_diffrn_source.source                      SYNCHROTRON 
_diffrn_source.target                      ? 
_diffrn_source.type                        'ELETTRA BEAMLINE 11.2C' 
_diffrn_source.voltage                     ? 
_diffrn_source.take-off_angle              ? 
_diffrn_source.pdbx_wavelength_list        1.00 
_diffrn_source.pdbx_wavelength             ? 
_diffrn_source.pdbx_synchrotron_beamline   11.2C 
_diffrn_source.pdbx_synchrotron_site       ELETTRA 
# 
_reflns.B_iso_Wilson_estimate                          ? 
_reflns.entry_id                                       9EX0 
_reflns.data_reduction_details                         ? 
_reflns.data_reduction_method                          ? 
_reflns.d_resolution_high                              1.45 
_reflns.d_resolution_low                               56.96 
_reflns.details                                        ? 
_reflns.limit_h_max                                    ? 
_reflns.limit_h_min                                    ? 
_reflns.limit_k_max                                    ? 
_reflns.limit_k_min                                    ? 
_reflns.limit_l_max                                    ? 
_reflns.limit_l_min                                    ? 
_reflns.number_all                                     ? 
_reflns.number_obs                                     21715 
_reflns.observed_criterion                             ? 
_reflns.observed_criterion_F_max                       ? 
_reflns.observed_criterion_F_min                       ? 
_reflns.observed_criterion_I_max                       ? 
_reflns.observed_criterion_I_min                       ? 
_reflns.observed_criterion_sigma_F                     ? 
_reflns.observed_criterion_sigma_I                     ? 
_reflns.percent_possible_obs                           99.8 
_reflns.R_free_details                                 ? 
_reflns.Rmerge_F_all                                   ? 
_reflns.Rmerge_F_obs                                   ? 
_reflns.Friedel_coverage                               ? 
_reflns.number_gt                                      ? 
_reflns.threshold_expression                           ? 
_reflns.pdbx_redundancy                                14.2 
_reflns.pdbx_netI_over_av_sigmaI                       ? 
_reflns.pdbx_netI_over_sigmaI                          16.8 
_reflns.pdbx_res_netI_over_av_sigmaI_2                 ? 
_reflns.pdbx_res_netI_over_sigmaI_2                    ? 
_reflns.pdbx_chi_squared                               ? 
_reflns.pdbx_scaling_rejects                           ? 
_reflns.pdbx_d_res_high_opt                            ? 
_reflns.pdbx_d_res_low_opt                             ? 
_reflns.pdbx_d_res_opt_method                          ? 
_reflns.phase_calculation_details                      ? 
_reflns.pdbx_Rrim_I_all                                0.088 
_reflns.pdbx_Rpim_I_all                                0.024 
_reflns.pdbx_d_opt                                     ? 
_reflns.pdbx_number_measured_all                       ? 
_reflns.pdbx_diffrn_id                                 1 
_reflns.pdbx_ordinal                                   1 
_reflns.pdbx_CC_half                                   0.999 
_reflns.pdbx_CC_star                                   ? 
_reflns.pdbx_R_split                                   ? 
_reflns.pdbx_Rmerge_I_obs                              0.085 
_reflns.pdbx_Rmerge_I_all                              ? 
_reflns.pdbx_Rsym_value                                ? 
_reflns.pdbx_CC_split_method                           ? 
_reflns.pdbx_aniso_diffraction_limit_axis_1_ortho[1]   ? 
_reflns.pdbx_aniso_diffraction_limit_axis_1_ortho[2]   ? 
_reflns.pdbx_aniso_diffraction_limit_axis_1_ortho[3]   ? 
_reflns.pdbx_aniso_diffraction_limit_axis_2_ortho[1]   ? 
_reflns.pdbx_aniso_diffraction_limit_axis_2_ortho[2]   ? 
_reflns.pdbx_aniso_diffraction_limit_axis_2_ortho[3]   ? 
_reflns.pdbx_aniso_diffraction_limit_axis_3_ortho[1]   ? 
_reflns.pdbx_aniso_diffraction_limit_axis_3_ortho[2]   ? 
_reflns.pdbx_aniso_diffraction_limit_axis_3_ortho[3]   ? 
_reflns.pdbx_aniso_diffraction_limit_1                 ? 
_reflns.pdbx_aniso_diffraction_limit_2                 ? 
_reflns.pdbx_aniso_diffraction_limit_3                 ? 
_reflns.pdbx_aniso_B_tensor_eigenvector_1_ortho[1]     ? 
_reflns.pdbx_aniso_B_tensor_eigenvector_1_ortho[2]     ? 
_reflns.pdbx_aniso_B_tensor_eigenvector_1_ortho[3]     ? 
_reflns.pdbx_aniso_B_tensor_eigenvector_2_ortho[1]     ? 
_reflns.pdbx_aniso_B_tensor_eigenvector_2_ortho[2]     ? 
_reflns.pdbx_aniso_B_tensor_eigenvector_2_ortho[3]     ? 
_reflns.pdbx_aniso_B_tensor_eigenvector_3_ortho[1]     ? 
_reflns.pdbx_aniso_B_tensor_eigenvector_3_ortho[2]     ? 
_reflns.pdbx_aniso_B_tensor_eigenvector_3_ortho[3]     ? 
_reflns.pdbx_aniso_B_tensor_eigenvalue_1               ? 
_reflns.pdbx_aniso_B_tensor_eigenvalue_2               ? 
_reflns.pdbx_aniso_B_tensor_eigenvalue_3               ? 
_reflns.pdbx_orthogonalization_convention              ? 
_reflns.pdbx_percent_possible_ellipsoidal              ? 
_reflns.pdbx_percent_possible_spherical                ? 
_reflns.pdbx_percent_possible_ellipsoidal_anomalous    ? 
_reflns.pdbx_percent_possible_spherical_anomalous      ? 
_reflns.pdbx_redundancy_anomalous                      ? 
_reflns.pdbx_CC_half_anomalous                         ? 
_reflns.pdbx_absDiff_over_sigma_anomalous              ? 
_reflns.pdbx_percent_possible_anomalous                ? 
_reflns.pdbx_observed_signal_threshold                 ? 
_reflns.pdbx_signal_type                               ? 
_reflns.pdbx_signal_details                            ? 
_reflns.pdbx_signal_software_id                        ? 
# 
_reflns_shell.d_res_high                                    1.45 
_reflns_shell.d_res_low                                     1.47 
_reflns_shell.meanI_over_sigI_all                           ? 
_reflns_shell.meanI_over_sigI_obs                           ? 
_reflns_shell.number_measured_all                           ? 
_reflns_shell.number_measured_obs                           ? 
_reflns_shell.number_possible                               ? 
_reflns_shell.number_unique_all                             ? 
_reflns_shell.number_unique_obs                             1046 
_reflns_shell.percent_possible_obs                          ? 
_reflns_shell.Rmerge_F_all                                  ? 
_reflns_shell.Rmerge_F_obs                                  ? 
_reflns_shell.meanI_over_sigI_gt                            ? 
_reflns_shell.meanI_over_uI_all                             ? 
_reflns_shell.meanI_over_uI_gt                              ? 
_reflns_shell.number_measured_gt                            ? 
_reflns_shell.number_unique_gt                              ? 
_reflns_shell.percent_possible_gt                           ? 
_reflns_shell.Rmerge_F_gt                                   ? 
_reflns_shell.Rmerge_I_gt                                   ? 
_reflns_shell.pdbx_redundancy                               14.8 
_reflns_shell.pdbx_chi_squared                              ? 
_reflns_shell.pdbx_netI_over_sigmaI_all                     ? 
_reflns_shell.pdbx_netI_over_sigmaI_obs                     ? 
_reflns_shell.pdbx_Rrim_I_all                               1.241 
_reflns_shell.pdbx_Rpim_I_all                               0.318 
_reflns_shell.pdbx_rejects                                  ? 
_reflns_shell.pdbx_ordinal                                  1 
_reflns_shell.pdbx_diffrn_id                                1 
_reflns_shell.pdbx_CC_half                                  0.831 
_reflns_shell.pdbx_CC_star                                  ? 
_reflns_shell.pdbx_R_split                                  ? 
_reflns_shell.percent_possible_all                          100.0 
_reflns_shell.Rmerge_I_all                                  ? 
_reflns_shell.Rmerge_I_obs                                  1.199 
_reflns_shell.pdbx_Rsym_value                               ? 
_reflns_shell.pdbx_percent_possible_ellipsoidal             ? 
_reflns_shell.pdbx_percent_possible_spherical               ? 
_reflns_shell.pdbx_percent_possible_ellipsoidal_anomalous   ? 
_reflns_shell.pdbx_percent_possible_spherical_anomalous     ? 
_reflns_shell.pdbx_redundancy_anomalous                     ? 
_reflns_shell.pdbx_CC_half_anomalous                        ? 
_reflns_shell.pdbx_absDiff_over_sigma_anomalous             ? 
_reflns_shell.pdbx_percent_possible_anomalous               ? 
# 
_refine.aniso_B[1][1]                            -0.068 
_refine.aniso_B[1][2]                            0.000 
_refine.aniso_B[1][3]                            -0.000 
_refine.aniso_B[2][2]                            -0.068 
_refine.aniso_B[2][3]                            0.000 
_refine.aniso_B[3][3]                            0.137 
_refine.B_iso_max                                ? 
_refine.B_iso_mean                               16.855 
_refine.B_iso_min                                ? 
_refine.correlation_coeff_Fo_to_Fc               0.953 
_refine.correlation_coeff_Fo_to_Fc_free          0.944 
_refine.details                                  'Hydrogens have been added in their riding positions' 
_refine.diff_density_max                         ? 
_refine.diff_density_max_esd                     ? 
_refine.diff_density_min                         ? 
_refine.diff_density_min_esd                     ? 
_refine.diff_density_rms                         ? 
_refine.diff_density_rms_esd                     ? 
_refine.entry_id                                 9EX0 
_refine.pdbx_refine_id                           'X-RAY DIFFRACTION' 
_refine.ls_abs_structure_details                 ? 
_refine.ls_abs_structure_Flack                   ? 
_refine.ls_abs_structure_Flack_esd               ? 
_refine.ls_abs_structure_Rogers                  ? 
_refine.ls_abs_structure_Rogers_esd              ? 
_refine.ls_d_res_high                            1.450 
_refine.ls_d_res_low                             56.957 
_refine.ls_extinction_coef                       ? 
_refine.ls_extinction_coef_esd                   ? 
_refine.ls_extinction_expression                 ? 
_refine.ls_extinction_method                     ? 
_refine.ls_goodness_of_fit_all                   ? 
_refine.ls_goodness_of_fit_all_esd               ? 
_refine.ls_goodness_of_fit_obs                   ? 
_refine.ls_goodness_of_fit_obs_esd               ? 
_refine.ls_hydrogen_treatment                    ? 
_refine.ls_matrix_type                           ? 
_refine.ls_number_constraints                    ? 
_refine.ls_number_parameters                     ? 
_refine.ls_number_reflns_all                     ? 
_refine.ls_number_reflns_obs                     21093 
_refine.ls_number_reflns_R_free                  1057 
_refine.ls_number_reflns_R_work                  20036 
_refine.ls_number_restraints                     ? 
_refine.ls_percent_reflns_obs                    97.042 
_refine.ls_percent_reflns_R_free                 5.011 
_refine.ls_R_factor_all                          0.197 
_refine.ls_R_factor_obs                          ? 
_refine.ls_R_factor_R_free                       0.2189 
_refine.ls_R_factor_R_free_error                 ? 
_refine.ls_R_factor_R_free_error_details         ? 
_refine.ls_R_factor_R_work                       0.1956 
_refine.ls_R_Fsqd_factor_obs                     ? 
_refine.ls_R_I_factor_obs                        ? 
_refine.ls_redundancy_reflns_all                 ? 
_refine.ls_redundancy_reflns_obs                 ? 
_refine.ls_restrained_S_all                      ? 
_refine.ls_restrained_S_obs                      ? 
_refine.ls_shift_over_esd_max                    ? 
_refine.ls_shift_over_esd_mean                   ? 
_refine.ls_structure_factor_coef                 ? 
_refine.ls_weighting_details                     ? 
_refine.ls_weighting_scheme                      ? 
_refine.ls_wR_factor_all                         ? 
_refine.ls_wR_factor_obs                         ? 
_refine.ls_wR_factor_R_free                      ? 
_refine.ls_wR_factor_R_work                      ? 
_refine.occupancy_max                            ? 
_refine.occupancy_min                            ? 
_refine.solvent_model_details                    'MASK BULK SOLVENT' 
_refine.solvent_model_param_bsol                 ? 
_refine.solvent_model_param_ksol                 ? 
_refine.pdbx_R_complete                          ? 
_refine.ls_R_factor_gt                           ? 
_refine.ls_goodness_of_fit_gt                    ? 
_refine.ls_goodness_of_fit_ref                   ? 
_refine.ls_shift_over_su_max                     ? 
_refine.ls_shift_over_su_max_lt                  ? 
_refine.ls_shift_over_su_mean                    ? 
_refine.ls_shift_over_su_mean_lt                 ? 
_refine.pdbx_ls_sigma_I                          ? 
_refine.pdbx_ls_sigma_F                          ? 
_refine.pdbx_ls_sigma_Fsqd                       ? 
_refine.pdbx_data_cutoff_high_absF               ? 
_refine.pdbx_data_cutoff_high_rms_absF           ? 
_refine.pdbx_data_cutoff_low_absF                ? 
_refine.pdbx_isotropic_thermal_model             ? 
_refine.pdbx_ls_cross_valid_method               'FREE R-VALUE' 
_refine.pdbx_method_to_determine_struct          'MOLECULAR REPLACEMENT' 
_refine.pdbx_starting_model                      ? 
_refine.pdbx_stereochemistry_target_values       ? 
_refine.pdbx_R_Free_selection_details            ? 
_refine.pdbx_stereochem_target_val_spec_case     ? 
_refine.pdbx_overall_ESU_R                       0.082 
_refine.pdbx_overall_ESU_R_Free                  0.080 
_refine.pdbx_solvent_vdw_probe_radii             1.200 
_refine.pdbx_solvent_ion_probe_radii             0.800 
_refine.pdbx_solvent_shrinkage_radii             0.800 
_refine.pdbx_real_space_R                        ? 
_refine.pdbx_density_correlation                 ? 
_refine.pdbx_pd_number_of_powder_patterns        ? 
_refine.pdbx_pd_number_of_points                 ? 
_refine.pdbx_pd_meas_number_of_points            ? 
_refine.pdbx_pd_proc_ls_prof_R_factor            ? 
_refine.pdbx_pd_proc_ls_prof_wR_factor           ? 
_refine.pdbx_pd_Marquardt_correlation_coeff      ? 
_refine.pdbx_pd_Fsqrd_R_factor                   ? 
_refine.pdbx_pd_ls_matrix_band_width             ? 
_refine.pdbx_overall_phase_error                 ? 
_refine.pdbx_overall_SU_R_free_Cruickshank_DPI   ? 
_refine.pdbx_overall_SU_R_free_Blow_DPI          ? 
_refine.pdbx_overall_SU_R_Blow_DPI               ? 
_refine.pdbx_TLS_residual_ADP_flag               ? 
_refine.pdbx_diffrn_id                           1 
_refine.overall_SU_B                             1.491 
_refine.overall_SU_ML                            0.056 
_refine.overall_SU_R_Cruickshank_DPI             ? 
_refine.overall_SU_R_free                        ? 
_refine.overall_FOM_free_R_set                   ? 
_refine.overall_FOM_work_R_set                   ? 
_refine.pdbx_average_fsc_overall                 ? 
_refine.pdbx_average_fsc_work                    ? 
_refine.pdbx_average_fsc_free                    ? 
# 
_refine_hist.pdbx_refine_id                   'X-RAY DIFFRACTION' 
_refine_hist.cycle_id                         LAST 
_refine_hist.pdbx_number_atoms_protein        1001 
_refine_hist.pdbx_number_atoms_nucleic_acid   0 
_refine_hist.pdbx_number_atoms_ligand         45 
_refine_hist.number_atoms_solvent             131 
_refine_hist.number_atoms_total               1177 
_refine_hist.d_res_high                       1.450 
_refine_hist.d_res_low                        56.957 
# 
loop_
_refine_ls_restr.pdbx_refine_id 
_refine_ls_restr.criterion 
_refine_ls_restr.dev_ideal 
_refine_ls_restr.dev_ideal_target 
_refine_ls_restr.number 
_refine_ls_restr.rejects 
_refine_ls_restr.type 
_refine_ls_restr.weight 
_refine_ls_restr.pdbx_restraint_function 
'X-RAY DIFFRACTION' ? 0.012  0.011  1088 ? r_bond_refined_d               ? ? 
'X-RAY DIFFRACTION' ? 0.001  0.016  902  ? r_bond_other_d                 ? ? 
'X-RAY DIFFRACTION' ? 1.691  1.573  1486 ? r_angle_refined_deg            ? ? 
'X-RAY DIFFRACTION' ? 0.585  1.564  2105 ? r_angle_other_deg              ? ? 
'X-RAY DIFFRACTION' ? 6.955  5.000  130  ? r_dihedral_angle_1_deg         ? ? 
'X-RAY DIFFRACTION' ? 11.978 5.000  11   ? r_dihedral_angle_2_deg         ? ? 
'X-RAY DIFFRACTION' ? 15.647 10.000 173  ? r_dihedral_angle_3_deg         ? ? 
'X-RAY DIFFRACTION' ? 16.863 10.000 52   ? r_dihedral_angle_6_deg         ? ? 
'X-RAY DIFFRACTION' ? 0.086  0.200  148  ? r_chiral_restr                 ? ? 
'X-RAY DIFFRACTION' ? 0.009  0.020  1238 ? r_gen_planes_refined           ? ? 
'X-RAY DIFFRACTION' ? 0.001  0.020  226  ? r_gen_planes_other             ? ? 
'X-RAY DIFFRACTION' ? 0.259  0.200  286  ? r_nbd_refined                  ? ? 
'X-RAY DIFFRACTION' ? 0.202  0.200  893  ? r_symmetry_nbd_other           ? ? 
'X-RAY DIFFRACTION' ? 0.183  0.200  527  ? r_nbtor_refined                ? ? 
'X-RAY DIFFRACTION' ? 0.081  0.200  520  ? r_symmetry_nbtor_other         ? ? 
'X-RAY DIFFRACTION' ? 0.375  0.200  64   ? r_xyhbond_nbd_refined          ? ? 
'X-RAY DIFFRACTION' ? 0.040  0.200  3    ? r_metal_ion_refined            ? ? 
'X-RAY DIFFRACTION' ? 0.309  0.200  16   ? r_symmetry_nbd_refined         ? ? 
'X-RAY DIFFRACTION' ? 0.086  0.200  26   ? r_nbd_other                    ? ? 
'X-RAY DIFFRACTION' ? 0.155  0.200  22   ? r_symmetry_xyhbond_nbd_refined ? ? 
'X-RAY DIFFRACTION' ? 0.064  0.200  6    ? r_symmetry_metal_ion_refined   ? ? 
'X-RAY DIFFRACTION' ? 1.558  1.668  520  ? r_mcbond_it                    ? ? 
'X-RAY DIFFRACTION' ? 1.496  1.666  520  ? r_mcbond_other                 ? ? 
'X-RAY DIFFRACTION' ? 2.330  2.492  650  ? r_mcangle_it                   ? ? 
'X-RAY DIFFRACTION' ? 2.334  2.501  651  ? r_mcangle_other                ? ? 
'X-RAY DIFFRACTION' ? 2.733  2.052  568  ? r_scbond_it                    ? ? 
'X-RAY DIFFRACTION' ? 2.644  2.031  522  ? r_scbond_other                 ? ? 
'X-RAY DIFFRACTION' ? 4.124  2.974  832  ? r_scangle_it                   ? ? 
'X-RAY DIFFRACTION' ? 4.137  2.919  761  ? r_scangle_other                ? ? 
'X-RAY DIFFRACTION' ? 6.031  27.211 1353 ? r_lrange_it                    ? ? 
'X-RAY DIFFRACTION' ? 6.034  23.952 1327 ? r_lrange_other                 ? ? 
# 
loop_
_refine_ls_shell.pdbx_refine_id 
_refine_ls_shell.d_res_high 
_refine_ls_shell.d_res_low 
_refine_ls_shell.number_reflns_all 
_refine_ls_shell.number_reflns_obs 
_refine_ls_shell.number_reflns_R_free 
_refine_ls_shell.number_reflns_R_work 
_refine_ls_shell.percent_reflns_obs 
_refine_ls_shell.percent_reflns_R_free 
_refine_ls_shell.R_factor_all 
_refine_ls_shell.R_factor_obs 
_refine_ls_shell.R_factor_R_free_error 
_refine_ls_shell.R_factor_R_work 
_refine_ls_shell.redundancy_reflns_all 
_refine_ls_shell.redundancy_reflns_obs 
_refine_ls_shell.wR_factor_all 
_refine_ls_shell.wR_factor_obs 
_refine_ls_shell.wR_factor_R_free 
_refine_ls_shell.wR_factor_R_work 
_refine_ls_shell.pdbx_R_complete 
_refine_ls_shell.pdbx_total_number_of_bins_used 
_refine_ls_shell.pdbx_phase_error 
_refine_ls_shell.pdbx_fsc_work 
_refine_ls_shell.pdbx_fsc_free 
_refine_ls_shell.R_factor_R_free 
'X-RAY DIFFRACTION' 1.450 1.488  . . 66 1163 78.5806  . . . . 0.258 . . . . . . . . . . . 0.301 
'X-RAY DIFFRACTION' 1.488 1.528  . . 59 1255 85.7702  . . . . 0.239 . . . . . . . . . . . 0.315 
'X-RAY DIFFRACTION' 1.528 1.573  . . 60 1411 97.8059  . . . . 0.238 . . . . . . . . . . . 0.275 
'X-RAY DIFFRACTION' 1.573 1.621  . . 64 1369 100.0000 . . . . 0.224 . . . . . . . . . . . 0.224 
'X-RAY DIFFRACTION' 1.621 1.674  . . 79 1338 100.0000 . . . . 0.218 . . . . . . . . . . . 0.270 
'X-RAY DIFFRACTION' 1.674 1.733  . . 68 1318 100.0000 . . . . 0.218 . . . . . . . . . . . 0.244 
'X-RAY DIFFRACTION' 1.733 1.798  . . 69 1234 100.0000 . . . . 0.213 . . . . . . . . . . . 0.229 
'X-RAY DIFFRACTION' 1.798 1.872  . . 67 1213 100.0000 . . . . 0.202 . . . . . . . . . . . 0.231 
'X-RAY DIFFRACTION' 1.872 1.955  . . 47 1136 97.2862  . . . . 0.216 . . . . . . . . . . . 0.265 
'X-RAY DIFFRACTION' 1.955 2.050  . . 44 1140 99.9156  . . . . 0.181 . . . . . . . . . . . 0.247 
'X-RAY DIFFRACTION' 2.050 2.161  . . 58 1062 100.0000 . . . . 0.181 . . . . . . . . . . . 0.212 
'X-RAY DIFFRACTION' 2.161 2.292  . . 63 984  98.4948  . . . . 0.205 . . . . . . . . . . . 0.233 
'X-RAY DIFFRACTION' 2.292 2.449  . . 51 953  100.0000 . . . . 0.178 . . . . . . . . . . . 0.231 
'X-RAY DIFFRACTION' 2.449 2.645  . . 55 881  100.0000 . . . . 0.167 . . . . . . . . . . . 0.167 
'X-RAY DIFFRACTION' 2.645 2.897  . . 39 832  100.0000 . . . . 0.179 . . . . . . . . . . . 0.188 
'X-RAY DIFFRACTION' 2.897 3.238  . . 42 757  100.0000 . . . . 0.170 . . . . . . . . . . . 0.195 
'X-RAY DIFFRACTION' 3.238 3.737  . . 42 667  100.0000 . . . . 0.177 . . . . . . . . . . . 0.180 
'X-RAY DIFFRACTION' 3.737 4.572  . . 37 574  100.0000 . . . . 0.159 . . . . . . . . . . . 0.120 
'X-RAY DIFFRACTION' 4.572 6.445  . . 33 457  100.0000 . . . . 0.208 . . . . . . . . . . . 0.265 
'X-RAY DIFFRACTION' 6.445 56.957 . . 14 283  97.6974  . . . . 0.280 . . . . . . . . . . . 0.384 
# 
_struct.entry_id                     9EX0 
_struct.title                        
;X-ray structure of a polyoxidovanadate/lysozyme adduct obtained when the protein is treated with [VIVO(acac)2] in 1.1 M NaCl, 0.1 M sodium acetate at pH 4.0 (Structure A)
;
_struct.pdbx_model_details           ? 
_struct.pdbx_formula_weight          ? 
_struct.pdbx_formula_weight_method   ? 
_struct.pdbx_model_type_details      ? 
_struct.pdbx_CASP_flag               N 
# 
_struct_keywords.entry_id        9EX0 
_struct_keywords.text            'lysozyme, vanadium, acetoacetonate, POV, cluster, mixed valence, HYDROLASE' 
_struct_keywords.pdbx_keywords   HYDROLASE 
# 
loop_
_struct_asym.id 
_struct_asym.pdbx_blank_PDB_chainid_flag 
_struct_asym.pdbx_modified 
_struct_asym.entity_id 
_struct_asym.details 
A N N 1 ? 
B N N 2 ? 
C N N 3 ? 
D N N 4 ? 
E N N 5 ? 
F N N 2 ? 
G N N 2 ? 
H N N 6 ? 
# 
_struct_ref.id                         1 
_struct_ref.db_name                    UNP 
_struct_ref.db_code                    LYSC_CHICK 
_struct_ref.pdbx_db_accession          P00698 
_struct_ref.pdbx_db_isoform            ? 
_struct_ref.entity_id                  1 
_struct_ref.pdbx_seq_one_letter_code   
;KVFGRCELAAAMKRHGLDNYRGYSLGNWVCAAKFESNFNTQATNRNTDGSTDYGILQINSRWWCNDGRTPGSRNLCNIPC
SALLSSDITASVNCAKKIVSDGNGMNAWVAWRNRCKGTDVQAWIRGCRL
;
_struct_ref.pdbx_align_begin           19 
# 
_struct_ref_seq.align_id                      1 
_struct_ref_seq.ref_id                        1 
_struct_ref_seq.pdbx_PDB_id_code              9EX0 
_struct_ref_seq.pdbx_strand_id                A 
_struct_ref_seq.seq_align_beg                 1 
_struct_ref_seq.pdbx_seq_align_beg_ins_code   ? 
_struct_ref_seq.seq_align_end                 129 
_struct_ref_seq.pdbx_seq_align_end_ins_code   ? 
_struct_ref_seq.pdbx_db_accession             P00698 
_struct_ref_seq.db_align_beg                  19 
_struct_ref_seq.pdbx_db_align_beg_ins_code    ? 
_struct_ref_seq.db_align_end                  147 
_struct_ref_seq.pdbx_db_align_end_ins_code    ? 
_struct_ref_seq.pdbx_auth_seq_align_beg       1 
_struct_ref_seq.pdbx_auth_seq_align_end       129 
# 
_pdbx_struct_assembly.id                   1 
_pdbx_struct_assembly.details              author_defined_assembly 
_pdbx_struct_assembly.method_details       ? 
_pdbx_struct_assembly.oligomeric_details   dimeric 
_pdbx_struct_assembly.oligomeric_count     2 
# 
loop_
_pdbx_struct_assembly_gen.assembly_id 
_pdbx_struct_assembly_gen.oper_expression 
_pdbx_struct_assembly_gen.asym_id_list 
1 1 A,B,C,D,E,F,G,H 
1 2 A,B,C,D,E,F,G,H 
# 
_pdbx_struct_assembly_auth_evidence.id                     1 
_pdbx_struct_assembly_auth_evidence.assembly_id            1 
_pdbx_struct_assembly_auth_evidence.experimental_support   none 
_pdbx_struct_assembly_auth_evidence.details                ? 
# 
loop_
_pdbx_struct_oper_list.id 
_pdbx_struct_oper_list.type 
_pdbx_struct_oper_list.name 
_pdbx_struct_oper_list.symmetry_operation 
_pdbx_struct_oper_list.matrix[1][1] 
_pdbx_struct_oper_list.matrix[1][2] 
_pdbx_struct_oper_list.matrix[1][3] 
_pdbx_struct_oper_list.vector[1] 
_pdbx_struct_oper_list.matrix[2][1] 
_pdbx_struct_oper_list.matrix[2][2] 
_pdbx_struct_oper_list.matrix[2][3] 
_pdbx_struct_oper_list.vector[2] 
_pdbx_struct_oper_list.matrix[3][1] 
_pdbx_struct_oper_list.matrix[3][2] 
_pdbx_struct_oper_list.matrix[3][3] 
_pdbx_struct_oper_list.vector[3] 
1 'identity operation'         1_555 x,y,z        1.0000000000  0.0000000000 0.0000000000  0.0000000000  0.0000000000 1.0000000000  0.0000000000  0.0000000000  0.0000000000  0.0000000000  1.0000000000 0.0000000000 
2 'crystal symmetry operation' 8_554 -y,-x,-z-1/2 -0.9268761940 0.0747089188 -0.3678574430 24.5841763384 0.0747089188 -0.9236716077 -0.3758315295 22.9583899064 -0.3678574430 -0.3758315295 0.8505478017 9.5495825739 
# 
loop_
_struct_conf.conf_type_id 
_struct_conf.id 
_struct_conf.pdbx_PDB_helix_id 
_struct_conf.beg_label_comp_id 
_struct_conf.beg_label_asym_id 
_struct_conf.beg_label_seq_id 
_struct_conf.pdbx_beg_PDB_ins_code 
_struct_conf.end_label_comp_id 
_struct_conf.end_label_asym_id 
_struct_conf.end_label_seq_id 
_struct_conf.pdbx_end_PDB_ins_code 
_struct_conf.beg_auth_comp_id 
_struct_conf.beg_auth_asym_id 
_struct_conf.beg_auth_seq_id 
_struct_conf.end_auth_comp_id 
_struct_conf.end_auth_asym_id 
_struct_conf.end_auth_seq_id 
_struct_conf.pdbx_PDB_helix_class 
_struct_conf.details 
_struct_conf.pdbx_PDB_helix_length 
HELX_P HELX_P1 AA1 GLY A 4   ? HIS A 15  ? GLY A 4   HIS A 15  1 ? 12 
HELX_P HELX_P2 AA2 ASN A 19  ? TYR A 23  ? ASN A 19  TYR A 23  5 ? 5  
HELX_P HELX_P3 AA3 SER A 24  ? ASN A 37  ? SER A 24  ASN A 37  1 ? 14 
HELX_P HELX_P4 AA4 PRO A 79  ? SER A 85  ? PRO A 79  SER A 85  5 ? 7  
HELX_P HELX_P5 AA5 ILE A 88  ? SER A 100 ? ILE A 88  SER A 100 1 ? 13 
HELX_P HELX_P6 AA6 ASN A 103 ? ALA A 107 ? ASN A 103 ALA A 107 5 ? 5  
HELX_P HELX_P7 AA7 TRP A 108 ? CYS A 115 ? TRP A 108 CYS A 115 1 ? 8  
HELX_P HELX_P8 AA8 ASP A 119 ? ARG A 125 ? ASP A 119 ARG A 125 5 ? 7  
# 
_struct_conf_type.id          HELX_P 
_struct_conf_type.criteria    ? 
_struct_conf_type.reference   ? 
# 
loop_
_struct_conn.id 
_struct_conn.conn_type_id 
_struct_conn.pdbx_leaving_atom_flag 
_struct_conn.pdbx_PDB_id 
_struct_conn.ptnr1_label_asym_id 
_struct_conn.ptnr1_label_comp_id 
_struct_conn.ptnr1_label_seq_id 
_struct_conn.ptnr1_label_atom_id 
_struct_conn.pdbx_ptnr1_label_alt_id 
_struct_conn.pdbx_ptnr1_PDB_ins_code 
_struct_conn.pdbx_ptnr1_standard_comp_id 
_struct_conn.ptnr1_symmetry 
_struct_conn.ptnr2_label_asym_id 
_struct_conn.ptnr2_label_comp_id 
_struct_conn.ptnr2_label_seq_id 
_struct_conn.ptnr2_label_atom_id 
_struct_conn.pdbx_ptnr2_label_alt_id 
_struct_conn.pdbx_ptnr2_PDB_ins_code 
_struct_conn.ptnr1_auth_asym_id 
_struct_conn.ptnr1_auth_comp_id 
_struct_conn.ptnr1_auth_seq_id 
_struct_conn.ptnr2_auth_asym_id 
_struct_conn.ptnr2_auth_comp_id 
_struct_conn.ptnr2_auth_seq_id 
_struct_conn.ptnr2_symmetry 
_struct_conn.pdbx_ptnr3_label_atom_id 
_struct_conn.pdbx_ptnr3_label_seq_id 
_struct_conn.pdbx_ptnr3_label_comp_id 
_struct_conn.pdbx_ptnr3_label_asym_id 
_struct_conn.pdbx_ptnr3_label_alt_id 
_struct_conn.pdbx_ptnr3_PDB_ins_code 
_struct_conn.details 
_struct_conn.pdbx_dist_value 
_struct_conn.pdbx_value_order 
_struct_conn.pdbx_role 
disulf1 disulf ? ? A CYS 6  SG  ? ? ? 1_555 A CYS   127 SG  ? ? A CYS 6   A CYS   127 1_555 ? ? ? ? ? ? ? 2.059 ? ? 
disulf2 disulf ? ? A CYS 30 SG  ? ? ? 1_555 A CYS   115 SG  ? ? A CYS 30  A CYS   115 1_555 ? ? ? ? ? ? ? 2.062 ? ? 
disulf3 disulf ? ? A CYS 64 SG  ? ? ? 1_555 A CYS   80  SG  ? ? A CYS 64  A CYS   80  1_555 ? ? ? ? ? ? ? 2.056 ? ? 
disulf4 disulf ? ? A CYS 76 SG  ? ? ? 1_555 A CYS   94  SG  ? ? A CYS 76  A CYS   94  1_555 ? ? ? ? ? ? ? 2.041 ? ? 
metalc1 metalc ? ? A ASN 46 OD1 ? ? ? 1_555 E VO4   .   V   ? ? A ASN 46  A VO4   204 1_555 ? ? ? ? ? ? ? 2.200 ? ? 
metalc2 metalc ? ? A ASP 52 OD2 ? ? ? 1_555 E VO4   .   V   ? ? A ASP 52  A VO4   204 1_555 ? ? ? ? ? ? ? 1.992 ? ? 
metalc3 metalc ? ? A SER 60 O   ? ? ? 1_555 C NA    .   NA  ? ? A SER 60  A NA    202 1_555 ? ? ? ? ? ? ? 2.358 ? ? 
metalc4 metalc ? ? A CYS 64 O   ? ? ? 1_555 C NA    .   NA  ? ? A CYS 64  A NA    202 1_555 ? ? ? ? ? ? ? 2.393 ? ? 
metalc5 metalc ? ? A SER 72 OG  ? ? ? 1_555 C NA    .   NA  ? ? A SER 72  A NA    202 1_555 ? ? ? ? ? ? ? 2.468 ? ? 
metalc6 metalc ? ? A ARG 73 O   ? ? ? 1_555 C NA    .   NA  ? ? A ARG 73  A NA    202 1_555 ? ? ? ? ? ? ? 2.534 ? ? 
metalc7 metalc ? ? A ASP 87 OD2 ? ? ? 1_555 D A1ICR .   V10 ? ? A ASP 87  A A1ICR 203 1_555 ? ? ? ? ? ? ? 2.002 ? ? 
metalc8 metalc ? ? C NA  .  NA  ? ? ? 1_555 H HOH   .   O   ? ? A NA  202 A HOH   345 1_555 ? ? ? ? ? ? ? 2.532 ? ? 
metalc9 metalc ? ? C NA  .  NA  ? ? ? 1_555 H HOH   .   O   ? ? A NA  202 A HOH   376 1_555 ? ? ? ? ? ? ? 2.367 ? ? 
# 
loop_
_struct_conn_type.id 
_struct_conn_type.criteria 
_struct_conn_type.reference 
disulf ? ? 
metalc ? ? 
# 
loop_
_pdbx_struct_conn_angle.id 
_pdbx_struct_conn_angle.ptnr1_label_atom_id 
_pdbx_struct_conn_angle.ptnr1_label_alt_id 
_pdbx_struct_conn_angle.ptnr1_label_asym_id 
_pdbx_struct_conn_angle.ptnr1_label_comp_id 
_pdbx_struct_conn_angle.ptnr1_label_seq_id 
_pdbx_struct_conn_angle.ptnr1_auth_atom_id 
_pdbx_struct_conn_angle.ptnr1_auth_asym_id 
_pdbx_struct_conn_angle.ptnr1_auth_comp_id 
_pdbx_struct_conn_angle.ptnr1_auth_seq_id 
_pdbx_struct_conn_angle.ptnr1_PDB_ins_code 
_pdbx_struct_conn_angle.ptnr1_symmetry 
_pdbx_struct_conn_angle.ptnr2_label_atom_id 
_pdbx_struct_conn_angle.ptnr2_label_alt_id 
_pdbx_struct_conn_angle.ptnr2_label_asym_id 
_pdbx_struct_conn_angle.ptnr2_label_comp_id 
_pdbx_struct_conn_angle.ptnr2_label_seq_id 
_pdbx_struct_conn_angle.ptnr2_auth_atom_id 
_pdbx_struct_conn_angle.ptnr2_auth_asym_id 
_pdbx_struct_conn_angle.ptnr2_auth_comp_id 
_pdbx_struct_conn_angle.ptnr2_auth_seq_id 
_pdbx_struct_conn_angle.ptnr2_PDB_ins_code 
_pdbx_struct_conn_angle.ptnr2_symmetry 
_pdbx_struct_conn_angle.ptnr3_label_atom_id 
_pdbx_struct_conn_angle.ptnr3_label_alt_id 
_pdbx_struct_conn_angle.ptnr3_label_asym_id 
_pdbx_struct_conn_angle.ptnr3_label_comp_id 
_pdbx_struct_conn_angle.ptnr3_label_seq_id 
_pdbx_struct_conn_angle.ptnr3_auth_atom_id 
_pdbx_struct_conn_angle.ptnr3_auth_asym_id 
_pdbx_struct_conn_angle.ptnr3_auth_comp_id 
_pdbx_struct_conn_angle.ptnr3_auth_seq_id 
_pdbx_struct_conn_angle.ptnr3_PDB_ins_code 
_pdbx_struct_conn_angle.ptnr3_symmetry 
_pdbx_struct_conn_angle.value 
_pdbx_struct_conn_angle.value_esd 
1  OD1 ? A ASN   46 ? A ASN   46  ? 1_555 V   ? E VO4   . ? A VO4   204 ? 1_555 O1  ? E VO4   .  ? A VO4   204 ? 1_555 84.6  ? 
2  OD1 ? A ASN   46 ? A ASN   46  ? 1_555 V   ? E VO4   . ? A VO4   204 ? 1_555 O2  ? E VO4   .  ? A VO4   204 ? 1_555 88.6  ? 
3  O1  ? E VO4   .  ? A VO4   204 ? 1_555 V   ? E VO4   . ? A VO4   204 ? 1_555 O2  ? E VO4   .  ? A VO4   204 ? 1_555 90.4  ? 
4  OD1 ? A ASN   46 ? A ASN   46  ? 1_555 V   ? E VO4   . ? A VO4   204 ? 1_555 O3  ? E VO4   .  ? A VO4   204 ? 1_555 94.1  ? 
5  O1  ? E VO4   .  ? A VO4   204 ? 1_555 V   ? E VO4   . ? A VO4   204 ? 1_555 O3  ? E VO4   .  ? A VO4   204 ? 1_555 177.3 ? 
6  O2  ? E VO4   .  ? A VO4   204 ? 1_555 V   ? E VO4   . ? A VO4   204 ? 1_555 O3  ? E VO4   .  ? A VO4   204 ? 1_555 91.9  ? 
7  OD1 ? A ASN   46 ? A ASN   46  ? 1_555 V   ? E VO4   . ? A VO4   204 ? 1_555 O4  ? E VO4   .  ? A VO4   204 ? 1_555 175.3 ? 
8  O1  ? E VO4   .  ? A VO4   204 ? 1_555 V   ? E VO4   . ? A VO4   204 ? 1_555 O4  ? E VO4   .  ? A VO4   204 ? 1_555 90.8  ? 
9  O2  ? E VO4   .  ? A VO4   204 ? 1_555 V   ? E VO4   . ? A VO4   204 ? 1_555 O4  ? E VO4   .  ? A VO4   204 ? 1_555 90.6  ? 
10 O3  ? E VO4   .  ? A VO4   204 ? 1_555 V   ? E VO4   . ? A VO4   204 ? 1_555 O4  ? E VO4   .  ? A VO4   204 ? 1_555 90.6  ? 
11 OD1 ? A ASN   46 ? A ASN   46  ? 1_555 V   ? E VO4   . ? A VO4   204 ? 1_555 OD2 ? A ASP   52 ? A ASP   52  ? 1_555 99.6  ? 
12 O1  ? E VO4   .  ? A VO4   204 ? 1_555 V   ? E VO4   . ? A VO4   204 ? 1_555 OD2 ? A ASP   52 ? A ASP   52  ? 1_555 83.6  ? 
13 O2  ? E VO4   .  ? A VO4   204 ? 1_555 V   ? E VO4   . ? A VO4   204 ? 1_555 OD2 ? A ASP   52 ? A ASP   52  ? 1_555 169.3 ? 
14 O3  ? E VO4   .  ? A VO4   204 ? 1_555 V   ? E VO4   . ? A VO4   204 ? 1_555 OD2 ? A ASP   52 ? A ASP   52  ? 1_555 94.4  ? 
15 O4  ? E VO4   .  ? A VO4   204 ? 1_555 V   ? E VO4   . ? A VO4   204 ? 1_555 OD2 ? A ASP   52 ? A ASP   52  ? 1_555 80.6  ? 
16 O   ? A SER   60 ? A SER   60  ? 1_555 NA  ? C NA    . ? A NA    202 ? 1_555 O   ? A CYS   64 ? A CYS   64  ? 1_555 88.0  ? 
17 O   ? A SER   60 ? A SER   60  ? 1_555 NA  ? C NA    . ? A NA    202 ? 1_555 OG  ? A SER   72 ? A SER   72  ? 1_555 88.0  ? 
18 O   ? A CYS   64 ? A CYS   64  ? 1_555 NA  ? C NA    . ? A NA    202 ? 1_555 OG  ? A SER   72 ? A SER   72  ? 1_555 168.4 ? 
19 O   ? A SER   60 ? A SER   60  ? 1_555 NA  ? C NA    . ? A NA    202 ? 1_555 O   ? A ARG   73 ? A ARG   73  ? 1_555 93.0  ? 
20 O   ? A CYS   64 ? A CYS   64  ? 1_555 NA  ? C NA    . ? A NA    202 ? 1_555 O   ? A ARG   73 ? A ARG   73  ? 1_555 91.0  ? 
21 OG  ? A SER   72 ? A SER   72  ? 1_555 NA  ? C NA    . ? A NA    202 ? 1_555 O   ? A ARG   73 ? A ARG   73  ? 1_555 100.0 ? 
22 O   ? A SER   60 ? A SER   60  ? 1_555 NA  ? C NA    . ? A NA    202 ? 1_555 O   ? H HOH   .  ? A HOH   345 ? 1_555 97.8  ? 
23 O   ? A CYS   64 ? A CYS   64  ? 1_555 NA  ? C NA    . ? A NA    202 ? 1_555 O   ? H HOH   .  ? A HOH   345 ? 1_555 90.0  ? 
24 OG  ? A SER   72 ? A SER   72  ? 1_555 NA  ? C NA    . ? A NA    202 ? 1_555 O   ? H HOH   .  ? A HOH   345 ? 1_555 79.9  ? 
25 O   ? A ARG   73 ? A ARG   73  ? 1_555 NA  ? C NA    . ? A NA    202 ? 1_555 O   ? H HOH   .  ? A HOH   345 ? 1_555 169.2 ? 
26 O   ? A SER   60 ? A SER   60  ? 1_555 NA  ? C NA    . ? A NA    202 ? 1_555 O   ? H HOH   .  ? A HOH   376 ? 1_555 173.2 ? 
27 O   ? A CYS   64 ? A CYS   64  ? 1_555 NA  ? C NA    . ? A NA    202 ? 1_555 O   ? H HOH   .  ? A HOH   376 ? 1_555 96.4  ? 
28 OG  ? A SER   72 ? A SER   72  ? 1_555 NA  ? C NA    . ? A NA    202 ? 1_555 O   ? H HOH   .  ? A HOH   376 ? 1_555 86.8  ? 
29 O   ? A ARG   73 ? A ARG   73  ? 1_555 NA  ? C NA    . ? A NA    202 ? 1_555 O   ? H HOH   .  ? A HOH   376 ? 1_555 92.1  ? 
30 O   ? H HOH   .  ? A HOH   345 ? 1_555 NA  ? C NA    . ? A NA    202 ? 1_555 O   ? H HOH   .  ? A HOH   376 ? 1_555 77.1  ? 
31 OD2 ? A ASP   87 ? A ASP   87  ? 1_555 V10 ? D A1ICR . ? A A1ICR 203 ? 1_555 O6  ? D A1ICR .  ? A A1ICR 203 ? 1_555 76.3  ? 
32 OD2 ? A ASP   87 ? A ASP   87  ? 1_555 V10 ? D A1ICR . ? A A1ICR 203 ? 1_555 O29 ? D A1ICR .  ? A A1ICR 203 ? 1_555 170.4 ? 
33 O6  ? D A1ICR .  ? A A1ICR 203 ? 1_555 V10 ? D A1ICR . ? A A1ICR 203 ? 1_555 O29 ? D A1ICR .  ? A A1ICR 203 ? 1_555 102.6 ? 
34 OD2 ? A ASP   87 ? A ASP   87  ? 1_555 V10 ? D A1ICR . ? A A1ICR 203 ? 1_555 O30 ? D A1ICR .  ? A A1ICR 203 ? 1_555 67.7  ? 
35 O6  ? D A1ICR .  ? A A1ICR 203 ? 1_555 V10 ? D A1ICR . ? A A1ICR 203 ? 1_555 O30 ? D A1ICR .  ? A A1ICR 203 ? 1_555 88.7  ? 
36 O29 ? D A1ICR .  ? A A1ICR 203 ? 1_555 V10 ? D A1ICR . ? A A1ICR 203 ? 1_555 O30 ? D A1ICR .  ? A A1ICR 203 ? 1_555 102.8 ? 
37 OD2 ? A ASP   87 ? A ASP   87  ? 1_555 V10 ? D A1ICR . ? A A1ICR 203 ? 1_555 O31 ? D A1ICR .  ? A A1ICR 203 ? 1_555 78.6  ? 
38 O6  ? D A1ICR .  ? A A1ICR 203 ? 1_555 V10 ? D A1ICR . ? A A1ICR 203 ? 1_555 O31 ? D A1ICR .  ? A A1ICR 203 ? 1_555 154.6 ? 
39 O29 ? D A1ICR .  ? A A1ICR 203 ? 1_555 V10 ? D A1ICR . ? A A1ICR 203 ? 1_555 O31 ? D A1ICR .  ? A A1ICR 203 ? 1_555 102.8 ? 
40 O30 ? D A1ICR .  ? A A1ICR 203 ? 1_555 V10 ? D A1ICR . ? A A1ICR 203 ? 1_555 O31 ? D A1ICR .  ? A A1ICR 203 ? 1_555 85.4  ? 
41 OD2 ? A ASP   87 ? A ASP   87  ? 1_555 V10 ? D A1ICR . ? A A1ICR 203 ? 1_555 O32 ? D A1ICR .  ? A A1ICR 203 ? 1_555 86.9  ? 
42 O6  ? D A1ICR .  ? A A1ICR 203 ? 1_555 V10 ? D A1ICR . ? A A1ICR 203 ? 1_555 O32 ? D A1ICR .  ? A A1ICR 203 ? 1_555 86.2  ? 
43 O29 ? D A1ICR .  ? A A1ICR 203 ? 1_555 V10 ? D A1ICR . ? A A1ICR 203 ? 1_555 O32 ? D A1ICR .  ? A A1ICR 203 ? 1_555 102.6 ? 
44 O30 ? D A1ICR .  ? A A1ICR 203 ? 1_555 V10 ? D A1ICR . ? A A1ICR 203 ? 1_555 O32 ? D A1ICR .  ? A A1ICR 203 ? 1_555 154.6 ? 
45 O31 ? D A1ICR .  ? A A1ICR 203 ? 1_555 V10 ? D A1ICR . ? A A1ICR 203 ? 1_555 O32 ? D A1ICR .  ? A A1ICR 203 ? 1_555 88.6  ? 
# 
loop_
_pdbx_modification_feature.ordinal 
_pdbx_modification_feature.label_comp_id 
_pdbx_modification_feature.label_asym_id 
_pdbx_modification_feature.label_seq_id 
_pdbx_modification_feature.label_alt_id 
_pdbx_modification_feature.modified_residue_label_comp_id 
_pdbx_modification_feature.modified_residue_label_asym_id 
_pdbx_modification_feature.modified_residue_label_seq_id 
_pdbx_modification_feature.modified_residue_label_alt_id 
_pdbx_modification_feature.auth_comp_id 
_pdbx_modification_feature.auth_asym_id 
_pdbx_modification_feature.auth_seq_id 
_pdbx_modification_feature.PDB_ins_code 
_pdbx_modification_feature.symmetry 
_pdbx_modification_feature.modified_residue_auth_comp_id 
_pdbx_modification_feature.modified_residue_auth_asym_id 
_pdbx_modification_feature.modified_residue_auth_seq_id 
_pdbx_modification_feature.modified_residue_PDB_ins_code 
_pdbx_modification_feature.modified_residue_symmetry 
_pdbx_modification_feature.comp_id_linking_atom 
_pdbx_modification_feature.modified_residue_id_linking_atom 
_pdbx_modification_feature.modified_residue_id 
_pdbx_modification_feature.ref_pcm_id 
_pdbx_modification_feature.ref_comp_id 
_pdbx_modification_feature.type 
_pdbx_modification_feature.category 
1 CYS A 6  ? CYS A 127 ? CYS A 6  ? 1_555 CYS A 127 ? 1_555 SG SG . . . None 'Disulfide bridge' 
2 CYS A 30 ? CYS A 115 ? CYS A 30 ? 1_555 CYS A 115 ? 1_555 SG SG . . . None 'Disulfide bridge' 
3 CYS A 64 ? CYS A 80  ? CYS A 64 ? 1_555 CYS A 80  ? 1_555 SG SG . . . None 'Disulfide bridge' 
4 CYS A 76 ? CYS A 94  ? CYS A 76 ? 1_555 CYS A 94  ? 1_555 SG SG . . . None 'Disulfide bridge' 
# 
_struct_sheet.id               AA1 
_struct_sheet.type             ? 
_struct_sheet.number_strands   3 
_struct_sheet.details          ? 
# 
loop_
_struct_sheet_order.sheet_id 
_struct_sheet_order.range_id_1 
_struct_sheet_order.range_id_2 
_struct_sheet_order.offset 
_struct_sheet_order.sense 
AA1 1 2 ? anti-parallel 
AA1 2 3 ? anti-parallel 
# 
loop_
_struct_sheet_range.sheet_id 
_struct_sheet_range.id 
_struct_sheet_range.beg_label_comp_id 
_struct_sheet_range.beg_label_asym_id 
_struct_sheet_range.beg_label_seq_id 
_struct_sheet_range.pdbx_beg_PDB_ins_code 
_struct_sheet_range.end_label_comp_id 
_struct_sheet_range.end_label_asym_id 
_struct_sheet_range.end_label_seq_id 
_struct_sheet_range.pdbx_end_PDB_ins_code 
_struct_sheet_range.beg_auth_comp_id 
_struct_sheet_range.beg_auth_asym_id 
_struct_sheet_range.beg_auth_seq_id 
_struct_sheet_range.end_auth_comp_id 
_struct_sheet_range.end_auth_asym_id 
_struct_sheet_range.end_auth_seq_id 
AA1 1 THR A 43 ? ARG A 45 ? THR A 43 ARG A 45 
AA1 2 THR A 51 ? TYR A 53 ? THR A 51 TYR A 53 
AA1 3 ILE A 58 ? ASN A 59 ? ILE A 58 ASN A 59 
# 
loop_
_pdbx_struct_sheet_hbond.sheet_id 
_pdbx_struct_sheet_hbond.range_id_1 
_pdbx_struct_sheet_hbond.range_id_2 
_pdbx_struct_sheet_hbond.range_1_label_atom_id 
_pdbx_struct_sheet_hbond.range_1_label_comp_id 
_pdbx_struct_sheet_hbond.range_1_label_asym_id 
_pdbx_struct_sheet_hbond.range_1_label_seq_id 
_pdbx_struct_sheet_hbond.range_1_PDB_ins_code 
_pdbx_struct_sheet_hbond.range_1_auth_atom_id 
_pdbx_struct_sheet_hbond.range_1_auth_comp_id 
_pdbx_struct_sheet_hbond.range_1_auth_asym_id 
_pdbx_struct_sheet_hbond.range_1_auth_seq_id 
_pdbx_struct_sheet_hbond.range_2_label_atom_id 
_pdbx_struct_sheet_hbond.range_2_label_comp_id 
_pdbx_struct_sheet_hbond.range_2_label_asym_id 
_pdbx_struct_sheet_hbond.range_2_label_seq_id 
_pdbx_struct_sheet_hbond.range_2_PDB_ins_code 
_pdbx_struct_sheet_hbond.range_2_auth_atom_id 
_pdbx_struct_sheet_hbond.range_2_auth_comp_id 
_pdbx_struct_sheet_hbond.range_2_auth_asym_id 
_pdbx_struct_sheet_hbond.range_2_auth_seq_id 
AA1 1 2 N ASN A 44 ? N ASN A 44 O ASP A 52 ? O ASP A 52 
AA1 2 3 N TYR A 53 ? N TYR A 53 O ILE A 58 ? O ILE A 58 
# 
_pdbx_entry_details.entry_id                   9EX0 
_pdbx_entry_details.has_ligand_of_interest     Y 
_pdbx_entry_details.compound_details           ? 
_pdbx_entry_details.source_details             ? 
_pdbx_entry_details.nonpolymer_details         ? 
_pdbx_entry_details.sequence_details           ? 
_pdbx_entry_details.has_protein_modification   Y 
# 
_pdbx_validate_close_contact.id               1 
_pdbx_validate_close_contact.PDB_model_num    1 
_pdbx_validate_close_contact.auth_atom_id_1   O 
_pdbx_validate_close_contact.auth_asym_id_1   A 
_pdbx_validate_close_contact.auth_comp_id_1   ARG 
_pdbx_validate_close_contact.auth_seq_id_1    128 
_pdbx_validate_close_contact.PDB_ins_code_1   ? 
_pdbx_validate_close_contact.label_alt_id_1   ? 
_pdbx_validate_close_contact.auth_atom_id_2   O 
_pdbx_validate_close_contact.auth_asym_id_2   A 
_pdbx_validate_close_contact.auth_comp_id_2   HOH 
_pdbx_validate_close_contact.auth_seq_id_2    301 
_pdbx_validate_close_contact.PDB_ins_code_2   ? 
_pdbx_validate_close_contact.label_alt_id_2   ? 
_pdbx_validate_close_contact.dist             2.19 
# 
_pdbx_validate_rmsd_bond.id                        1 
_pdbx_validate_rmsd_bond.PDB_model_num             1 
_pdbx_validate_rmsd_bond.auth_atom_id_1            CD 
_pdbx_validate_rmsd_bond.auth_asym_id_1            A 
_pdbx_validate_rmsd_bond.auth_comp_id_1            GLU 
_pdbx_validate_rmsd_bond.auth_seq_id_1             7 
_pdbx_validate_rmsd_bond.PDB_ins_code_1            ? 
_pdbx_validate_rmsd_bond.label_alt_id_1            ? 
_pdbx_validate_rmsd_bond.auth_atom_id_2            OE1 
_pdbx_validate_rmsd_bond.auth_asym_id_2            A 
_pdbx_validate_rmsd_bond.auth_comp_id_2            GLU 
_pdbx_validate_rmsd_bond.auth_seq_id_2             7 
_pdbx_validate_rmsd_bond.PDB_ins_code_2            ? 
_pdbx_validate_rmsd_bond.label_alt_id_2            ? 
_pdbx_validate_rmsd_bond.bond_value                1.338 
_pdbx_validate_rmsd_bond.bond_target_value         1.252 
_pdbx_validate_rmsd_bond.bond_deviation            0.086 
_pdbx_validate_rmsd_bond.bond_standard_deviation   0.011 
_pdbx_validate_rmsd_bond.linker_flag               N 
# 
_pdbx_validate_rmsd_angle.id                         1 
_pdbx_validate_rmsd_angle.PDB_model_num              1 
_pdbx_validate_rmsd_angle.auth_atom_id_1             NE 
_pdbx_validate_rmsd_angle.auth_asym_id_1             A 
_pdbx_validate_rmsd_angle.auth_comp_id_1             ARG 
_pdbx_validate_rmsd_angle.auth_seq_id_1              45 
_pdbx_validate_rmsd_angle.PDB_ins_code_1             ? 
_pdbx_validate_rmsd_angle.label_alt_id_1             ? 
_pdbx_validate_rmsd_angle.auth_atom_id_2             CZ 
_pdbx_validate_rmsd_angle.auth_asym_id_2             A 
_pdbx_validate_rmsd_angle.auth_comp_id_2             ARG 
_pdbx_validate_rmsd_angle.auth_seq_id_2              45 
_pdbx_validate_rmsd_angle.PDB_ins_code_2             ? 
_pdbx_validate_rmsd_angle.label_alt_id_2             ? 
_pdbx_validate_rmsd_angle.auth_atom_id_3             NH1 
_pdbx_validate_rmsd_angle.auth_asym_id_3             A 
_pdbx_validate_rmsd_angle.auth_comp_id_3             ARG 
_pdbx_validate_rmsd_angle.auth_seq_id_3              45 
_pdbx_validate_rmsd_angle.PDB_ins_code_3             ? 
_pdbx_validate_rmsd_angle.label_alt_id_3             ? 
_pdbx_validate_rmsd_angle.angle_value                116.63 
_pdbx_validate_rmsd_angle.angle_target_value         120.30 
_pdbx_validate_rmsd_angle.angle_deviation            -3.67 
_pdbx_validate_rmsd_angle.angle_standard_deviation   0.50 
_pdbx_validate_rmsd_angle.linker_flag                N 
# 
loop_
_pdbx_validate_planes.id 
_pdbx_validate_planes.PDB_model_num 
_pdbx_validate_planes.auth_comp_id 
_pdbx_validate_planes.auth_asym_id 
_pdbx_validate_planes.auth_seq_id 
_pdbx_validate_planes.PDB_ins_code 
_pdbx_validate_planes.label_alt_id 
_pdbx_validate_planes.rmsd 
_pdbx_validate_planes.type 
1 1 ARG A 21 ? ? 0.115 'SIDE CHAIN' 
2 1 ARG A 73 ? ? 0.131 'SIDE CHAIN' 
# 
loop_
_pdbx_struct_special_symmetry.id 
_pdbx_struct_special_symmetry.PDB_model_num 
_pdbx_struct_special_symmetry.auth_asym_id 
_pdbx_struct_special_symmetry.auth_comp_id 
_pdbx_struct_special_symmetry.auth_seq_id 
_pdbx_struct_special_symmetry.PDB_ins_code 
_pdbx_struct_special_symmetry.label_asym_id 
_pdbx_struct_special_symmetry.label_comp_id 
_pdbx_struct_special_symmetry.label_seq_id 
1 1 A A1ICR 203 ? D A1ICR . 
2 1 A HOH   306 ? H HOH   . 
3 1 A HOH   371 ? H HOH   . 
4 1 A HOH   373 ? H HOH   . 
5 1 A HOH   431 ? H HOH   . 
# 
loop_
_pdbx_distant_solvent_atoms.id 
_pdbx_distant_solvent_atoms.PDB_model_num 
_pdbx_distant_solvent_atoms.auth_atom_id 
_pdbx_distant_solvent_atoms.label_alt_id 
_pdbx_distant_solvent_atoms.auth_asym_id 
_pdbx_distant_solvent_atoms.auth_comp_id 
_pdbx_distant_solvent_atoms.auth_seq_id 
_pdbx_distant_solvent_atoms.PDB_ins_code 
_pdbx_distant_solvent_atoms.neighbor_macromolecule_distance 
_pdbx_distant_solvent_atoms.neighbor_ligand_distance 
1 1 O ? A HOH 424 ? 6.21 . 
2 1 O ? A HOH 425 ? 6.58 . 
3 1 O ? A HOH 426 ? 7.02 . 
4 1 O ? A HOH 427 ? 7.21 . 
5 1 O ? A HOH 428 ? 7.47 . 
6 1 O ? A HOH 429 ? 8.32 . 
7 1 O ? A HOH 430 ? 9.41 . 
8 1 O ? A HOH 431 ? 9.95 . 
# 
loop_
_chem_comp_atom.comp_id 
_chem_comp_atom.atom_id 
_chem_comp_atom.type_symbol 
_chem_comp_atom.pdbx_aromatic_flag 
_chem_comp_atom.pdbx_stereo_config 
_chem_comp_atom.pdbx_ordinal 
A1ICR O17  O  N N 1   
A1ICR O14  O  N N 2   
A1ICR V11  V  N N 3   
A1ICR V21  V  N N 4   
A1ICR V31  V  N N 5   
A1ICR V41  V  N N 6   
A1ICR V51  V  N N 7   
A1ICR V61  V  N N 8   
A1ICR V71  V  N N 9   
A1ICR V81  V  N N 10  
A1ICR V1   V  N N 11  
A1ICR V91  V  N N 12  
A1ICR V2   V  N N 13  
A1ICR V12  V  N N 14  
A1ICR V3   V  N N 15  
A1ICR O1A  O  N N 16  
A1ICR V4   V  N N 17  
A1ICR O24  O  N N 18  
A1ICR V5   V  N N 19  
A1ICR O33  O  N N 20  
A1ICR V6   V  N N 21  
A1ICR V7   V  N N 22  
A1ICR O61  O  N N 23  
A1ICR V8   V  N N 24  
A1ICR O71  O  N N 25  
A1ICR V9   V  N N 26  
A1ICR O81  O  N N 27  
A1ICR V10  V  N N 28  
A1ICR O91  O  N N 29  
A1ICR O1   O  N N 30  
A1ICR O25  O  N N 31  
A1ICR O2   O  N N 32  
A1ICR O26  O  N N 33  
A1ICR O3   O  N N 34  
A1ICR O27  O  N N 35  
A1ICR O4   O  N N 36  
A1ICR O28  O  N N 37  
A1ICR O5   O  N N 38  
A1ICR O34  O  N N 39  
A1ICR O6   O  N N 40  
A1ICR O35  O  N N 41  
A1ICR O7   O  N N 42  
A1ICR O36  O  N N 43  
A1ICR O8   O  N N 44  
A1ICR O37  O  N N 45  
A1ICR O9   O  N N 46  
A1ICR O38  O  N N 47  
A1ICR O10  O  N N 48  
A1ICR O39  O  N N 49  
A1ICR O11  O  N N 50  
A1ICR O40  O  N N 51  
A1ICR O12  O  N N 52  
A1ICR O42  O  N N 53  
A1ICR O13  O  N N 54  
A1ICR O43  O  N N 55  
A1ICR O15  O  N N 56  
A1ICR O44  O  N N 57  
A1ICR O16  O  N N 58  
A1ICR O45  O  N N 59  
A1ICR O18  O  N N 60  
A1ICR O46  O  N N 61  
A1ICR O19  O  N N 62  
A1ICR O51  O  N N 63  
A1ICR O20  O  N N 64  
A1ICR O21  O  N N 65  
A1ICR O22  O  N N 66  
A1ICR O23  O  N N 67  
A1ICR O29  O  N N 68  
A1ICR O30  O  N N 69  
A1ICR O31  O  N N 70  
A1ICR O32  O  N N 71  
ALA   N    N  N N 72  
ALA   CA   C  N S 73  
ALA   C    C  N N 74  
ALA   O    O  N N 75  
ALA   CB   C  N N 76  
ALA   OXT  O  N N 77  
ALA   H    H  N N 78  
ALA   H2   H  N N 79  
ALA   HA   H  N N 80  
ALA   HB1  H  N N 81  
ALA   HB2  H  N N 82  
ALA   HB3  H  N N 83  
ALA   HXT  H  N N 84  
ARG   N    N  N N 85  
ARG   CA   C  N S 86  
ARG   C    C  N N 87  
ARG   O    O  N N 88  
ARG   CB   C  N N 89  
ARG   CG   C  N N 90  
ARG   CD   C  N N 91  
ARG   NE   N  N N 92  
ARG   CZ   C  N N 93  
ARG   NH1  N  N N 94  
ARG   NH2  N  N N 95  
ARG   OXT  O  N N 96  
ARG   H    H  N N 97  
ARG   H2   H  N N 98  
ARG   HA   H  N N 99  
ARG   HB2  H  N N 100 
ARG   HB3  H  N N 101 
ARG   HG2  H  N N 102 
ARG   HG3  H  N N 103 
ARG   HD2  H  N N 104 
ARG   HD3  H  N N 105 
ARG   HE   H  N N 106 
ARG   HH11 H  N N 107 
ARG   HH12 H  N N 108 
ARG   HH21 H  N N 109 
ARG   HH22 H  N N 110 
ARG   HXT  H  N N 111 
ASN   N    N  N N 112 
ASN   CA   C  N S 113 
ASN   C    C  N N 114 
ASN   O    O  N N 115 
ASN   CB   C  N N 116 
ASN   CG   C  N N 117 
ASN   OD1  O  N N 118 
ASN   ND2  N  N N 119 
ASN   OXT  O  N N 120 
ASN   H    H  N N 121 
ASN   H2   H  N N 122 
ASN   HA   H  N N 123 
ASN   HB2  H  N N 124 
ASN   HB3  H  N N 125 
ASN   HD21 H  N N 126 
ASN   HD22 H  N N 127 
ASN   HXT  H  N N 128 
ASP   N    N  N N 129 
ASP   CA   C  N S 130 
ASP   C    C  N N 131 
ASP   O    O  N N 132 
ASP   CB   C  N N 133 
ASP   CG   C  N N 134 
ASP   OD1  O  N N 135 
ASP   OD2  O  N N 136 
ASP   OXT  O  N N 137 
ASP   H    H  N N 138 
ASP   H2   H  N N 139 
ASP   HA   H  N N 140 
ASP   HB2  H  N N 141 
ASP   HB3  H  N N 142 
ASP   HD2  H  N N 143 
ASP   HXT  H  N N 144 
CL    CL   CL N N 145 
CYS   N    N  N N 146 
CYS   CA   C  N R 147 
CYS   C    C  N N 148 
CYS   O    O  N N 149 
CYS   CB   C  N N 150 
CYS   SG   S  N N 151 
CYS   OXT  O  N N 152 
CYS   H    H  N N 153 
CYS   H2   H  N N 154 
CYS   HA   H  N N 155 
CYS   HB2  H  N N 156 
CYS   HB3  H  N N 157 
CYS   HG   H  N N 158 
CYS   HXT  H  N N 159 
GLN   N    N  N N 160 
GLN   CA   C  N S 161 
GLN   C    C  N N 162 
GLN   O    O  N N 163 
GLN   CB   C  N N 164 
GLN   CG   C  N N 165 
GLN   CD   C  N N 166 
GLN   OE1  O  N N 167 
GLN   NE2  N  N N 168 
GLN   OXT  O  N N 169 
GLN   H    H  N N 170 
GLN   H2   H  N N 171 
GLN   HA   H  N N 172 
GLN   HB2  H  N N 173 
GLN   HB3  H  N N 174 
GLN   HG2  H  N N 175 
GLN   HG3  H  N N 176 
GLN   HE21 H  N N 177 
GLN   HE22 H  N N 178 
GLN   HXT  H  N N 179 
GLU   N    N  N N 180 
GLU   CA   C  N S 181 
GLU   C    C  N N 182 
GLU   O    O  N N 183 
GLU   CB   C  N N 184 
GLU   CG   C  N N 185 
GLU   CD   C  N N 186 
GLU   OE1  O  N N 187 
GLU   OE2  O  N N 188 
GLU   OXT  O  N N 189 
GLU   H    H  N N 190 
GLU   H2   H  N N 191 
GLU   HA   H  N N 192 
GLU   HB2  H  N N 193 
GLU   HB3  H  N N 194 
GLU   HG2  H  N N 195 
GLU   HG3  H  N N 196 
GLU   HE2  H  N N 197 
GLU   HXT  H  N N 198 
GLY   N    N  N N 199 
GLY   CA   C  N N 200 
GLY   C    C  N N 201 
GLY   O    O  N N 202 
GLY   OXT  O  N N 203 
GLY   H    H  N N 204 
GLY   H2   H  N N 205 
GLY   HA2  H  N N 206 
GLY   HA3  H  N N 207 
GLY   HXT  H  N N 208 
HIS   N    N  N N 209 
HIS   CA   C  N S 210 
HIS   C    C  N N 211 
HIS   O    O  N N 212 
HIS   CB   C  N N 213 
HIS   CG   C  Y N 214 
HIS   ND1  N  Y N 215 
HIS   CD2  C  Y N 216 
HIS   CE1  C  Y N 217 
HIS   NE2  N  Y N 218 
HIS   OXT  O  N N 219 
HIS   H    H  N N 220 
HIS   H2   H  N N 221 
HIS   HA   H  N N 222 
HIS   HB2  H  N N 223 
HIS   HB3  H  N N 224 
HIS   HD1  H  N N 225 
HIS   HD2  H  N N 226 
HIS   HE1  H  N N 227 
HIS   HE2  H  N N 228 
HIS   HXT  H  N N 229 
HOH   O    O  N N 230 
HOH   H1   H  N N 231 
HOH   H2   H  N N 232 
ILE   N    N  N N 233 
ILE   CA   C  N S 234 
ILE   C    C  N N 235 
ILE   O    O  N N 236 
ILE   CB   C  N S 237 
ILE   CG1  C  N N 238 
ILE   CG2  C  N N 239 
ILE   CD1  C  N N 240 
ILE   OXT  O  N N 241 
ILE   H    H  N N 242 
ILE   H2   H  N N 243 
ILE   HA   H  N N 244 
ILE   HB   H  N N 245 
ILE   HG12 H  N N 246 
ILE   HG13 H  N N 247 
ILE   HG21 H  N N 248 
ILE   HG22 H  N N 249 
ILE   HG23 H  N N 250 
ILE   HD11 H  N N 251 
ILE   HD12 H  N N 252 
ILE   HD13 H  N N 253 
ILE   HXT  H  N N 254 
LEU   N    N  N N 255 
LEU   CA   C  N S 256 
LEU   C    C  N N 257 
LEU   O    O  N N 258 
LEU   CB   C  N N 259 
LEU   CG   C  N N 260 
LEU   CD1  C  N N 261 
LEU   CD2  C  N N 262 
LEU   OXT  O  N N 263 
LEU   H    H  N N 264 
LEU   H2   H  N N 265 
LEU   HA   H  N N 266 
LEU   HB2  H  N N 267 
LEU   HB3  H  N N 268 
LEU   HG   H  N N 269 
LEU   HD11 H  N N 270 
LEU   HD12 H  N N 271 
LEU   HD13 H  N N 272 
LEU   HD21 H  N N 273 
LEU   HD22 H  N N 274 
LEU   HD23 H  N N 275 
LEU   HXT  H  N N 276 
LYS   N    N  N N 277 
LYS   CA   C  N S 278 
LYS   C    C  N N 279 
LYS   O    O  N N 280 
LYS   CB   C  N N 281 
LYS   CG   C  N N 282 
LYS   CD   C  N N 283 
LYS   CE   C  N N 284 
LYS   NZ   N  N N 285 
LYS   OXT  O  N N 286 
LYS   H    H  N N 287 
LYS   H2   H  N N 288 
LYS   HA   H  N N 289 
LYS   HB2  H  N N 290 
LYS   HB3  H  N N 291 
LYS   HG2  H  N N 292 
LYS   HG3  H  N N 293 
LYS   HD2  H  N N 294 
LYS   HD3  H  N N 295 
LYS   HE2  H  N N 296 
LYS   HE3  H  N N 297 
LYS   HZ1  H  N N 298 
LYS   HZ2  H  N N 299 
LYS   HZ3  H  N N 300 
LYS   HXT  H  N N 301 
MET   N    N  N N 302 
MET   CA   C  N S 303 
MET   C    C  N N 304 
MET   O    O  N N 305 
MET   CB   C  N N 306 
MET   CG   C  N N 307 
MET   SD   S  N N 308 
MET   CE   C  N N 309 
MET   OXT  O  N N 310 
MET   H    H  N N 311 
MET   H2   H  N N 312 
MET   HA   H  N N 313 
MET   HB2  H  N N 314 
MET   HB3  H  N N 315 
MET   HG2  H  N N 316 
MET   HG3  H  N N 317 
MET   HE1  H  N N 318 
MET   HE2  H  N N 319 
MET   HE3  H  N N 320 
MET   HXT  H  N N 321 
NA    NA   NA N N 322 
PHE   N    N  N N 323 
PHE   CA   C  N S 324 
PHE   C    C  N N 325 
PHE   O    O  N N 326 
PHE   CB   C  N N 327 
PHE   CG   C  Y N 328 
PHE   CD1  C  Y N 329 
PHE   CD2  C  Y N 330 
PHE   CE1  C  Y N 331 
PHE   CE2  C  Y N 332 
PHE   CZ   C  Y N 333 
PHE   OXT  O  N N 334 
PHE   H    H  N N 335 
PHE   H2   H  N N 336 
PHE   HA   H  N N 337 
PHE   HB2  H  N N 338 
PHE   HB3  H  N N 339 
PHE   HD1  H  N N 340 
PHE   HD2  H  N N 341 
PHE   HE1  H  N N 342 
PHE   HE2  H  N N 343 
PHE   HZ   H  N N 344 
PHE   HXT  H  N N 345 
PRO   N    N  N N 346 
PRO   CA   C  N S 347 
PRO   C    C  N N 348 
PRO   O    O  N N 349 
PRO   CB   C  N N 350 
PRO   CG   C  N N 351 
PRO   CD   C  N N 352 
PRO   OXT  O  N N 353 
PRO   H    H  N N 354 
PRO   HA   H  N N 355 
PRO   HB2  H  N N 356 
PRO   HB3  H  N N 357 
PRO   HG2  H  N N 358 
PRO   HG3  H  N N 359 
PRO   HD2  H  N N 360 
PRO   HD3  H  N N 361 
PRO   HXT  H  N N 362 
SER   N    N  N N 363 
SER   CA   C  N S 364 
SER   C    C  N N 365 
SER   O    O  N N 366 
SER   CB   C  N N 367 
SER   OG   O  N N 368 
SER   OXT  O  N N 369 
SER   H    H  N N 370 
SER   H2   H  N N 371 
SER   HA   H  N N 372 
SER   HB2  H  N N 373 
SER   HB3  H  N N 374 
SER   HG   H  N N 375 
SER   HXT  H  N N 376 
THR   N    N  N N 377 
THR   CA   C  N S 378 
THR   C    C  N N 379 
THR   O    O  N N 380 
THR   CB   C  N R 381 
THR   OG1  O  N N 382 
THR   CG2  C  N N 383 
THR   OXT  O  N N 384 
THR   H    H  N N 385 
THR   H2   H  N N 386 
THR   HA   H  N N 387 
THR   HB   H  N N 388 
THR   HG1  H  N N 389 
THR   HG21 H  N N 390 
THR   HG22 H  N N 391 
THR   HG23 H  N N 392 
THR   HXT  H  N N 393 
TRP   N    N  N N 394 
TRP   CA   C  N S 395 
TRP   C    C  N N 396 
TRP   O    O  N N 397 
TRP   CB   C  N N 398 
TRP   CG   C  Y N 399 
TRP   CD1  C  Y N 400 
TRP   CD2  C  Y N 401 
TRP   NE1  N  Y N 402 
TRP   CE2  C  Y N 403 
TRP   CE3  C  Y N 404 
TRP   CZ2  C  Y N 405 
TRP   CZ3  C  Y N 406 
TRP   CH2  C  Y N 407 
TRP   OXT  O  N N 408 
TRP   H    H  N N 409 
TRP   H2   H  N N 410 
TRP   HA   H  N N 411 
TRP   HB2  H  N N 412 
TRP   HB3  H  N N 413 
TRP   HD1  H  N N 414 
TRP   HE1  H  N N 415 
TRP   HE3  H  N N 416 
TRP   HZ2  H  N N 417 
TRP   HZ3  H  N N 418 
TRP   HH2  H  N N 419 
TRP   HXT  H  N N 420 
TYR   N    N  N N 421 
TYR   CA   C  N S 422 
TYR   C    C  N N 423 
TYR   O    O  N N 424 
TYR   CB   C  N N 425 
TYR   CG   C  Y N 426 
TYR   CD1  C  Y N 427 
TYR   CD2  C  Y N 428 
TYR   CE1  C  Y N 429 
TYR   CE2  C  Y N 430 
TYR   CZ   C  Y N 431 
TYR   OH   O  N N 432 
TYR   OXT  O  N N 433 
TYR   H    H  N N 434 
TYR   H2   H  N N 435 
TYR   HA   H  N N 436 
TYR   HB2  H  N N 437 
TYR   HB3  H  N N 438 
TYR   HD1  H  N N 439 
TYR   HD2  H  N N 440 
TYR   HE1  H  N N 441 
TYR   HE2  H  N N 442 
TYR   HH   H  N N 443 
TYR   HXT  H  N N 444 
VAL   N    N  N N 445 
VAL   CA   C  N S 446 
VAL   C    C  N N 447 
VAL   O    O  N N 448 
VAL   CB   C  N N 449 
VAL   CG1  C  N N 450 
VAL   CG2  C  N N 451 
VAL   OXT  O  N N 452 
VAL   H    H  N N 453 
VAL   H2   H  N N 454 
VAL   HA   H  N N 455 
VAL   HB   H  N N 456 
VAL   HG11 H  N N 457 
VAL   HG12 H  N N 458 
VAL   HG13 H  N N 459 
VAL   HG21 H  N N 460 
VAL   HG22 H  N N 461 
VAL   HG23 H  N N 462 
VAL   HXT  H  N N 463 
VO4   V    V  N N 464 
VO4   O1   O  N N 465 
VO4   O2   O  N N 466 
VO4   O3   O  N N 467 
VO4   O4   O  N N 468 
# 
loop_
_chem_comp_bond.comp_id 
_chem_comp_bond.atom_id_1 
_chem_comp_bond.atom_id_2 
_chem_comp_bond.value_order 
_chem_comp_bond.pdbx_aromatic_flag 
_chem_comp_bond.pdbx_stereo_config 
_chem_comp_bond.pdbx_ordinal 
A1ICR O17 V5   doub N N 1   
A1ICR O14 V51  doub N N 2   
A1ICR V11 O1A  sing N N 3   
A1ICR V11 O24  sing N N 4   
A1ICR V11 O33  sing N N 5   
A1ICR V11 O51  doub N N 6   
A1ICR V21 O1A  sing N N 7   
A1ICR V21 O61  sing N N 8   
A1ICR V21 O71  doub N N 9   
A1ICR V21 O81  sing N N 10  
A1ICR V31 O24  sing N N 11  
A1ICR V31 O91  doub N N 12  
A1ICR V31 O25  sing N N 13  
A1ICR V31 O3   sing N N 14  
A1ICR V31 O4   sing N N 15  
A1ICR V41 O1A  sing N N 16  
A1ICR V41 O24  sing N N 17  
A1ICR V41 O26  sing N N 18  
A1ICR V41 O27  sing N N 19  
A1ICR V41 O28  doub N N 20  
A1ICR V51 O25  sing N N 21  
A1ICR V51 O27  sing N N 22  
A1ICR V51 O34  sing N N 23  
A1ICR V51 O35  sing N N 24  
A1ICR V61 O34  sing N N 25  
A1ICR V61 O35  sing N N 26  
A1ICR V61 O36  sing N N 27  
A1ICR V61 O37  doub N N 28  
A1ICR V61 O18  sing N N 29  
A1ICR V71 O33  sing N N 30  
A1ICR V71 O81  sing N N 31  
A1ICR V71 O10  sing N N 32  
A1ICR V71 O40  doub N N 33  
A1ICR V81 O26  sing N N 34  
A1ICR V81 O35  sing N N 35  
A1ICR V81 O36  sing N N 36  
A1ICR V81 O38  sing N N 37  
A1ICR V81 O39  doub N N 38  
A1ICR V1  O1   sing N N 39  
A1ICR V1  O2   sing N N 40  
A1ICR V1  O3   sing N N 41  
A1ICR V1  O5   doub N N 42  
A1ICR V91 O81  sing N N 43  
A1ICR V91 O38  sing N N 44  
A1ICR V91 O42  doub N N 45  
A1ICR V91 O15  sing N N 46  
A1ICR V2  O1   sing N N 47  
A1ICR V2  O6   sing N N 48  
A1ICR V2  O7   doub N N 49  
A1ICR V2  O8   sing N N 50  
A1ICR V12 O61  sing N N 51  
A1ICR V12 O43  doub N N 52  
A1ICR V12 O44  sing N N 53  
A1ICR V12 O45  doub N N 54  
A1ICR V12 O46  sing N N 55  
A1ICR V3  O33  sing N N 56  
A1ICR V3  O2   sing N N 57  
A1ICR V3  O4   sing N N 58  
A1ICR V3  O9   doub N N 59  
A1ICR V3  O10  sing N N 60  
A1ICR V4  O1   sing N N 61  
A1ICR V4  O2   sing N N 62  
A1ICR V4  O11  sing N N 63  
A1ICR V4  O12  sing N N 64  
A1ICR V4  O13  doub N N 65  
A1ICR V5  O10  sing N N 66  
A1ICR V5  O12  sing N N 67  
A1ICR V5  O15  sing N N 68  
A1ICR V5  O16  sing N N 69  
A1ICR V6  O36  sing N N 70  
A1ICR V6  O15  sing N N 71  
A1ICR V6  O16  sing N N 72  
A1ICR V6  O18  sing N N 73  
A1ICR V6  O19  doub N N 74  
A1ICR V7  O25  sing N N 75  
A1ICR V7  O3   sing N N 76  
A1ICR V7  O8   sing N N 77  
A1ICR V7  O22  doub N N 78  
A1ICR V8  O11  sing N N 79  
A1ICR V8  O16  sing N N 80  
A1ICR V8  O18  sing N N 81  
A1ICR V8  O20  sing N N 82  
A1ICR V8  O21  doub N N 83  
A1ICR V9  O34  sing N N 84  
A1ICR V9  O8   sing N N 85  
A1ICR V9  O20  sing N N 86  
A1ICR V9  O23  doub N N 87  
A1ICR V10 O6   sing N N 88  
A1ICR V10 O29  doub N N 89  
A1ICR V10 O30  sing N N 90  
A1ICR V10 O31  doub N N 91  
A1ICR V10 O32  sing N N 92  
ALA   N   CA   sing N N 93  
ALA   N   H    sing N N 94  
ALA   N   H2   sing N N 95  
ALA   CA  C    sing N N 96  
ALA   CA  CB   sing N N 97  
ALA   CA  HA   sing N N 98  
ALA   C   O    doub N N 99  
ALA   C   OXT  sing N N 100 
ALA   CB  HB1  sing N N 101 
ALA   CB  HB2  sing N N 102 
ALA   CB  HB3  sing N N 103 
ALA   OXT HXT  sing N N 104 
ARG   N   CA   sing N N 105 
ARG   N   H    sing N N 106 
ARG   N   H2   sing N N 107 
ARG   CA  C    sing N N 108 
ARG   CA  CB   sing N N 109 
ARG   CA  HA   sing N N 110 
ARG   C   O    doub N N 111 
ARG   C   OXT  sing N N 112 
ARG   CB  CG   sing N N 113 
ARG   CB  HB2  sing N N 114 
ARG   CB  HB3  sing N N 115 
ARG   CG  CD   sing N N 116 
ARG   CG  HG2  sing N N 117 
ARG   CG  HG3  sing N N 118 
ARG   CD  NE   sing N N 119 
ARG   CD  HD2  sing N N 120 
ARG   CD  HD3  sing N N 121 
ARG   NE  CZ   sing N N 122 
ARG   NE  HE   sing N N 123 
ARG   CZ  NH1  sing N N 124 
ARG   CZ  NH2  doub N N 125 
ARG   NH1 HH11 sing N N 126 
ARG   NH1 HH12 sing N N 127 
ARG   NH2 HH21 sing N N 128 
ARG   NH2 HH22 sing N N 129 
ARG   OXT HXT  sing N N 130 
ASN   N   CA   sing N N 131 
ASN   N   H    sing N N 132 
ASN   N   H2   sing N N 133 
ASN   CA  C    sing N N 134 
ASN   CA  CB   sing N N 135 
ASN   CA  HA   sing N N 136 
ASN   C   O    doub N N 137 
ASN   C   OXT  sing N N 138 
ASN   CB  CG   sing N N 139 
ASN   CB  HB2  sing N N 140 
ASN   CB  HB3  sing N N 141 
ASN   CG  OD1  doub N N 142 
ASN   CG  ND2  sing N N 143 
ASN   ND2 HD21 sing N N 144 
ASN   ND2 HD22 sing N N 145 
ASN   OXT HXT  sing N N 146 
ASP   N   CA   sing N N 147 
ASP   N   H    sing N N 148 
ASP   N   H2   sing N N 149 
ASP   CA  C    sing N N 150 
ASP   CA  CB   sing N N 151 
ASP   CA  HA   sing N N 152 
ASP   C   O    doub N N 153 
ASP   C   OXT  sing N N 154 
ASP   CB  CG   sing N N 155 
ASP   CB  HB2  sing N N 156 
ASP   CB  HB3  sing N N 157 
ASP   CG  OD1  doub N N 158 
ASP   CG  OD2  sing N N 159 
ASP   OD2 HD2  sing N N 160 
ASP   OXT HXT  sing N N 161 
CYS   N   CA   sing N N 162 
CYS   N   H    sing N N 163 
CYS   N   H2   sing N N 164 
CYS   CA  C    sing N N 165 
CYS   CA  CB   sing N N 166 
CYS   CA  HA   sing N N 167 
CYS   C   O    doub N N 168 
CYS   C   OXT  sing N N 169 
CYS   CB  SG   sing N N 170 
CYS   CB  HB2  sing N N 171 
CYS   CB  HB3  sing N N 172 
CYS   SG  HG   sing N N 173 
CYS   OXT HXT  sing N N 174 
GLN   N   CA   sing N N 175 
GLN   N   H    sing N N 176 
GLN   N   H2   sing N N 177 
GLN   CA  C    sing N N 178 
GLN   CA  CB   sing N N 179 
GLN   CA  HA   sing N N 180 
GLN   C   O    doub N N 181 
GLN   C   OXT  sing N N 182 
GLN   CB  CG   sing N N 183 
GLN   CB  HB2  sing N N 184 
GLN   CB  HB3  sing N N 185 
GLN   CG  CD   sing N N 186 
GLN   CG  HG2  sing N N 187 
GLN   CG  HG3  sing N N 188 
GLN   CD  OE1  doub N N 189 
GLN   CD  NE2  sing N N 190 
GLN   NE2 HE21 sing N N 191 
GLN   NE2 HE22 sing N N 192 
GLN   OXT HXT  sing N N 193 
GLU   N   CA   sing N N 194 
GLU   N   H    sing N N 195 
GLU   N   H2   sing N N 196 
GLU   CA  C    sing N N 197 
GLU   CA  CB   sing N N 198 
GLU   CA  HA   sing N N 199 
GLU   C   O    doub N N 200 
GLU   C   OXT  sing N N 201 
GLU   CB  CG   sing N N 202 
GLU   CB  HB2  sing N N 203 
GLU   CB  HB3  sing N N 204 
GLU   CG  CD   sing N N 205 
GLU   CG  HG2  sing N N 206 
GLU   CG  HG3  sing N N 207 
GLU   CD  OE1  doub N N 208 
GLU   CD  OE2  sing N N 209 
GLU   OE2 HE2  sing N N 210 
GLU   OXT HXT  sing N N 211 
GLY   N   CA   sing N N 212 
GLY   N   H    sing N N 213 
GLY   N   H2   sing N N 214 
GLY   CA  C    sing N N 215 
GLY   CA  HA2  sing N N 216 
GLY   CA  HA3  sing N N 217 
GLY   C   O    doub N N 218 
GLY   C   OXT  sing N N 219 
GLY   OXT HXT  sing N N 220 
HIS   N   CA   sing N N 221 
HIS   N   H    sing N N 222 
HIS   N   H2   sing N N 223 
HIS   CA  C    sing N N 224 
HIS   CA  CB   sing N N 225 
HIS   CA  HA   sing N N 226 
HIS   C   O    doub N N 227 
HIS   C   OXT  sing N N 228 
HIS   CB  CG   sing N N 229 
HIS   CB  HB2  sing N N 230 
HIS   CB  HB3  sing N N 231 
HIS   CG  ND1  sing Y N 232 
HIS   CG  CD2  doub Y N 233 
HIS   ND1 CE1  doub Y N 234 
HIS   ND1 HD1  sing N N 235 
HIS   CD2 NE2  sing Y N 236 
HIS   CD2 HD2  sing N N 237 
HIS   CE1 NE2  sing Y N 238 
HIS   CE1 HE1  sing N N 239 
HIS   NE2 HE2  sing N N 240 
HIS   OXT HXT  sing N N 241 
HOH   O   H1   sing N N 242 
HOH   O   H2   sing N N 243 
ILE   N   CA   sing N N 244 
ILE   N   H    sing N N 245 
ILE   N   H2   sing N N 246 
ILE   CA  C    sing N N 247 
ILE   CA  CB   sing N N 248 
ILE   CA  HA   sing N N 249 
ILE   C   O    doub N N 250 
ILE   C   OXT  sing N N 251 
ILE   CB  CG1  sing N N 252 
ILE   CB  CG2  sing N N 253 
ILE   CB  HB   sing N N 254 
ILE   CG1 CD1  sing N N 255 
ILE   CG1 HG12 sing N N 256 
ILE   CG1 HG13 sing N N 257 
ILE   CG2 HG21 sing N N 258 
ILE   CG2 HG22 sing N N 259 
ILE   CG2 HG23 sing N N 260 
ILE   CD1 HD11 sing N N 261 
ILE   CD1 HD12 sing N N 262 
ILE   CD1 HD13 sing N N 263 
ILE   OXT HXT  sing N N 264 
LEU   N   CA   sing N N 265 
LEU   N   H    sing N N 266 
LEU   N   H2   sing N N 267 
LEU   CA  C    sing N N 268 
LEU   CA  CB   sing N N 269 
LEU   CA  HA   sing N N 270 
LEU   C   O    doub N N 271 
LEU   C   OXT  sing N N 272 
LEU   CB  CG   sing N N 273 
LEU   CB  HB2  sing N N 274 
LEU   CB  HB3  sing N N 275 
LEU   CG  CD1  sing N N 276 
LEU   CG  CD2  sing N N 277 
LEU   CG  HG   sing N N 278 
LEU   CD1 HD11 sing N N 279 
LEU   CD1 HD12 sing N N 280 
LEU   CD1 HD13 sing N N 281 
LEU   CD2 HD21 sing N N 282 
LEU   CD2 HD22 sing N N 283 
LEU   CD2 HD23 sing N N 284 
LEU   OXT HXT  sing N N 285 
LYS   N   CA   sing N N 286 
LYS   N   H    sing N N 287 
LYS   N   H2   sing N N 288 
LYS   CA  C    sing N N 289 
LYS   CA  CB   sing N N 290 
LYS   CA  HA   sing N N 291 
LYS   C   O    doub N N 292 
LYS   C   OXT  sing N N 293 
LYS   CB  CG   sing N N 294 
LYS   CB  HB2  sing N N 295 
LYS   CB  HB3  sing N N 296 
LYS   CG  CD   sing N N 297 
LYS   CG  HG2  sing N N 298 
LYS   CG  HG3  sing N N 299 
LYS   CD  CE   sing N N 300 
LYS   CD  HD2  sing N N 301 
LYS   CD  HD3  sing N N 302 
LYS   CE  NZ   sing N N 303 
LYS   CE  HE2  sing N N 304 
LYS   CE  HE3  sing N N 305 
LYS   NZ  HZ1  sing N N 306 
LYS   NZ  HZ2  sing N N 307 
LYS   NZ  HZ3  sing N N 308 
LYS   OXT HXT  sing N N 309 
MET   N   CA   sing N N 310 
MET   N   H    sing N N 311 
MET   N   H2   sing N N 312 
MET   CA  C    sing N N 313 
MET   CA  CB   sing N N 314 
MET   CA  HA   sing N N 315 
MET   C   O    doub N N 316 
MET   C   OXT  sing N N 317 
MET   CB  CG   sing N N 318 
MET   CB  HB2  sing N N 319 
MET   CB  HB3  sing N N 320 
MET   CG  SD   sing N N 321 
MET   CG  HG2  sing N N 322 
MET   CG  HG3  sing N N 323 
MET   SD  CE   sing N N 324 
MET   CE  HE1  sing N N 325 
MET   CE  HE2  sing N N 326 
MET   CE  HE3  sing N N 327 
MET   OXT HXT  sing N N 328 
PHE   N   CA   sing N N 329 
PHE   N   H    sing N N 330 
PHE   N   H2   sing N N 331 
PHE   CA  C    sing N N 332 
PHE   CA  CB   sing N N 333 
PHE   CA  HA   sing N N 334 
PHE   C   O    doub N N 335 
PHE   C   OXT  sing N N 336 
PHE   CB  CG   sing N N 337 
PHE   CB  HB2  sing N N 338 
PHE   CB  HB3  sing N N 339 
PHE   CG  CD1  doub Y N 340 
PHE   CG  CD2  sing Y N 341 
PHE   CD1 CE1  sing Y N 342 
PHE   CD1 HD1  sing N N 343 
PHE   CD2 CE2  doub Y N 344 
PHE   CD2 HD2  sing N N 345 
PHE   CE1 CZ   doub Y N 346 
PHE   CE1 HE1  sing N N 347 
PHE   CE2 CZ   sing Y N 348 
PHE   CE2 HE2  sing N N 349 
PHE   CZ  HZ   sing N N 350 
PHE   OXT HXT  sing N N 351 
PRO   N   CA   sing N N 352 
PRO   N   CD   sing N N 353 
PRO   N   H    sing N N 354 
PRO   CA  C    sing N N 355 
PRO   CA  CB   sing N N 356 
PRO   CA  HA   sing N N 357 
PRO   C   O    doub N N 358 
PRO   C   OXT  sing N N 359 
PRO   CB  CG   sing N N 360 
PRO   CB  HB2  sing N N 361 
PRO   CB  HB3  sing N N 362 
PRO   CG  CD   sing N N 363 
PRO   CG  HG2  sing N N 364 
PRO   CG  HG3  sing N N 365 
PRO   CD  HD2  sing N N 366 
PRO   CD  HD3  sing N N 367 
PRO   OXT HXT  sing N N 368 
SER   N   CA   sing N N 369 
SER   N   H    sing N N 370 
SER   N   H2   sing N N 371 
SER   CA  C    sing N N 372 
SER   CA  CB   sing N N 373 
SER   CA  HA   sing N N 374 
SER   C   O    doub N N 375 
SER   C   OXT  sing N N 376 
SER   CB  OG   sing N N 377 
SER   CB  HB2  sing N N 378 
SER   CB  HB3  sing N N 379 
SER   OG  HG   sing N N 380 
SER   OXT HXT  sing N N 381 
THR   N   CA   sing N N 382 
THR   N   H    sing N N 383 
THR   N   H2   sing N N 384 
THR   CA  C    sing N N 385 
THR   CA  CB   sing N N 386 
THR   CA  HA   sing N N 387 
THR   C   O    doub N N 388 
THR   C   OXT  sing N N 389 
THR   CB  OG1  sing N N 390 
THR   CB  CG2  sing N N 391 
THR   CB  HB   sing N N 392 
THR   OG1 HG1  sing N N 393 
THR   CG2 HG21 sing N N 394 
THR   CG2 HG22 sing N N 395 
THR   CG2 HG23 sing N N 396 
THR   OXT HXT  sing N N 397 
TRP   N   CA   sing N N 398 
TRP   N   H    sing N N 399 
TRP   N   H2   sing N N 400 
TRP   CA  C    sing N N 401 
TRP   CA  CB   sing N N 402 
TRP   CA  HA   sing N N 403 
TRP   C   O    doub N N 404 
TRP   C   OXT  sing N N 405 
TRP   CB  CG   sing N N 406 
TRP   CB  HB2  sing N N 407 
TRP   CB  HB3  sing N N 408 
TRP   CG  CD1  doub Y N 409 
TRP   CG  CD2  sing Y N 410 
TRP   CD1 NE1  sing Y N 411 
TRP   CD1 HD1  sing N N 412 
TRP   CD2 CE2  doub Y N 413 
TRP   CD2 CE3  sing Y N 414 
TRP   NE1 CE2  sing Y N 415 
TRP   NE1 HE1  sing N N 416 
TRP   CE2 CZ2  sing Y N 417 
TRP   CE3 CZ3  doub Y N 418 
TRP   CE3 HE3  sing N N 419 
TRP   CZ2 CH2  doub Y N 420 
TRP   CZ2 HZ2  sing N N 421 
TRP   CZ3 CH2  sing Y N 422 
TRP   CZ3 HZ3  sing N N 423 
TRP   CH2 HH2  sing N N 424 
TRP   OXT HXT  sing N N 425 
TYR   N   CA   sing N N 426 
TYR   N   H    sing N N 427 
TYR   N   H2   sing N N 428 
TYR   CA  C    sing N N 429 
TYR   CA  CB   sing N N 430 
TYR   CA  HA   sing N N 431 
TYR   C   O    doub N N 432 
TYR   C   OXT  sing N N 433 
TYR   CB  CG   sing N N 434 
TYR   CB  HB2  sing N N 435 
TYR   CB  HB3  sing N N 436 
TYR   CG  CD1  doub Y N 437 
TYR   CG  CD2  sing Y N 438 
TYR   CD1 CE1  sing Y N 439 
TYR   CD1 HD1  sing N N 440 
TYR   CD2 CE2  doub Y N 441 
TYR   CD2 HD2  sing N N 442 
TYR   CE1 CZ   doub Y N 443 
TYR   CE1 HE1  sing N N 444 
TYR   CE2 CZ   sing Y N 445 
TYR   CE2 HE2  sing N N 446 
TYR   CZ  OH   sing N N 447 
TYR   OH  HH   sing N N 448 
TYR   OXT HXT  sing N N 449 
VAL   N   CA   sing N N 450 
VAL   N   H    sing N N 451 
VAL   N   H2   sing N N 452 
VAL   CA  C    sing N N 453 
VAL   CA  CB   sing N N 454 
VAL   CA  HA   sing N N 455 
VAL   C   O    doub N N 456 
VAL   C   OXT  sing N N 457 
VAL   CB  CG1  sing N N 458 
VAL   CB  CG2  sing N N 459 
VAL   CB  HB   sing N N 460 
VAL   CG1 HG11 sing N N 461 
VAL   CG1 HG12 sing N N 462 
VAL   CG1 HG13 sing N N 463 
VAL   CG2 HG21 sing N N 464 
VAL   CG2 HG22 sing N N 465 
VAL   CG2 HG23 sing N N 466 
VAL   OXT HXT  sing N N 467 
VO4   V   O1   doub N N 468 
VO4   V   O2   sing N N 469 
VO4   V   O3   sing N N 470 
VO4   V   O4   sing N N 471 
# 
_pdbx_audit_support.funding_organization   'Ministero dell Universita e della Ricerca' 
_pdbx_audit_support.country                Italy 
_pdbx_audit_support.grant_number           2022JMFC3X 
_pdbx_audit_support.ordinal                1 
# 
_pdbx_initial_refinement_model.id               1 
_pdbx_initial_refinement_model.entity_id_list   ? 
_pdbx_initial_refinement_model.type             'experimental model' 
_pdbx_initial_refinement_model.source_name      PDB 
_pdbx_initial_refinement_model.accession_code   193l 
_pdbx_initial_refinement_model.details          ? 
# 
_atom_sites.entry_id                    9EX0 
_atom_sites.Cartn_transf_matrix[1][1]   ? 
_atom_sites.Cartn_transf_matrix[1][2]   ? 
_atom_sites.Cartn_transf_matrix[1][3]   ? 
_atom_sites.Cartn_transf_matrix[2][1]   ? 
_atom_sites.Cartn_transf_matrix[2][2]   ? 
_atom_sites.Cartn_transf_matrix[2][3]   ? 
_atom_sites.Cartn_transf_matrix[3][1]   ? 
_atom_sites.Cartn_transf_matrix[3][2]   ? 
_atom_sites.Cartn_transf_matrix[3][3]   ? 
_atom_sites.Cartn_transf_vector[1]      ? 
_atom_sites.Cartn_transf_vector[2]      ? 
_atom_sites.Cartn_transf_vector[3]      ? 
_atom_sites.Cartn_transform_axes        ? 
_atom_sites.fract_transf_matrix[1][1]   0.01004507 
_atom_sites.fract_transf_matrix[1][2]   0.00344902 
_atom_sites.fract_transf_matrix[1][3]   -0.00642908 
_atom_sites.fract_transf_matrix[2][1]   0.00668788 
_atom_sites.fract_transf_matrix[2][2]   0.00001905 
_atom_sites.fract_transf_matrix[2][3]   0.01045964 
_atom_sites.fract_transf_matrix[3][1]   0.00647318 
_atom_sites.fract_transf_matrix[3][2]   -0.02647797 
_atom_sites.fract_transf_matrix[3][3]   -0.00409071 
_atom_sites.fract_transf_vector[1]      -0.002390 
_atom_sites.fract_transf_vector[2]      -0.262348 
_atom_sites.fract_transf_vector[3]      -0.006087 
_atom_sites.solution_primary            ? 
_atom_sites.solution_secondary          ? 
_atom_sites.solution_hydrogens          ? 
_atom_sites.special_details             ? 
# 
loop_
_atom_type.symbol 
_atom_type.pdbx_scat_Z 
_atom_type.pdbx_N_electrons 
_atom_type.scat_Cromer_Mann_a1 
_atom_type.scat_Cromer_Mann_b1 
_atom_type.scat_Cromer_Mann_a2 
_atom_type.scat_Cromer_Mann_b2 
_atom_type.scat_Cromer_Mann_a3 
_atom_type.scat_Cromer_Mann_b3 
_atom_type.scat_Cromer_Mann_a4 
_atom_type.scat_Cromer_Mann_b4 
_atom_type.scat_Cromer_Mann_c 
C  6  6  2.310  20.844 1.020 10.208 1.589 0.569  0.865 51.651  0.216   
CL 17 17 11.460 0.010  7.196 1.166  6.255 18.519 1.645 47.778  -9.338  
H  1  1  0.493  10.511 0.323 26.126 0.140 3.142  0.041 57.800  0.003   
N  7  7  12.222 0.006  3.135 9.893  2.014 28.997 1.167 0.583   -11.538 
NA 11 11 4.766  3.285  3.176 8.842  1.268 0.314  1.114 129.424 0.736   
O  8  8  3.049  13.277 2.287 5.701  1.546 0.324  0.867 32.909  0.251   
S  16 16 6.905  1.468  5.203 22.215 1.438 0.254  1.586 56.172  1.056   
V  23 23 10.299 6.866  7.353 0.438  2.071 26.894 2.058 102.478 1.552   
# 
loop_
_atom_site.group_PDB 
_atom_site.id 
_atom_site.type_symbol 
_atom_site.label_atom_id 
_atom_site.label_alt_id 
_atom_site.label_comp_id 
_atom_site.label_asym_id 
_atom_site.label_entity_id 
_atom_site.label_seq_id 
_atom_site.pdbx_PDB_ins_code 
_atom_site.Cartn_x 
_atom_site.Cartn_y 
_atom_site.Cartn_z 
_atom_site.occupancy 
_atom_site.B_iso_or_equiv 
_atom_site.pdbx_formal_charge 
_atom_site.auth_seq_id 
_atom_site.auth_comp_id 
_atom_site.auth_asym_id 
_atom_site.auth_atom_id 
_atom_site.pdbx_PDB_model_num 
_atom_site.calc_flag 
ATOM   1    N  N   . LYS   A 1 1   ? -0.017  7.088   12.071  1.000 14.798 0 1   LYS   A N   1 ? 
ATOM   2    C  CA  . LYS   A 1 1   ? 0.259   8.438   11.508  1.000 15.900 0 1   LYS   A CA  1 ? 
ATOM   3    C  C   . LYS   A 1 1   ? -0.653  8.667   10.315  1.000 15.173 0 1   LYS   A C   1 ? 
ATOM   4    O  O   . LYS   A 1 1   ? -0.791  7.771   9.503   1.000 12.966 0 1   LYS   A O   1 ? 
ATOM   5    C  CB  . LYS   A 1 1   ? 1.735   8.483   11.092  1.000 17.057 0 1   LYS   A CB  1 ? 
ATOM   6    C  CG  . LYS   A 1 1   ? 2.129   9.720   10.300  1.000 17.616 0 1   LYS   A CG  1 ? 
ATOM   7    C  CD  A LYS   A 1 1   ? 3.636   9.880   10.160  0.450 17.056 0 1   LYS   A CD  1 ? 
ATOM   8    C  CD  B LYS   A 1 1   ? 3.634   9.886   10.165  0.550 20.566 0 1   LYS   A CD  1 ? 
ATOM   9    C  CE  A LYS   A 1 1   ? 4.019   11.126  9.387   0.450 16.106 0 1   LYS   A CE  1 ? 
ATOM   10   C  CE  B LYS   A 1 1   ? 4.028   10.864  9.077   0.550 22.634 0 1   LYS   A CE  1 ? 
ATOM   11   N  NZ  A LYS   A 1 1   ? 5.492   11.319  9.336   0.450 16.121 0 1   LYS   A NZ  1 ? 
ATOM   12   N  NZ  B LYS   A 1 1   ? 3.270   12.130  9.139   0.550 27.593 0 1   LYS   A NZ  1 ? 
ATOM   13   N  N   . VAL   A 1 2   ? -1.274  9.850   10.225  1.000 15.276 0 2   VAL   A N   1 ? 
ATOM   14   C  CA  . VAL   A 1 2   ? -2.008  10.245  9.047   1.000 15.484 0 2   VAL   A CA  1 ? 
ATOM   15   C  C   . VAL   A 1 2   ? -1.145  11.217  8.253   1.000 16.389 0 2   VAL   A C   1 ? 
ATOM   16   O  O   . VAL   A 1 2   ? -0.765  12.286  8.749   1.000 19.004 0 2   VAL   A O   1 ? 
ATOM   17   C  CB  . VAL   A 1 2   ? -3.381  10.838  9.364   1.000 16.610 0 2   VAL   A CB  1 ? 
ATOM   18   C  CG1 . VAL   A 1 2   ? -4.062  11.340  8.113   1.000 17.812 0 2   VAL   A CG1 1 ? 
ATOM   19   C  CG2 . VAL   A 1 2   ? -4.216  9.789   10.093  1.000 15.564 0 2   VAL   A CG2 1 ? 
ATOM   20   N  N   . PHE   A 1 3   ? -0.757  10.773  7.068   1.000 15.597 0 3   PHE   A N   1 ? 
ATOM   21   C  CA  . PHE   A 1 3   ? 0.100   11.582  6.209   1.000 16.180 0 3   PHE   A CA  1 ? 
ATOM   22   C  C   . PHE   A 1 3   ? -0.741  12.629  5.481   1.000 15.861 0 3   PHE   A C   1 ? 
ATOM   23   O  O   . PHE   A 1 3   ? -1.887  12.431  5.097   1.000 17.819 0 3   PHE   A O   1 ? 
ATOM   24   C  CB  . PHE   A 1 3   ? 0.781   10.726  5.145   1.000 16.426 0 3   PHE   A CB  1 ? 
ATOM   25   C  CG  . PHE   A 1 3   ? 2.010   9.985   5.585   1.000 15.842 0 3   PHE   A CG  1 ? 
ATOM   26   C  CD1 . PHE   A 1 3   ? 1.935   8.885   6.431   1.000 17.658 0 3   PHE   A CD1 1 ? 
ATOM   27   C  CD2 . PHE   A 1 3   ? 3.270   10.439  5.218   1.000 17.192 0 3   PHE   A CD2 1 ? 
ATOM   28   C  CE1 . PHE   A 1 3   ? 3.073   8.234   6.850   1.000 18.795 0 3   PHE   A CE1 1 ? 
ATOM   29   C  CE2 . PHE   A 1 3   ? 4.410   9.788   5.654   1.000 18.835 0 3   PHE   A CE2 1 ? 
ATOM   30   C  CZ  . PHE   A 1 3   ? 4.313   8.663   6.438   1.000 20.989 0 3   PHE   A CZ  1 ? 
ATOM   31   N  N   . GLY   A 1 4   ? -0.105  13.791  5.243   1.000 18.343 0 4   GLY   A N   1 ? 
ATOM   32   C  CA  . GLY   A 1 4   ? -0.593  14.667  4.191   1.000 18.525 0 4   GLY   A CA  1 ? 
ATOM   33   C  C   . GLY   A 1 4   ? -0.184  14.111  2.825   1.000 17.810 0 4   GLY   A C   1 ? 
ATOM   34   O  O   . GLY   A 1 4   ? 0.777   13.338  2.733   1.000 16.692 0 4   GLY   A O   1 ? 
ATOM   35   N  N   . ARG   A 1 5   ? -0.879  14.548  1.771   1.000 18.639 0 5   ARG   A N   1 ? 
ATOM   36   C  CA  . ARG   A 1 5   ? -0.703  14.000  0.433   1.000 17.986 0 5   ARG   A CA  1 ? 
ATOM   37   C  C   . ARG   A 1 5   ? 0.748   14.164  -0.032  1.000 18.673 0 5   ARG   A C   1 ? 
ATOM   38   O  O   . ARG   A 1 5   ? 1.400   13.211  -0.446  1.000 15.802 0 5   ARG   A O   1 ? 
ATOM   39   C  CB  . ARG   A 1 5   ? -1.695  14.658  -0.538  1.000 17.976 0 5   ARG   A CB  1 ? 
ATOM   40   C  CG  . ARG   A 1 5   ? -1.511  14.263  -1.992  1.000 18.318 0 5   ARG   A CG  1 ? 
ATOM   41   C  CD  . ARG   A 1 5   ? -2.525  15.000  -2.848  1.000 20.466 0 5   ARG   A CD  1 ? 
ATOM   42   N  NE  . ARG   A 1 5   ? -2.383  16.454  -2.816  1.000 22.157 0 5   ARG   A NE  1 ? 
ATOM   43   C  CZ  . ARG   A 1 5   ? -1.576  17.158  -3.619  1.000 23.326 0 5   ARG   A CZ  1 ? 
ATOM   44   N  NH1 . ARG   A 1 5   ? -0.693  16.553  -4.402  1.000 21.861 0 5   ARG   A NH1 1 ? 
ATOM   45   N  NH2 . ARG   A 1 5   ? -1.643  18.480  -3.621  1.000 25.018 0 5   ARG   A NH2 1 ? 
ATOM   46   N  N   . CYS   A 1 6   ? 1.255   15.400  0.006   1.000 19.742 0 6   CYS   A N   1 ? 
ATOM   47   C  CA  . CYS   A 1 6   ? 2.592   15.648  -0.506  1.000 19.487 0 6   CYS   A CA  1 ? 
ATOM   48   C  C   . CYS   A 1 6   ? 3.666   15.029  0.381   1.000 17.757 0 6   CYS   A C   1 ? 
ATOM   49   O  O   . CYS   A 1 6   ? 4.716   14.602  -0.091  1.000 16.405 0 6   CYS   A O   1 ? 
ATOM   50   C  CB  . CYS   A 1 6   ? 2.817   17.146  -0.645  1.000 20.346 0 6   CYS   A CB  1 ? 
ATOM   51   S  SG  . CYS   A 1 6   ? 1.951   17.844  -2.070  1.000 24.297 0 6   CYS   A SG  1 ? 
ATOM   52   N  N   . GLU   A 1 7   ? 3.394   14.998  1.688   1.000 17.511 0 7   GLU   A N   1 ? 
ATOM   53   C  CA  . GLU   A 1 7   ? 4.281   14.359  2.631   1.000 18.210 0 7   GLU   A CA  1 ? 
ATOM   54   C  C   . GLU   A 1 7   ? 4.460   12.879  2.261   1.000 16.072 0 7   GLU   A C   1 ? 
ATOM   55   O  O   . GLU   A 1 7   ? 5.566   12.340  2.278   1.000 16.417 0 7   GLU   A O   1 ? 
ATOM   56   C  CB  . GLU   A 1 7   ? 3.650   14.484  4.024   1.000 20.479 0 7   GLU   A CB  1 ? 
ATOM   57   C  CG  . GLU   A 1 7   ? 4.656   14.255  5.120   1.000 27.062 0 7   GLU   A CG  1 ? 
ATOM   58   C  CD  . GLU   A 1 7   ? 4.195   13.900  6.535   1.000 31.530 0 7   GLU   A CD  1 ? 
ATOM   59   O  OE1 . GLU   A 1 7   ? 2.937   14.100  6.944   1.000 27.070 0 7   GLU   A OE1 1 ? 
ATOM   60   O  OE2 . GLU   A 1 7   ? 5.142   13.375  7.239   1.000 30.929 0 7   GLU   A OE2 1 ? 
ATOM   61   N  N   . LEU   A 1 8   ? 3.343   12.207  1.955   1.000 15.408 0 8   LEU   A N   1 ? 
ATOM   62   C  CA  . LEU   A 1 8   ? 3.406   10.777  1.637   1.000 14.971 0 8   LEU   A CA  1 ? 
ATOM   63   C  C   . LEU   A 1 8   ? 4.078   10.555  0.275   1.000 13.947 0 8   LEU   A C   1 ? 
ATOM   64   O  O   . LEU   A 1 8   ? 4.848   9.612   0.069   1.000 14.447 0 8   LEU   A O   1 ? 
ATOM   65   C  CB  . LEU   A 1 8   ? 1.997   10.172  1.670   1.000 14.871 0 8   LEU   A CB  1 ? 
ATOM   66   C  CG  . LEU   A 1 8   ? 1.946   8.687   1.310   1.000 14.137 0 8   LEU   A CG  1 ? 
ATOM   67   C  CD1 . LEU   A 1 8   ? 2.737   7.822   2.288   1.000 13.961 0 8   LEU   A CD1 1 ? 
ATOM   68   C  CD2 . LEU   A 1 8   ? 0.510   8.208   1.223   1.000 15.283 0 8   LEU   A CD2 1 ? 
ATOM   69   N  N   . ALA   A 1 9   ? 3.785   11.436  -0.695  1.000 13.693 0 9   ALA   A N   1 ? 
ATOM   70   C  CA  . ALA   A 1 9   ? 4.454   11.368  -1.974  1.000 14.442 0 9   ALA   A CA  1 ? 
ATOM   71   C  C   . ALA   A 1 9   ? 5.977   11.427  -1.846  1.000 13.955 0 9   ALA   A C   1 ? 
ATOM   72   O  O   . ALA   A 1 9   ? 6.645   10.635  -2.467  1.000 14.745 0 9   ALA   A O   1 ? 
ATOM   73   C  CB  . ALA   A 1 9   ? 3.966   12.491  -2.864  1.000 15.556 0 9   ALA   A CB  1 ? 
ATOM   74   N  N   . ALA   A 1 10  ? 6.492   12.350  -1.025  1.000 13.930 0 10  ALA   A N   1 ? 
ATOM   75   C  CA  . ALA   A 1 10  ? 7.925   12.442  -0.801  1.000 14.027 0 10  ALA   A CA  1 ? 
ATOM   76   C  C   . ALA   A 1 10  ? 8.487   11.165  -0.155  1.000 13.734 0 10  ALA   A C   1 ? 
ATOM   77   O  O   . ALA   A 1 10  ? 9.532   10.649  -0.557  1.000 16.249 0 10  ALA   A O   1 ? 
ATOM   78   C  CB  . ALA   A 1 10  ? 8.183   13.681  0.041   1.000 14.907 0 10  ALA   A CB  1 ? 
ATOM   79   N  N   . ALA   A 1 11  ? 7.811   10.657  0.881   1.000 14.548 0 11  ALA   A N   1 ? 
ATOM   80   C  CA  . ALA   A 1 11  ? 8.231   9.457   1.571   1.000 14.721 0 11  ALA   A CA  1 ? 
ATOM   81   C  C   . ALA   A 1 11  ? 8.247   8.280   0.607   1.000 14.693 0 11  ALA   A C   1 ? 
ATOM   82   O  O   . ALA   A 1 11  ? 9.117   7.426   0.651   1.000 15.845 0 11  ALA   A O   1 ? 
ATOM   83   C  CB  . ALA   A 1 11  ? 7.319   9.178   2.738   1.000 14.145 0 11  ALA   A CB  1 ? 
ATOM   84   N  N   . MET   A 1 12  ? 7.205   8.187   -0.231  1.000 15.390 0 12  MET   A N   1 ? 
ATOM   85   C  CA  . MET   A 1 12  ? 7.127   7.066   -1.158  1.000 14.820 0 12  MET   A CA  1 ? 
ATOM   86   C  C   . MET   A 1 12  ? 8.247   7.159   -2.190  1.000 16.557 0 12  MET   A C   1 ? 
ATOM   87   O  O   . MET   A 1 12  ? 8.818   6.148   -2.598  1.000 17.265 0 12  MET   A O   1 ? 
ATOM   88   C  CB  . MET   A 1 12  ? 5.771   7.046   -1.848  1.000 13.976 0 12  MET   A CB  1 ? 
ATOM   89   C  CG  . MET   A 1 12  ? 4.704   6.442   -0.961  1.000 14.132 0 12  MET   A CG  1 ? 
ATOM   90   S  SD  . MET   A 1 12  ? 3.076   6.440   -1.797  1.000 14.175 0 12  MET   A SD  1 ? 
ATOM   91   C  CE  . MET   A 1 12  ? 2.287   5.090   -0.921  1.000 13.279 0 12  MET   A CE  1 ? 
ATOM   92   N  N   . LYS   A 1 13  ? 8.548   8.385   -2.605  1.000 16.188 0 13  LYS   A N   1 ? 
ATOM   93   C  CA  . LYS   A 1 13  ? 9.652   8.581   -3.535  1.000 16.724 0 13  LYS   A CA  1 ? 
ATOM   94   C  C   . LYS   A 1 13  ? 10.996  8.235   -2.879  1.000 17.218 0 13  LYS   A C   1 ? 
ATOM   95   O  O   . LYS   A 1 13  ? 11.835  7.578   -3.508  1.000 17.319 0 13  LYS   A O   1 ? 
ATOM   96   C  CB  . LYS   A 1 13  ? 9.652   10.008  -4.056  1.000 18.558 0 13  LYS   A CB  1 ? 
ATOM   97   C  CG  . LYS   A 1 13  ? 10.756  10.261  -5.065  1.000 22.956 0 13  LYS   A CG  1 ? 
ATOM   98   C  CD  . LYS   A 1 13  ? 10.431  11.430  -5.975  1.000 28.895 0 13  LYS   A CD  1 ? 
ATOM   99   C  CE  . LYS   A 1 13  ? 11.480  11.649  -7.046  1.000 32.555 0 13  LYS   A CE  1 ? 
ATOM   100  N  NZ  . LYS   A 1 13  ? 12.834  11.665  -6.443  1.000 38.152 0 13  LYS   A NZ  1 ? 
ATOM   101  N  N   . ARG   A 1 14  ? 11.176  8.619   -1.612  1.000 17.506 0 14  ARG   A N   1 ? 
ATOM   102  C  CA  . ARG   A 1 14  ? 12.388  8.294   -0.863  1.000 18.489 0 14  ARG   A CA  1 ? 
ATOM   103  C  C   . ARG   A 1 14  ? 12.590  6.781   -0.806  1.000 18.710 0 14  ARG   A C   1 ? 
ATOM   104  O  O   . ARG   A 1 14  ? 13.706  6.282   -0.866  1.000 18.375 0 14  ARG   A O   1 ? 
ATOM   105  C  CB  . ARG   A 1 14  ? 12.285  8.896   0.542   1.000 20.485 0 14  ARG   A CB  1 ? 
ATOM   106  C  CG  . ARG   A 1 14  ? 13.354  8.417   1.513   1.000 21.859 0 14  ARG   A CG  1 ? 
ATOM   107  C  CD  . ARG   A 1 14  ? 14.749  8.841   1.076   1.000 22.679 0 14  ARG   A CD  1 ? 
ATOM   108  N  NE  . ARG   A 1 14  ? 15.654  8.414   2.123   1.000 22.731 0 14  ARG   A NE  1 ? 
ATOM   109  C  CZ  . ARG   A 1 14  ? 16.763  7.698   1.960   1.000 27.329 0 14  ARG   A CZ  1 ? 
ATOM   110  N  NH1 . ARG   A 1 14  ? 17.461  7.329   3.019   1.000 25.624 0 14  ARG   A NH1 1 ? 
ATOM   111  N  NH2 . ARG   A 1 14  ? 17.187  7.368   0.748   1.000 34.221 0 14  ARG   A NH2 1 ? 
ATOM   112  N  N   . HIS   A 1 15  ? 11.469  6.051   -0.702  1.000 17.541 0 15  HIS   A N   1 ? 
ATOM   113  C  CA  . HIS   A 1 15  ? 11.465  4.603   -0.592  1.000 17.571 0 15  HIS   A CA  1 ? 
ATOM   114  C  C   . HIS   A 1 15  ? 11.458  3.895   -1.945  1.000 18.686 0 15  HIS   A C   1 ? 
ATOM   115  O  O   . HIS   A 1 15  ? 11.300  2.677   -1.989  1.000 20.353 0 15  HIS   A O   1 ? 
ATOM   116  C  CB  . HIS   A 1 15  ? 10.233  4.195   0.236   1.000 16.025 0 15  HIS   A CB  1 ? 
ATOM   117  C  CG  . HIS   A 1 15  ? 10.414  4.365   1.689   1.000 16.527 0 15  HIS   A CG  1 ? 
ATOM   118  N  ND1 . HIS   A 1 15  ? 10.281  5.556   2.375   1.000 18.007 0 15  HIS   A ND1 1 ? 
ATOM   119  C  CD2 . HIS   A 1 15  ? 10.713  3.436   2.602   1.000 18.344 0 15  HIS   A CD2 1 ? 
ATOM   120  C  CE1 . HIS   A 1 15  ? 10.487  5.338   3.662   1.000 17.525 0 15  HIS   A CE1 1 ? 
ATOM   121  N  NE2 . HIS   A 1 15  ? 10.731  4.047   3.816   1.000 18.632 0 15  HIS   A NE2 1 ? 
ATOM   122  N  N   . GLY   A 1 16  ? 11.651  4.630   -3.049  1.000 19.185 0 16  GLY   A N   1 ? 
ATOM   123  C  CA  . GLY   A 1 16  ? 11.902  4.019   -4.348  1.000 19.891 0 16  GLY   A CA  1 ? 
ATOM   124  C  C   . GLY   A 1 16  ? 10.639  3.538   -5.070  1.000 21.868 0 16  GLY   A C   1 ? 
ATOM   125  O  O   . GLY   A 1 16  ? 10.732  2.692   -5.949  1.000 20.764 0 16  GLY   A O   1 ? 
ATOM   126  N  N   . LEU   A 1 17  ? 9.458   4.058   -4.699  1.000 19.973 0 17  LEU   A N   1 ? 
ATOM   127  C  CA  . LEU   A 1 17  ? 8.239   3.614   -5.373  1.000 18.712 0 17  LEU   A CA  1 ? 
ATOM   128  C  C   . LEU   A 1 17  ? 8.025   4.334   -6.699  1.000 20.558 0 17  LEU   A C   1 ? 
ATOM   129  O  O   . LEU   A 1 17  ? 7.270   3.816   -7.518  1.000 21.317 0 17  LEU   A O   1 ? 
ATOM   130  C  CB  . LEU   A 1 17  ? 7.019   3.790   -4.465  1.000 17.397 0 17  LEU   A CB  1 ? 
ATOM   131  C  CG  . LEU   A 1 17  ? 6.831   2.694   -3.426  1.000 16.955 0 17  LEU   A CG  1 ? 
ATOM   132  C  CD1 . LEU   A 1 17  ? 5.596   2.977   -2.609  1.000 16.661 0 17  LEU   A CD1 1 ? 
ATOM   133  C  CD2 . LEU   A 1 17  ? 6.757   1.283   -4.042  1.000 16.544 0 17  LEU   A CD2 1 ? 
ATOM   134  N  N   . ASP   A 1 18  ? 8.685   5.482   -6.957  1.000 20.770 0 18  ASP   A N   1 ? 
ATOM   135  C  CA  . ASP   A 1 18  ? 8.479   6.213   -8.203  1.000 21.807 0 18  ASP   A CA  1 ? 
ATOM   136  C  C   . ASP   A 1 18  ? 8.977   5.362   -9.373  1.000 21.551 0 18  ASP   A C   1 ? 
ATOM   137  O  O   . ASP   A 1 18  ? 10.159  5.044   -9.474  1.000 20.753 0 18  ASP   A O   1 ? 
ATOM   138  C  CB  . ASP   A 1 18  ? 9.165   7.583   -8.251  1.000 26.169 0 18  ASP   A CB  1 ? 
ATOM   139  C  CG  . ASP   A 1 18  ? 8.679   8.540   -9.341  1.000 29.520 0 18  ASP   A CG  1 ? 
ATOM   140  O  OD1 . ASP   A 1 18  ? 7.677   8.227   -10.104 1.000 27.892 0 18  ASP   A OD1 1 ? 
ATOM   141  O  OD2 . ASP   A 1 18  ? 9.280   9.645   -9.434  1.000 35.527 0 18  ASP   A OD2 1 ? 
ATOM   142  N  N   A ASN   A 1 19  ? 8.047   4.931   -10.224 0.500 20.136 0 19  ASN   A N   1 ? 
ATOM   143  N  N   B ASN   A 1 19  ? 8.012   5.020   -10.235 0.500 20.946 0 19  ASN   A N   1 ? 
ATOM   144  C  CA  A ASN   A 1 19  ? 8.375   4.151   -11.400 0.500 20.460 0 19  ASN   A CA  1 ? 
ATOM   145  C  CA  B ASN   A 1 19  ? 8.131   4.111   -11.361 0.500 21.311 0 19  ASN   A CA  1 ? 
ATOM   146  C  C   A ASN   A 1 19  ? 8.694   2.710   -11.011 0.500 19.069 0 19  ASN   A C   1 ? 
ATOM   147  C  C   B ASN   A 1 19  ? 8.714   2.759   -10.978 0.500 19.738 0 19  ASN   A C   1 ? 
ATOM   148  O  O   A ASN   A 1 19  ? 9.151   1.948   -11.853 0.500 19.110 0 19  ASN   A O   1 ? 
ATOM   149  O  O   B ASN   A 1 19  ? 9.313   2.094   -11.807 0.500 20.457 0 19  ASN   A O   1 ? 
ATOM   150  C  CB  A ASN   A 1 19  ? 9.500   4.807   -12.220 0.500 21.535 0 19  ASN   A CB  1 ? 
ATOM   151  C  CB  B ASN   A 1 19  ? 8.797   4.751   -12.579 0.500 23.890 0 19  ASN   A CB  1 ? 
ATOM   152  C  CG  A ASN   A 1 19  ? 9.209   6.249   -12.590 0.500 25.300 0 19  ASN   A CG  1 ? 
ATOM   153  C  CG  B ASN   A 1 19  ? 7.808   4.726   -13.724 0.500 24.697 0 19  ASN   A CG  1 ? 
ATOM   154  O  OD1 A ASN   A 1 19  ? 8.133   6.566   -13.098 0.500 29.195 0 19  ASN   A OD1 1 ? 
ATOM   155  O  OD1 B ASN   A 1 19  ? 6.863   5.513   -13.776 0.500 25.086 0 19  ASN   A OD1 1 ? 
ATOM   156  N  ND2 A ASN   A 1 19  ? 10.155  7.141   -12.346 0.500 29.416 0 19  ASN   A ND2 1 ? 
ATOM   157  N  ND2 B ASN   A 1 19  ? 7.988   3.767   -14.610 0.500 23.851 0 19  ASN   A ND2 1 ? 
ATOM   158  N  N   . TYR   A 1 20  ? 8.413   2.291   -9.767  1.000 18.972 0 20  TYR   A N   1 ? 
ATOM   159  C  CA  . TYR   A 1 20  ? 8.690   0.912   -9.395  1.000 16.954 0 20  TYR   A CA  1 ? 
ATOM   160  C  C   . TYR   A 1 20  ? 7.765   -0.023  -10.183 1.000 18.818 0 20  TYR   A C   1 ? 
ATOM   161  O  O   . TYR   A 1 20  ? 6.537   0.135   -10.201 1.000 17.103 0 20  TYR   A O   1 ? 
ATOM   162  C  CB  . TYR   A 1 20  ? 8.563   0.649   -7.891  1.000 16.678 0 20  TYR   A CB  1 ? 
ATOM   163  C  CG  . TYR   A 1 20  ? 9.075   -0.700  -7.454  1.000 18.304 0 20  TYR   A CG  1 ? 
ATOM   164  C  CD1 . TYR   A 1 20  ? 10.419  -0.883  -7.134  1.000 19.891 0 20  TYR   A CD1 1 ? 
ATOM   165  C  CD2 . TYR   A 1 20  ? 8.251   -1.821  -7.408  1.000 18.592 0 20  TYR   A CD2 1 ? 
ATOM   166  C  CE1 . TYR   A 1 20  ? 10.914  -2.125  -6.757  1.000 20.275 0 20  TYR   A CE1 1 ? 
ATOM   167  C  CE2 . TYR   A 1 20  ? 8.730   -3.071  -7.028  1.000 18.063 0 20  TYR   A CE2 1 ? 
ATOM   168  C  CZ  . TYR   A 1 20  ? 10.079  -3.228  -6.748  1.000 19.913 0 20  TYR   A CZ  1 ? 
ATOM   169  O  OH  . TYR   A 1 20  ? 10.556  -4.447  -6.340  1.000 23.736 0 20  TYR   A OH  1 ? 
ATOM   170  N  N   . ARG   A 1 21  ? 8.363   -1.022  -10.840 1.000 20.634 0 21  ARG   A N   1 ? 
ATOM   171  C  CA  . ARG   A 1 21  ? 7.668   -1.908  -11.766 1.000 20.682 0 21  ARG   A CA  1 ? 
ATOM   172  C  C   . ARG   A 1 21  ? 6.871   -1.128  -12.811 1.000 17.519 0 21  ARG   A C   1 ? 
ATOM   173  O  O   . ARG   A 1 21  ? 5.865   -1.614  -13.304 1.000 17.892 0 21  ARG   A O   1 ? 
ATOM   174  C  CB  . ARG   A 1 21  ? 6.758   -2.878  -11.012 1.000 23.391 0 21  ARG   A CB  1 ? 
ATOM   175  C  CG  . ARG   A 1 21  ? 7.507   -3.969  -10.268 1.000 29.797 0 21  ARG   A CG  1 ? 
ATOM   176  C  CD  . ARG   A 1 21  ? 8.308   -4.908  -11.152 1.000 33.812 0 21  ARG   A CD  1 ? 
ATOM   177  N  NE  . ARG   A 1 21  ? 9.551   -5.211  -10.444 1.000 41.797 0 21  ARG   A NE  1 ? 
ATOM   178  C  CZ  . ARG   A 1 21  ? 9.946   -6.422  -10.060 1.000 45.576 0 21  ARG   A CZ  1 ? 
ATOM   179  N  NH1 . ARG   A 1 21  ? 9.538   -7.505  -10.702 1.000 49.849 0 21  ARG   A NH1 1 ? 
ATOM   180  N  NH2 . ARG   A 1 21  ? 10.803  -6.540  -9.062  1.000 46.543 0 21  ARG   A NH2 1 ? 
ATOM   181  N  N   . GLY   A 1 22  ? 7.323   0.073   -13.128 1.000 17.043 0 22  GLY   A N   1 ? 
ATOM   182  C  CA  . GLY   A 1 22  ? 6.740   0.940   -14.126 1.000 17.158 0 22  GLY   A CA  1 ? 
ATOM   183  C  C   . GLY   A 1 22  ? 5.576   1.803   -13.625 1.000 15.608 0 22  GLY   A C   1 ? 
ATOM   184  O  O   . GLY   A 1 22  ? 4.926   2.456   -14.422 1.000 16.597 0 22  GLY   A O   1 ? 
ATOM   185  N  N   . TYR   A 1 23  ? 5.270   1.777   -12.309 1.000 15.209 0 23  TYR   A N   1 ? 
ATOM   186  C  CA  . TYR   A 1 23  ? 4.169   2.570   -11.814 1.000 14.735 0 23  TYR   A CA  1 ? 
ATOM   187  C  C   . TYR   A 1 23  ? 4.638   3.918   -11.283 1.000 13.788 0 23  TYR   A C   1 ? 
ATOM   188  O  O   . TYR   A 1 23  ? 5.301   3.958   -10.255 1.000 14.942 0 23  TYR   A O   1 ? 
ATOM   189  C  CB  . TYR   A 1 23  ? 3.432   1.795   -10.724 1.000 13.235 0 23  TYR   A CB  1 ? 
ATOM   190  C  CG  . TYR   A 1 23  ? 2.684   0.608   -11.271 1.000 13.057 0 23  TYR   A CG  1 ? 
ATOM   191  C  CD1 . TYR   A 1 23  ? 1.357   0.716   -11.655 1.000 11.609 0 23  TYR   A CD1 1 ? 
ATOM   192  C  CD2 . TYR   A 1 23  ? 3.254   -0.646  -11.329 1.000 13.579 0 23  TYR   A CD2 1 ? 
ATOM   193  C  CE1 . TYR   A 1 23  ? 0.658   -0.356  -12.155 1.000 11.639 0 23  TYR   A CE1 1 ? 
ATOM   194  C  CE2 . TYR   A 1 23  ? 2.579   -1.733  -11.854 1.000 12.965 0 23  TYR   A CE2 1 ? 
ATOM   195  C  CZ  . TYR   A 1 23  ? 1.258   -1.588  -12.267 1.000 12.641 0 23  TYR   A CZ  1 ? 
ATOM   196  O  OH  . TYR   A 1 23  ? 0.561   -2.661  -12.770 1.000 13.466 0 23  TYR   A OH  1 ? 
ATOM   197  N  N   . SER   A 1 24  ? 4.172   5.005   -11.920 1.000 14.518 0 24  SER   A N   1 ? 
ATOM   198  C  CA  . SER   A 1 24  ? 4.565   6.339   -11.496 1.000 15.121 0 24  SER   A CA  1 ? 
ATOM   199  C  C   . SER   A 1 24  ? 4.059   6.617   -10.077 1.000 16.137 0 24  SER   A C   1 ? 
ATOM   200  O  O   . SER   A 1 24  ? 3.036   6.079   -9.624  1.000 14.590 0 24  SER   A O   1 ? 
ATOM   201  C  CB  . SER   A 1 24  ? 4.031   7.409   -12.425 1.000 16.916 0 24  SER   A CB  1 ? 
ATOM   202  O  OG  . SER   A 1 24  ? 2.623   7.407   -12.360 1.000 18.357 0 24  SER   A OG  1 ? 
ATOM   203  N  N   . LEU   A 1 25  ? 4.747   7.532   -9.407  1.000 15.147 0 25  LEU   A N   1 ? 
ATOM   204  C  CA  . LEU   A 1 25  ? 4.492   7.842   -8.010  1.000 14.047 0 25  LEU   A CA  1 ? 
ATOM   205  C  C   . LEU   A 1 25  ? 3.001   8.121   -7.764  1.000 14.019 0 25  LEU   A C   1 ? 
ATOM   206  O  O   . LEU   A 1 25  ? 2.451   7.684   -6.774  1.000 13.320 0 25  LEU   A O   1 ? 
ATOM   207  C  CB  . LEU   A 1 25  ? 5.358   9.044   -7.631  1.000 15.166 0 25  LEU   A CB  1 ? 
ATOM   208  C  CG  . LEU   A 1 25  ? 5.340   9.512   -6.190  1.000 14.794 0 25  LEU   A CG  1 ? 
ATOM   209  C  CD1 . LEU   A 1 25  ? 5.824   8.406   -5.260  1.000 15.398 0 25  LEU   A CD1 1 ? 
ATOM   210  C  CD2 . LEU   A 1 25  ? 6.214   10.751  -6.024  1.000 15.981 0 25  LEU   A CD2 1 ? 
ATOM   211  N  N   . GLY   A 1 26  ? 2.309   8.874   -8.609  1.000 14.810 0 26  GLY   A N   1 ? 
ATOM   212  C  CA  . GLY   A 1 26  ? 0.904   9.195   -8.385  1.000 13.826 0 26  GLY   A CA  1 ? 
ATOM   213  C  C   . GLY   A 1 26  ? -0.021  7.977   -8.308  1.000 13.375 0 26  GLY   A C   1 ? 
ATOM   214  O  O   . GLY   A 1 26  ? -1.033  8.007   -7.616  1.000 13.831 0 26  GLY   A O   1 ? 
ATOM   215  N  N   . ASN   A 1 27  ? 0.359   6.867   -8.947  1.000 12.555 0 27  ASN   A N   1 ? 
ATOM   216  C  CA  . ASN   A 1 27  ? -0.393  5.628   -8.760  1.000 12.653 0 27  ASN   A CA  1 ? 
ATOM   217  C  C   . ASN   A 1 27  ? -0.398  5.206   -7.290  1.000 11.635 0 27  ASN   A C   1 ? 
ATOM   218  O  O   . ASN   A 1 27  ? -1.390  4.706   -6.778  1.000 12.185 0 27  ASN   A O   1 ? 
ATOM   219  C  CB  . ASN   A 1 27  ? 0.176   4.490   -9.611  1.000 12.486 0 27  ASN   A CB  1 ? 
ATOM   220  C  CG  . ASN   A 1 27  ? -0.208  4.621   -11.064 1.000 12.715 0 27  ASN   A CG  1 ? 
ATOM   221  O  OD1 . ASN   A 1 27  ? -1.360  4.355   -11.405 1.000 12.095 0 27  ASN   A OD1 1 ? 
ATOM   222  N  ND2 . ASN   A 1 27  ? 0.711   5.148   -11.873 1.000 15.650 0 27  ASN   A ND2 1 ? 
ATOM   223  N  N   . TRP   A 1 28  ? 0.782   5.271   -6.671  1.000 10.900 0 28  TRP   A N   1 ? 
ATOM   224  C  CA  . TRP   A 1 28  ? 0.941   4.830   -5.290  1.000 12.178 0 28  TRP   A CA  1 ? 
ATOM   225  C  C   . TRP   A 1 28  ? 0.262   5.759   -4.291  1.000 12.501 0 28  TRP   A C   1 ? 
ATOM   226  O  O   . TRP   A 1 28  ? -0.317  5.291   -3.307  1.000 11.873 0 28  TRP   A O   1 ? 
ATOM   227  C  CB  . TRP   A 1 28  ? 2.431   4.715   -4.944  1.000 12.903 0 28  TRP   A CB  1 ? 
ATOM   228  C  CG  . TRP   A 1 28  ? 3.166   3.728   -5.799  1.000 13.217 0 28  TRP   A CG  1 ? 
ATOM   229  C  CD1 . TRP   A 1 28  ? 3.889   3.994   -6.920  1.000 14.700 0 28  TRP   A CD1 1 ? 
ATOM   230  C  CD2 . TRP   A 1 28  ? 3.121   2.308   -5.681  1.000 13.851 0 28  TRP   A CD2 1 ? 
ATOM   231  N  NE1 . TRP   A 1 28  ? 4.365   2.826   -7.455  1.000 13.687 0 28  TRP   A NE1 1 ? 
ATOM   232  C  CE2 . TRP   A 1 28  ? 3.921   1.767   -6.711  1.000 13.552 0 28  TRP   A CE2 1 ? 
ATOM   233  C  CE3 . TRP   A 1 28  ? 2.543   1.450   -4.738  1.000 13.397 0 28  TRP   A CE3 1 ? 
ATOM   234  C  CZ2 . TRP   A 1 28  ? 4.090   0.390   -6.863  1.000 14.234 0 28  TRP   A CZ2 1 ? 
ATOM   235  C  CZ3 . TRP   A 1 28  ? 2.686   0.093   -4.912  1.000 14.541 0 28  TRP   A CZ3 1 ? 
ATOM   236  C  CH2 . TRP   A 1 28  ? 3.483   -0.422  -5.930  1.000 15.555 0 28  TRP   A CH2 1 ? 
ATOM   237  N  N   . VAL   A 1 29  ? 0.342   7.084   -4.498  1.000 11.879 0 29  VAL   A N   1 ? 
ATOM   238  C  CA  . VAL   A 1 29  ? -0.371  8.042   -3.658  1.000 12.411 0 29  VAL   A CA  1 ? 
ATOM   239  C  C   . VAL   A 1 29  ? -1.893  7.824   -3.796  1.000 12.942 0 29  VAL   A C   1 ? 
ATOM   240  O  O   . VAL   A 1 29  ? -2.629  7.795   -2.811  1.000 13.617 0 29  VAL   A O   1 ? 
ATOM   241  C  CB  . VAL   A 1 29  ? 0.085   9.480   -4.008  1.000 13.162 0 29  VAL   A CB  1 ? 
ATOM   242  C  CG1 . VAL   A 1 29  ? -0.667  10.532  -3.217  1.000 14.752 0 29  VAL   A CG1 1 ? 
ATOM   243  C  CG2 . VAL   A 1 29  ? 1.590   9.637   -3.800  1.000 14.451 0 29  VAL   A CG2 1 ? 
ATOM   244  N  N   . CYS   A 1 30  ? -2.410  7.730   -5.017  1.000 12.864 0 30  CYS   A N   1 ? 
ATOM   245  C  CA  . CYS   A 1 30  ? -3.820  7.480   -5.257  1.000 13.058 0 30  CYS   A CA  1 ? 
ATOM   246  C  C   . CYS   A 1 30  ? -4.264  6.208   -4.522  1.000 12.009 0 30  CYS   A C   1 ? 
ATOM   247  O  O   . CYS   A 1 30  ? -5.309  6.202   -3.863  1.000 12.056 0 30  CYS   A O   1 ? 
ATOM   248  C  CB  . CYS   A 1 30  ? -4.035  7.436   -6.774  1.000 13.027 0 30  CYS   A CB  1 ? 
ATOM   249  S  SG  . CYS   A 1 30  ? -5.769  7.238   -7.253  1.000 15.423 0 30  CYS   A SG  1 ? 
ATOM   250  N  N   . ALA   A 1 31  ? -3.481  5.128   -4.671  1.000 11.792 0 31  ALA   A N   1 ? 
ATOM   251  C  CA  . ALA   A 1 31  ? -3.856  3.866   -4.016  1.000 12.172 0 31  ALA   A CA  1 ? 
ATOM   252  C  C   . ALA   A 1 31  ? -3.933  4.055   -2.505  1.000 12.303 0 31  ALA   A C   1 ? 
ATOM   253  O  O   . ALA   A 1 31  ? -4.884  3.607   -1.865  1.000 13.090 0 31  ALA   A O   1 ? 
ATOM   254  C  CB  . ALA   A 1 31  ? -2.910  2.734   -4.384  1.000 13.087 0 31  ALA   A CB  1 ? 
ATOM   255  N  N   . ALA   A 1 32  ? -2.951  4.764   -1.925  1.000 10.736 0 32  ALA   A N   1 ? 
ATOM   256  C  CA  . ALA   A 1 32  ? -2.928  4.950   -0.485  1.000 10.251 0 32  ALA   A CA  1 ? 
ATOM   257  C  C   . ALA   A 1 32  ? -4.124  5.799   -0.063  1.000 11.370 0 32  ALA   A C   1 ? 
ATOM   258  O  O   . ALA   A 1 32  ? -4.689  5.560   1.015   1.000 12.235 0 32  ALA   A O   1 ? 
ATOM   259  C  CB  . ALA   A 1 32  ? -1.625  5.562   -0.021  1.000 10.493 0 32  ALA   A CB  1 ? 
ATOM   260  N  N   . LYS   A 1 33  ? -4.533  6.805   -0.865  1.000 11.935 0 33  LYS   A N   1 ? 
ATOM   261  C  CA  . LYS   A 1 33  ? -5.639  7.671   -0.500  1.000 13.680 0 33  LYS   A CA  1 ? 
ATOM   262  C  C   . LYS   A 1 33  ? -6.899  6.824   -0.330  1.000 14.095 0 33  LYS   A C   1 ? 
ATOM   263  O  O   . LYS   A 1 33  ? -7.642  6.908   0.650   1.000 12.949 0 33  LYS   A O   1 ? 
ATOM   264  C  CB  . LYS   A 1 33  ? -5.887  8.676   -1.632  1.000 15.191 0 33  LYS   A CB  1 ? 
ATOM   265  C  CG  . LYS   A 1 33  ? -7.099  9.578   -1.429  1.000 16.818 0 33  LYS   A CG  1 ? 
ATOM   266  C  CD  . LYS   A 1 33  ? -7.092  10.430  -0.189  1.000 19.050 0 33  LYS   A CD  1 ? 
ATOM   267  C  CE  . LYS   A 1 33  ? -8.380  11.202  -0.044  1.000 22.670 0 33  LYS   A CE  1 ? 
ATOM   268  N  NZ  . LYS   A 1 33  ? -8.294  12.114  1.117   1.000 26.256 0 33  LYS   A NZ  1 ? 
ATOM   269  N  N   . PHE   A 1 34  ? -7.138  5.991   -1.336  1.000 13.042 0 34  PHE   A N   1 ? 
ATOM   270  C  CA  . PHE   A 1 34  ? -8.403  5.273   -1.376  1.000 13.229 0 34  PHE   A CA  1 ? 
ATOM   271  C  C   . PHE   A 1 34  ? -8.344  4.015   -0.524  1.000 14.418 0 34  PHE   A C   1 ? 
ATOM   272  O  O   . PHE   A 1 34  ? -9.386  3.543   -0.105  1.000 16.460 0 34  PHE   A O   1 ? 
ATOM   273  C  CB  . PHE   A 1 34  ? -8.849  4.985   -2.817  1.000 14.634 0 34  PHE   A CB  1 ? 
ATOM   274  C  CG  . PHE   A 1 34  ? -9.179  6.270   -3.523  1.000 13.970 0 34  PHE   A CG  1 ? 
ATOM   275  C  CD1 . PHE   A 1 34  ? -10.026 7.177   -2.918  1.000 14.528 0 34  PHE   A CD1 1 ? 
ATOM   276  C  CD2 . PHE   A 1 34  ? -8.695  6.552   -4.788  1.000 14.433 0 34  PHE   A CD2 1 ? 
ATOM   277  C  CE1 . PHE   A 1 34  ? -10.297 8.399   -3.509  1.000 14.201 0 34  PHE   A CE1 1 ? 
ATOM   278  C  CE2 . PHE   A 1 34  ? -8.990  7.758   -5.392  1.000 15.705 0 34  PHE   A CE2 1 ? 
ATOM   279  C  CZ  . PHE   A 1 34  ? -9.803  8.667   -4.769  1.000 14.562 0 34  PHE   A CZ  1 ? 
ATOM   280  N  N   . GLU   A 1 35  ? -7.165  3.469   -0.254  1.000 12.301 0 35  GLU   A N   1 ? 
ATOM   281  C  CA  . GLU   A 1 35  ? -7.115  2.289   0.599   1.000 11.930 0 35  GLU   A CA  1 ? 
ATOM   282  C  C   . GLU   A 1 35  ? -7.269  2.682   2.076   1.000 12.584 0 35  GLU   A C   1 ? 
ATOM   283  O  O   . GLU   A 1 35  ? -7.926  1.978   2.835   1.000 12.596 0 35  GLU   A O   1 ? 
ATOM   284  C  CB  . GLU   A 1 35  ? -5.817  1.501   0.386   1.000 11.679 0 35  GLU   A CB  1 ? 
ATOM   285  C  CG  . GLU   A 1 35  ? -5.706  0.770   -0.955  1.000 12.949 0 35  GLU   A CG  1 ? 
ATOM   286  C  CD  . GLU   A 1 35  ? -6.597  -0.456  -1.089  1.000 14.371 0 35  GLU   A CD  1 ? 
ATOM   287  O  OE1 . GLU   A 1 35  ? -7.290  -0.790  -0.095  1.000 15.965 0 35  GLU   A OE1 1 ? 
ATOM   288  O  OE2 . GLU   A 1 35  ? -6.729  -1.015  -2.182  1.000 15.105 0 35  GLU   A OE2 1 ? 
ATOM   289  N  N   . SER   A 1 36  ? -6.613  3.765   2.508   1.000 12.894 0 36  SER   A N   1 ? 
ATOM   290  C  CA  . SER   A 1 36  ? -6.420  4.044   3.925   1.000 12.558 0 36  SER   A CA  1 ? 
ATOM   291  C  C   . SER   A 1 36  ? -6.703  5.489   4.323   1.000 13.186 0 36  SER   A C   1 ? 
ATOM   292  O  O   . SER   A 1 36  ? -6.522  5.818   5.492   1.000 14.429 0 36  SER   A O   1 ? 
ATOM   293  C  CB  . SER   A 1 36  ? -5.023  3.707   4.306   1.000 12.503 0 36  SER   A CB  1 ? 
ATOM   294  O  OG  . SER   A 1 36  ? -4.108  4.643   3.734   1.000 12.598 0 36  SER   A OG  1 ? 
ATOM   295  N  N   . ASN   A 1 37  ? -6.965  6.380   3.340   1.000 13.888 0 37  ASN   A N   1 ? 
ATOM   296  C  CA  . ASN   A 1 37  ? -7.029  7.815   3.564   1.000 14.183 0 37  ASN   A CA  1 ? 
ATOM   297  C  C   . ASN   A 1 37  ? -5.744  8.320   4.220   1.000 12.796 0 37  ASN   A C   1 ? 
ATOM   298  O  O   . ASN   A 1 37  ? -5.765  9.183   5.119   1.000 14.374 0 37  ASN   A O   1 ? 
ATOM   299  C  CB  . ASN   A 1 37  ? -8.287  8.206   4.333   1.000 17.374 0 37  ASN   A CB  1 ? 
ATOM   300  C  CG  . ASN   A 1 37  ? -8.597  9.666   4.092   1.000 19.910 0 37  ASN   A CG  1 ? 
ATOM   301  O  OD1 . ASN   A 1 37  ? -8.071  10.260  3.152   1.000 23.014 0 37  ASN   A OD1 1 ? 
ATOM   302  N  ND2 . ASN   A 1 37  ? -9.404  10.248  4.961   1.000 26.290 0 37  ASN   A ND2 1 ? 
ATOM   303  N  N   . PHE   A 1 38  ? -4.630  7.691   3.850   1.000 11.370 0 38  PHE   A N   1 ? 
ATOM   304  C  CA  . PHE   A 1 38  ? -3.275  8.087   4.218   1.000 11.732 0 38  PHE   A CA  1 ? 
ATOM   305  C  C   . PHE   A 1 38  ? -2.932  7.766   5.670   1.000 12.386 0 38  PHE   A C   1 ? 
ATOM   306  O  O   . PHE   A 1 38  ? -1.983  8.284   6.221   1.000 13.832 0 38  PHE   A O   1 ? 
ATOM   307  C  CB  . PHE   A 1 38  ? -2.958  9.564   3.913   1.000 13.191 0 38  PHE   A CB  1 ? 
ATOM   308  C  CG  . PHE   A 1 38  ? -3.129  10.029  2.485   1.000 12.635 0 38  PHE   A CG  1 ? 
ATOM   309  C  CD1 . PHE   A 1 38  ? -2.719  9.270   1.407   1.000 13.490 0 38  PHE   A CD1 1 ? 
ATOM   310  C  CD2 . PHE   A 1 38  ? -3.569  11.322  2.257   1.000 15.145 0 38  PHE   A CD2 1 ? 
ATOM   311  C  CE1 . PHE   A 1 38  ? -2.838  9.745   0.105   1.000 12.554 0 38  PHE   A CE1 1 ? 
ATOM   312  C  CE2 . PHE   A 1 38  ? -3.704  11.789  0.960   1.000 13.909 0 38  PHE   A CE2 1 ? 
ATOM   313  C  CZ  . PHE   A 1 38  ? -3.323  11.014  -0.106  1.000 13.134 0 38  PHE   A CZ  1 ? 
ATOM   314  N  N   . ASN   A 1 39  ? -3.677  6.848   6.272   1.000 12.427 0 39  ASN   A N   1 ? 
ATOM   315  C  CA  . ASN   A 1 39  ? -3.532  6.538   7.689   1.000 12.886 0 39  ASN   A CA  1 ? 
ATOM   316  C  C   . ASN   A 1 39  ? -2.778  5.208   7.865   1.000 12.143 0 39  ASN   A C   1 ? 
ATOM   317  O  O   . ASN   A 1 39  ? -3.289  4.154   7.480   1.000 11.353 0 39  ASN   A O   1 ? 
ATOM   318  C  CB  . ASN   A 1 39  ? -4.911  6.458   8.323   1.000 12.245 0 39  ASN   A CB  1 ? 
ATOM   319  C  CG  . ASN   A 1 39  ? -4.887  6.174   9.800   1.000 12.817 0 39  ASN   A CG  1 ? 
ATOM   320  O  OD1 . ASN   A 1 39  ? -3.856  6.079   10.419  1.000 11.844 0 39  ASN   A OD1 1 ? 
ATOM   321  N  ND2 . ASN   A 1 39  ? -6.057  6.036   10.391  1.000 15.306 0 39  ASN   A ND2 1 ? 
ATOM   322  N  N   . THR   A 1 40  ? -1.565  5.264   8.420   1.000 11.487 0 40  THR   A N   1 ? 
ATOM   323  C  CA  . THR   A 1 40  ? -0.772  4.058   8.578   1.000 11.169 0 40  THR   A CA  1 ? 
ATOM   324  C  C   . THR   A 1 40  ? -1.462  3.061   9.508   1.000 10.689 0 40  THR   A C   1 ? 
ATOM   325  O  O   . THR   A 1 40  ? -1.112  1.877   9.457   1.000 12.147 0 40  THR   A O   1 ? 
ATOM   326  C  CB  . THR   A 1 40  ? 0.651   4.325   9.085   1.000 11.930 0 40  THR   A CB  1 ? 
ATOM   327  O  OG1 . THR   A 1 40  ? 0.605   4.711   10.456  1.000 13.045 0 40  THR   A OG1 1 ? 
ATOM   328  C  CG2 . THR   A 1 40  ? 1.360   5.357   8.240   1.000 12.343 0 40  THR   A CG2 1 ? 
ATOM   329  N  N   . GLN   A 1 41  ? -2.383  3.513   10.359  1.000 10.613 0 41  GLN   A N   1 ? 
ATOM   330  C  CA  . GLN   A 1 41  ? -2.999  2.635   11.354  1.000 10.862 0 41  GLN   A CA  1 ? 
ATOM   331  C  C   . GLN   A 1 41  ? -4.322  2.058   10.857  1.000 11.598 0 41  GLN   A C   1 ? 
ATOM   332  O  O   . GLN   A 1 41  ? -5.015  1.410   11.639  1.000 13.573 0 41  GLN   A O   1 ? 
ATOM   333  C  CB  . GLN   A 1 41  ? -3.151  3.337   12.705  1.000 11.784 0 41  GLN   A CB  1 ? 
ATOM   334  C  CG  . GLN   A 1 41  ? -1.817  3.647   13.340  1.000 13.587 0 41  GLN   A CG  1 ? 
ATOM   335  C  CD  . GLN   A 1 41  ? -1.947  4.052   14.784  1.000 14.492 0 41  GLN   A CD  1 ? 
ATOM   336  O  OE1 . GLN   A 1 41  ? -1.957  3.206   15.679  1.000 14.480 0 41  GLN   A OE1 1 ? 
ATOM   337  N  NE2 . GLN   A 1 41  ? -2.154  5.329   15.048  1.000 13.924 0 41  GLN   A NE2 1 ? 
ATOM   338  N  N   . ALA   A 1 42  ? -4.681  2.280   9.603   1.000 11.461 0 42  ALA   A N   1 ? 
ATOM   339  C  CA  . ALA   A 1 42  ? -5.938  1.741   9.058   1.000 11.586 0 42  ALA   A CA  1 ? 
ATOM   340  C  C   . ALA   A 1 42  ? -5.914  0.209   9.136   1.000 11.800 0 42  ALA   A C   1 ? 
ATOM   341  O  O   . ALA   A 1 42  ? -4.920  -0.423  8.840   1.000 11.480 0 42  ALA   A O   1 ? 
ATOM   342  C  CB  . ALA   A 1 42  ? -6.160  2.177   7.613   1.000 12.514 0 42  ALA   A CB  1 ? 
ATOM   343  N  N   . THR   A 1 43  ? -7.031  -0.357  9.610   1.000 13.917 0 43  THR   A N   1 ? 
ATOM   344  C  CA  . THR   A 1 43  ? -7.258  -1.801  9.544   1.000 13.327 0 43  THR   A CA  1 ? 
ATOM   345  C  C   . THR   A 1 43  ? -8.704  -2.052  9.119   1.000 13.567 0 43  THR   A C   1 ? 
ATOM   346  O  O   . THR   A 1 43  ? -9.601  -1.278  9.466   1.000 15.010 0 43  THR   A O   1 ? 
ATOM   347  C  CB  . THR   A 1 43  ? -7.003  -2.536  10.870  1.000 13.954 0 43  THR   A CB  1 ? 
ATOM   348  O  OG1 . THR   A 1 43  ? -7.848  -2.026  11.913  1.000 14.614 0 43  THR   A OG1 1 ? 
ATOM   349  C  CG2 . THR   A 1 43  ? -5.567  -2.457  11.354  1.000 15.203 0 43  THR   A CG2 1 ? 
ATOM   350  N  N   . ASN   A 1 44  ? -8.929  -3.119  8.368   1.000 12.191 0 44  ASN   A N   1 ? 
ATOM   351  C  CA  . ASN   A 1 44  ? -10.281 -3.506  8.006   1.000 14.185 0 44  ASN   A CA  1 ? 
ATOM   352  C  C   . ASN   A 1 44  ? -10.320 -5.023  7.926   1.000 14.890 0 44  ASN   A C   1 ? 
ATOM   353  O  O   . ASN   A 1 44  ? -9.444  -5.630  7.325   1.000 13.837 0 44  ASN   A O   1 ? 
ATOM   354  C  CB  . ASN   A 1 44  ? -10.693 -2.868  6.687   1.000 16.939 0 44  ASN   A CB  1 ? 
ATOM   355  C  CG  . ASN   A 1 44  ? -10.830 -1.357  6.794   1.000 20.245 0 44  ASN   A CG  1 ? 
ATOM   356  O  OD1 . ASN   A 1 44  ? -9.958  -0.598  6.339   1.000 21.420 0 44  ASN   A OD1 1 ? 
ATOM   357  N  ND2 . ASN   A 1 44  ? -11.896 -0.914  7.449   1.000 19.938 0 44  ASN   A ND2 1 ? 
ATOM   358  N  N   . ARG   A 1 45  ? -11.357 -5.610  8.544   1.000 15.414 0 45  ARG   A N   1 ? 
ATOM   359  C  CA  . ARG   A 1 45  ? -11.536 -7.050  8.562   1.000 17.071 0 45  ARG   A CA  1 ? 
ATOM   360  C  C   . ARG   A 1 45  ? -12.278 -7.449  7.277   1.000 17.067 0 45  ARG   A C   1 ? 
ATOM   361  O  O   . ARG   A 1 45  ? -13.333 -6.887  6.961   1.000 19.560 0 45  ARG   A O   1 ? 
ATOM   362  C  CB  . ARG   A 1 45  ? -12.297 -7.415  9.835   1.000 17.347 0 45  ARG   A CB  1 ? 
ATOM   363  C  CG  . ARG   A 1 45  ? -12.726 -8.870  9.948   1.000 19.632 0 45  ARG   A CG  1 ? 
ATOM   364  C  CD  . ARG   A 1 45  ? -11.684 -9.829  10.439  1.000 19.143 0 45  ARG   A CD  1 ? 
ATOM   365  N  NE  . ARG   A 1 45  ? -10.575 -9.206  11.129  1.000 20.180 0 45  ARG   A NE  1 ? 
ATOM   366  C  CZ  . ARG   A 1 45  ? -10.413 -9.004  12.436  1.000 20.546 0 45  ARG   A CZ  1 ? 
ATOM   367  N  NH1 . ARG   A 1 45  ? -9.235  -8.528  12.823  1.000 18.074 0 45  ARG   A NH1 1 ? 
ATOM   368  N  NH2 . ARG   A 1 45  ? -11.359 -9.314  13.322  1.000 21.322 0 45  ARG   A NH2 1 ? 
ATOM   369  N  N   . ASN   A 1 46  ? -11.789 -8.481  6.570   1.000 16.298 0 46  ASN   A N   1 ? 
ATOM   370  C  CA  . ASN   A 1 46  ? -12.446 -8.974  5.369   1.000 18.460 0 46  ASN   A CA  1 ? 
ATOM   371  C  C   . ASN   A 1 46  ? -13.481 -10.015 5.760   1.000 18.821 0 46  ASN   A C   1 ? 
ATOM   372  O  O   . ASN   A 1 46  ? -13.378 -10.630 6.813   1.000 19.555 0 46  ASN   A O   1 ? 
ATOM   373  C  CB  . ASN   A 1 46  ? -11.423 -9.574  4.401   1.000 17.081 0 46  ASN   A CB  1 ? 
ATOM   374  C  CG  . ASN   A 1 46  ? -10.379 -8.560  3.994   1.000 17.930 0 46  ASN   A CG  1 ? 
ATOM   375  O  OD1 . ASN   A 1 46  ? -10.759 -7.471  3.580   1.000 20.285 0 46  ASN   A OD1 1 ? 
ATOM   376  N  ND2 . ASN   A 1 46  ? -9.088  -8.869  4.116   1.000 17.619 0 46  ASN   A ND2 1 ? 
ATOM   377  N  N   . THR   A 1 47  ? -14.359 -10.323 4.796   1.000 23.531 0 47  THR   A N   1 ? 
ATOM   378  C  CA  . THR   A 1 47  ? -15.425 -11.293 4.983   1.000 27.340 0 47  THR   A CA  1 ? 
ATOM   379  C  C   . THR   A 1 47  ? -14.852 -12.664 5.373   1.000 25.511 0 47  THR   A C   1 ? 
ATOM   380  O  O   . THR   A 1 47  ? -15.432 -13.321 6.237   1.000 27.665 0 47  THR   A O   1 ? 
ATOM   381  C  CB  . THR   A 1 47  ? -16.325 -11.292 3.736   1.000 30.494 0 47  THR   A CB  1 ? 
ATOM   382  O  OG1 . THR   A 1 47  ? -15.580 -11.761 2.612   1.000 39.668 0 47  THR   A OG1 1 ? 
ATOM   383  C  CG2 . THR   A 1 47  ? -16.850 -9.910  3.416   1.000 28.526 0 47  THR   A CG2 1 ? 
ATOM   384  N  N   . ASP   A 1 48  ? -13.684 -13.041 4.806   1.000 25.280 0 48  ASP   A N   1 ? 
ATOM   385  C  CA  . ASP   A 1 48  ? -13.079 -14.357 4.974   1.000 24.207 0 48  ASP   A CA  1 ? 
ATOM   386  C  C   . ASP   A 1 48  ? -12.344 -14.484 6.310   1.000 23.718 0 48  ASP   A C   1 ? 
ATOM   387  O  O   . ASP   A 1 48  ? -11.876 -15.581 6.650   1.000 23.171 0 48  ASP   A O   1 ? 
ATOM   388  C  CB  . ASP   A 1 48  ? -12.154 -14.720 3.800   1.000 26.608 0 48  ASP   A CB  1 ? 
ATOM   389  C  CG  . ASP   A 1 48  ? -10.852 -13.912 3.692   1.000 28.168 0 48  ASP   A CG  1 ? 
ATOM   390  O  OD1 . ASP   A 1 48  ? -10.726 -12.917 4.408   1.000 23.847 0 48  ASP   A OD1 1 ? 
ATOM   391  O  OD2 . ASP   A 1 48  ? -9.936  -14.316 2.926   1.000 34.620 0 48  ASP   A OD2 1 ? 
ATOM   392  N  N   . GLY   A 1 49  ? -12.220 -13.373 7.072   1.000 20.487 0 49  GLY   A N   1 ? 
ATOM   393  C  CA  . GLY   A 1 49  ? -11.626 -13.392 8.400   1.000 18.560 0 49  GLY   A CA  1 ? 
ATOM   394  C  C   . GLY   A 1 49  ? -10.199 -12.843 8.406   1.000 15.828 0 49  GLY   A C   1 ? 
ATOM   395  O  O   . GLY   A 1 49  ? -9.573  -12.662 9.463   1.000 18.716 0 49  GLY   A O   1 ? 
ATOM   396  N  N   . SER   A 1 50  ? -9.641  -12.677 7.210   1.000 15.132 0 50  SER   A N   1 ? 
ATOM   397  C  CA  . SER   A 1 50  ? -8.381  -11.976 7.092   1.000 13.592 0 50  SER   A CA  1 ? 
ATOM   398  C  C   . SER   A 1 50  ? -8.612  -10.490 7.374   1.000 13.142 0 50  SER   A C   1 ? 
ATOM   399  O  O   . SER   A 1 50  ? -9.744  -10.050 7.492   1.000 13.396 0 50  SER   A O   1 ? 
ATOM   400  C  CB  . SER   A 1 50  ? -7.755  -12.185 5.747   1.000 15.818 0 50  SER   A CB  1 ? 
ATOM   401  O  OG  . SER   A 1 50  ? -8.599  -11.627 4.743   1.000 15.907 0 50  SER   A OG  1 ? 
ATOM   402  N  N   . THR   A 1 51  ? -7.506  -9.768  7.571   1.000 11.514 0 51  THR   A N   1 ? 
ATOM   403  C  CA  . THR   A 1 51  ? -7.522  -8.343  7.855   1.000 11.506 0 51  THR   A CA  1 ? 
ATOM   404  C  C   . THR   A 1 51  ? -6.553  -7.656  6.899   1.000 10.793 0 51  THR   A C   1 ? 
ATOM   405  O  O   . THR   A 1 51  ? -5.494  -8.199  6.562   1.000 11.171 0 51  THR   A O   1 ? 
ATOM   406  C  CB  . THR   A 1 51  ? -7.138  -8.102  9.320   1.000 11.392 0 51  THR   A CB  1 ? 
ATOM   407  O  OG1 . THR   A 1 51  ? -7.971  -8.897  10.146  1.000 12.660 0 51  THR   A OG1 1 ? 
ATOM   408  C  CG2 . THR   A 1 51  ? -7.288  -6.674  9.812   1.000 11.888 0 51  THR   A CG2 1 ? 
ATOM   409  N  N   . ASP   A 1 52  ? -6.884  -6.405  6.567   1.000 10.568 0 52  ASP   A N   1 ? 
ATOM   410  C  CA  . ASP   A 1 52  ? -6.016  -5.571  5.752   1.000 11.104 0 52  ASP   A CA  1 ? 
ATOM   411  C  C   . ASP   A 1 52  ? -5.388  -4.515  6.647   1.000 11.103 0 52  ASP   A C   1 ? 
ATOM   412  O  O   . ASP   A 1 52  ? -6.090  -3.944  7.493   1.000 10.826 0 52  ASP   A O   1 ? 
ATOM   413  C  CB  . ASP   A 1 52  ? -6.800  -4.847  4.665   1.000 13.215 0 52  ASP   A CB  1 ? 
ATOM   414  C  CG  . ASP   A 1 52  ? -7.465  -5.744  3.655   1.000 16.132 0 52  ASP   A CG  1 ? 
ATOM   415  O  OD1 . ASP   A 1 52  ? -6.988  -6.887  3.444   1.000 16.149 0 52  ASP   A OD1 1 ? 
ATOM   416  O  OD2 . ASP   A 1 52  ? -8.490  -5.262  3.091   1.000 22.212 0 52  ASP   A OD2 1 ? 
ATOM   417  N  N   . TYR   A 1 53  ? -4.093  -4.241  6.441   1.000 10.396 0 53  TYR   A N   1 ? 
ATOM   418  C  CA  . TYR   A 1 53  ? -3.357  -3.393  7.369   1.000 10.480 0 53  TYR   A CA  1 ? 
ATOM   419  C  C   . TYR   A 1 53  ? -2.584  -2.286  6.678   1.000 10.568 0 53  TYR   A C   1 ? 
ATOM   420  O  O   . TYR   A 1 53  ? -1.882  -2.516  5.704   1.000 10.316 0 53  TYR   A O   1 ? 
ATOM   421  C  CB  . TYR   A 1 53  ? -2.297  -4.220  8.096   1.000 10.676 0 53  TYR   A CB  1 ? 
ATOM   422  C  CG  . TYR   A 1 53  ? -2.836  -5.310  8.995   1.000 10.442 0 53  TYR   A CG  1 ? 
ATOM   423  C  CD1 . TYR   A 1 53  ? -3.207  -6.538  8.493   1.000 10.889 0 53  TYR   A CD1 1 ? 
ATOM   424  C  CD2 . TYR   A 1 53  ? -3.018  -5.087  10.342  1.000 11.397 0 53  TYR   A CD2 1 ? 
ATOM   425  C  CE1 . TYR   A 1 53  ? -3.700  -7.538  9.311   1.000 10.817 0 53  TYR   A CE1 1 ? 
ATOM   426  C  CE2 . TYR   A 1 53  ? -3.482  -6.081  11.179  1.000 11.963 0 53  TYR   A CE2 1 ? 
ATOM   427  C  CZ  . TYR   A 1 53  ? -3.829  -7.310  10.660  1.000 11.278 0 53  TYR   A CZ  1 ? 
ATOM   428  O  OH  . TYR   A 1 53  ? -4.362  -8.286  11.510  1.000 12.772 0 53  TYR   A OH  1 ? 
ATOM   429  N  N   . GLY   A 1 54  ? -2.672  -1.088  7.252   1.000 10.737 0 54  GLY   A N   1 ? 
ATOM   430  C  CA  . GLY   A 1 54  ? -1.746  -0.035  6.904   1.000 10.399 0 54  GLY   A CA  1 ? 
ATOM   431  C  C   . GLY   A 1 54  ? -2.190  0.823   5.721   1.000 11.919 0 54  GLY   A C   1 ? 
ATOM   432  O  O   . GLY   A 1 54  ? -3.289  0.735   5.203   1.000 10.727 0 54  GLY   A O   1 ? 
ATOM   433  N  N   . ILE   A 1 55  ? -1.256  1.682   5.318   1.000 13.426 0 55  ILE   A N   1 ? 
ATOM   434  C  CA  . ILE   A 1 55  ? -1.511  2.712   4.339   1.000 15.131 0 55  ILE   A CA  1 ? 
ATOM   435  C  C   . ILE   A 1 55  ? -1.890  2.129   2.974   1.000 13.629 0 55  ILE   A C   1 ? 
ATOM   436  O  O   . ILE   A 1 55  ? -2.640  2.771   2.235   1.000 12.747 0 55  ILE   A O   1 ? 
ATOM   437  C  CB  . ILE   A 1 55  ? -0.305  3.677   4.368   1.000 19.632 0 55  ILE   A CB  1 ? 
ATOM   438  C  CG1 . ILE   A 1 55  ? -0.714  5.075   3.883   1.000 20.843 0 55  ILE   A CG1 1 ? 
ATOM   439  C  CG2 . ILE   A 1 55  ? 0.886   3.051   3.646   1.000 16.572 0 55  ILE   A CG2 1 ? 
ATOM   440  C  CD1 . ILE   A 1 55  ? 0.076   6.235   4.442   1.000 22.768 0 55  ILE   A CD1 1 ? 
ATOM   441  N  N   . LEU   A 1 56  ? -1.464  0.886   2.660   1.000 12.559 0 56  LEU   A N   1 ? 
ATOM   442  C  CA  . LEU   A 1 56  ? -1.863  0.208   1.427   1.000 13.601 0 56  LEU   A CA  1 ? 
ATOM   443  C  C   . LEU   A 1 56  ? -2.676  -1.057  1.711   1.000 13.530 0 56  LEU   A C   1 ? 
ATOM   444  O  O   . LEU   A 1 56  ? -2.853  -1.879  0.838   1.000 13.406 0 56  LEU   A O   1 ? 
ATOM   445  C  CB  . LEU   A 1 56  ? -0.629  -0.148  0.593   1.000 13.700 0 56  LEU   A CB  1 ? 
ATOM   446  C  CG  . LEU   A 1 56  ? 0.046   1.050   -0.061  1.000 15.355 0 56  LEU   A CG  1 ? 
ATOM   447  C  CD1 . LEU   A 1 56  ? 1.460   0.699   -0.499  1.000 15.987 0 56  LEU   A CD1 1 ? 
ATOM   448  C  CD2 . LEU   A 1 56  ? -0.795  1.538   -1.245  1.000 15.854 0 56  LEU   A CD2 1 ? 
ATOM   449  N  N   . GLN   A 1 57  ? -3.223  -1.200  2.934   1.000 11.318 0 57  GLN   A N   1 ? 
ATOM   450  C  CA  . GLN   A 1 57  ? -4.217  -2.227  3.216   1.000 11.789 0 57  GLN   A CA  1 ? 
ATOM   451  C  C   . GLN   A 1 57  ? -3.779  -3.609  2.720   1.000 11.571 0 57  GLN   A C   1 ? 
ATOM   452  O  O   . GLN   A 1 57  ? -4.487  -4.286  1.991   1.000 14.132 0 57  GLN   A O   1 ? 
ATOM   453  C  CB  . GLN   A 1 57  ? -5.577  -1.795  2.683   1.000 13.140 0 57  GLN   A CB  1 ? 
ATOM   454  C  CG  . GLN   A 1 57  ? -6.157  -0.639  3.461   1.000 12.233 0 57  GLN   A CG  1 ? 
ATOM   455  C  CD  . GLN   A 1 57  ? -6.572  -1.059  4.847   1.000 12.518 0 57  GLN   A CD  1 ? 
ATOM   456  O  OE1 . GLN   A 1 57  ? -7.647  -1.625  5.031   1.000 13.246 0 57  GLN   A OE1 1 ? 
ATOM   457  N  NE2 . GLN   A 1 57  ? -5.730  -0.785  5.831   1.000 12.123 0 57  GLN   A NE2 1 ? 
ATOM   458  N  N   . ILE   A 1 58  ? -2.623  -4.031  3.194   1.000 12.059 0 58  ILE   A N   1 ? 
ATOM   459  C  CA  . ILE   A 1 58  ? -2.051  -5.319  2.835   1.000 13.050 0 58  ILE   A CA  1 ? 
ATOM   460  C  C   . ILE   A 1 58  ? -2.715  -6.411  3.661   1.000 13.320 0 58  ILE   A C   1 ? 
ATOM   461  O  O   . ILE   A 1 58  ? -2.855  -6.276  4.882   1.000 12.462 0 58  ILE   A O   1 ? 
ATOM   462  C  CB  . ILE   A 1 58  ? -0.519  -5.210  3.004   1.000 13.451 0 58  ILE   A CB  1 ? 
ATOM   463  C  CG1 . ILE   A 1 58  ? 0.003   -4.289  1.897   1.000 14.296 0 58  ILE   A CG1 1 ? 
ATOM   464  C  CG2 . ILE   A 1 58  ? 0.204   -6.558  3.008   1.000 13.912 0 58  ILE   A CG2 1 ? 
ATOM   465  C  CD1 . ILE   A 1 58  ? 1.437   -3.858  2.046   1.000 17.075 0 58  ILE   A CD1 1 ? 
ATOM   466  N  N   . ASN   A 1 59  ? -3.067  -7.516  2.982   1.000 12.729 0 59  ASN   A N   1 ? 
ATOM   467  C  CA  . ASN   A 1 59  ? -3.977  -8.547  3.464   1.000 13.979 0 59  ASN   A CA  1 ? 
ATOM   468  C  C   . ASN   A 1 59  ? -3.192  -9.680  4.155   1.000 13.697 0 59  ASN   A C   1 ? 
ATOM   469  O  O   . ASN   A 1 59  ? -2.240  -10.201 3.592   1.000 14.918 0 59  ASN   A O   1 ? 
ATOM   470  C  CB  . ASN   A 1 59  ? -4.780  -9.114  2.271   1.000 16.106 0 59  ASN   A CB  1 ? 
ATOM   471  C  CG  A ASN   A 1 59  ? -6.006  -9.956  2.576   0.600 18.909 0 59  ASN   A CG  1 ? 
ATOM   472  C  CG  B ASN   A 1 59  ? -5.961  -9.986  2.657   0.400 18.005 0 59  ASN   A CG  1 ? 
ATOM   473  O  OD1 A ASN   A 1 59  ? -6.053  -10.735 3.535   0.600 18.898 0 59  ASN   A OD1 1 ? 
ATOM   474  O  OD1 B ASN   A 1 59  ? -6.247  -10.205 3.843   0.400 18.799 0 59  ASN   A OD1 1 ? 
ATOM   475  N  ND2 A ASN   A 1 59  ? -7.034  -9.801  1.749   0.600 22.767 0 59  ASN   A ND2 1 ? 
ATOM   476  N  ND2 B ASN   A 1 59  ? -6.649  -10.515 1.655   0.400 19.289 0 59  ASN   A ND2 1 ? 
ATOM   477  N  N   . SER   A 1 60  ? -3.605  -10.056 5.370   1.000 12.850 0 60  SER   A N   1 ? 
ATOM   478  C  CA  . SER   A 1 60  ? -3.020  -11.162 6.119   1.000 12.352 0 60  SER   A CA  1 ? 
ATOM   479  C  C   . SER   A 1 60  ? -3.307  -12.526 5.513   1.000 15.139 0 60  SER   A C   1 ? 
ATOM   480  O  O   . SER   A 1 60  ? -2.716  -13.517 5.968   1.000 15.762 0 60  SER   A O   1 ? 
ATOM   481  C  CB  . SER   A 1 60  ? -3.522  -11.149 7.503   1.000 11.836 0 60  SER   A CB  1 ? 
ATOM   482  O  OG  . SER   A 1 60  ? -4.924  -11.402 7.520   1.000 11.365 0 60  SER   A OG  1 ? 
ATOM   483  N  N   . ARG   A 1 61  ? -4.201  -12.604 4.524   1.000 16.316 0 61  ARG   A N   1 ? 
ATOM   484  C  CA  . ARG   A 1 61  ? -4.440  -13.882 3.842   1.000 18.456 0 61  ARG   A CA  1 ? 
ATOM   485  C  C   . ARG   A 1 61  ? -3.152  -14.414 3.207   1.000 18.507 0 61  ARG   A C   1 ? 
ATOM   486  O  O   . ARG   A 1 61  ? -2.955  -15.623 3.131   1.000 20.018 0 61  ARG   A O   1 ? 
ATOM   487  C  CB  . ARG   A 1 61  ? -5.538  -13.711 2.788   1.000 21.522 0 61  ARG   A CB  1 ? 
ATOM   488  C  CG  . ARG   A 1 61  ? -5.832  -14.956 1.956   1.000 26.388 0 61  ARG   A CG  1 ? 
ATOM   489  C  CD  . ARG   A 1 61  ? -6.314  -16.140 2.757   1.000 32.677 0 61  ARG   A CD  1 ? 
ATOM   490  N  NE  . ARG   A 1 61  ? -7.505  -15.846 3.545   1.000 35.650 0 61  ARG   A NE  1 ? 
ATOM   491  C  CZ  . ARG   A 1 61  ? -7.860  -16.512 4.641   1.000 38.619 0 61  ARG   A CZ  1 ? 
ATOM   492  N  NH1 . ARG   A 1 61  ? -7.146  -17.554 5.048   1.000 42.096 0 61  ARG   A NH1 1 ? 
ATOM   493  N  NH2 . ARG   A 1 61  ? -8.917  -16.117 5.332   1.000 36.910 0 61  ARG   A NH2 1 ? 
ATOM   494  N  N   . TRP   A 1 62  ? -2.313  -13.517 2.688   1.000 17.192 0 62  TRP   A N   1 ? 
ATOM   495  C  CA  . TRP   A 1 62  ? -1.147  -13.871 1.875   1.000 18.500 0 62  TRP   A CA  1 ? 
ATOM   496  C  C   . TRP   A 1 62  ? 0.141   -13.278 2.431   1.000 17.533 0 62  TRP   A C   1 ? 
ATOM   497  O  O   . TRP   A 1 62  ? 1.168   -13.897 2.295   1.000 18.036 0 62  TRP   A O   1 ? 
ATOM   498  C  CB  . TRP   A 1 62  ? -1.296  -13.431 0.404   1.000 20.212 0 62  TRP   A CB  1 ? 
ATOM   499  C  CG  . TRP   A 1 62  ? -2.460  -14.068 -0.305  1.000 25.003 0 62  TRP   A CG  1 ? 
ATOM   500  C  CD1 . TRP   A 1 62  ? -3.643  -13.480 -0.629  1.000 25.196 0 62  TRP   A CD1 1 ? 
ATOM   501  C  CD2 . TRP   A 1 62  ? -2.562  -15.439 -0.745  1.000 28.874 0 62  TRP   A CD2 1 ? 
ATOM   502  N  NE1 . TRP   A 1 62  ? -4.486  -14.390 -1.206  1.000 28.559 0 62  TRP   A NE1 1 ? 
ATOM   503  C  CE2 . TRP   A 1 62  ? -3.843  -15.592 -1.311  1.000 30.369 0 62  TRP   A CE2 1 ? 
ATOM   504  C  CE3 . TRP   A 1 62  ? -1.706  -16.544 -0.697  1.000 33.866 0 62  TRP   A CE3 1 ? 
ATOM   505  C  CZ2 . TRP   A 1 62  ? -4.290  -16.810 -1.829  1.000 35.721 0 62  TRP   A CZ2 1 ? 
ATOM   506  C  CZ3 . TRP   A 1 62  ? -2.136  -17.747 -1.222  1.000 35.592 0 62  TRP   A CZ3 1 ? 
ATOM   507  C  CH2 . TRP   A 1 62  ? -3.411  -17.873 -1.778  1.000 35.844 0 62  TRP   A CH2 1 ? 
ATOM   508  N  N   . TRP   A 1 63  ? 0.128   -12.038 2.958   1.000 13.958 0 63  TRP   A N   1 ? 
ATOM   509  C  CA  . TRP   A 1 63  ? 1.340   -11.248 2.959   1.000 13.444 0 63  TRP   A CA  1 ? 
ATOM   510  C  C   . TRP   A 1 63  ? 1.998   -11.016 4.303   1.000 12.889 0 63  TRP   A C   1 ? 
ATOM   511  O  O   . TRP   A 1 63  ? 3.187   -10.714 4.322   1.000 13.896 0 63  TRP   A O   1 ? 
ATOM   512  C  CB  . TRP   A 1 63  ? 1.050   -9.900  2.301   1.000 14.860 0 63  TRP   A CB  1 ? 
ATOM   513  C  CG  . TRP   A 1 63  ? 0.541   -10.060 0.905   1.000 14.712 0 63  TRP   A CG  1 ? 
ATOM   514  C  CD1 . TRP   A 1 63  ? -0.733  -9.836  0.494   1.000 16.637 0 63  TRP   A CD1 1 ? 
ATOM   515  C  CD2 . TRP   A 1 63  ? 1.272   -10.549 -0.238  1.000 15.955 0 63  TRP   A CD2 1 ? 
ATOM   516  N  NE1 . TRP   A 1 63  ? -0.840  -10.126 -0.836  1.000 18.852 0 63  TRP   A NE1 1 ? 
ATOM   517  C  CE2 . TRP   A 1 63  ? 0.361   -10.585 -1.307  1.000 16.431 0 63  TRP   A CE2 1 ? 
ATOM   518  C  CE3 . TRP   A 1 63  ? 2.592   -10.952 -0.447  1.000 16.491 0 63  TRP   A CE3 1 ? 
ATOM   519  C  CZ2 . TRP   A 1 63  ? 0.752   -10.971 -2.594  1.000 18.095 0 63  TRP   A CZ2 1 ? 
ATOM   520  C  CZ3 . TRP   A 1 63  ? 2.978   -11.357 -1.708  1.000 16.240 0 63  TRP   A CZ3 1 ? 
ATOM   521  C  CH2 . TRP   A 1 63  ? 2.053   -11.383 -2.762  1.000 17.081 0 63  TRP   A CH2 1 ? 
ATOM   522  N  N   . CYS   A 1 64  ? 1.241   -11.157 5.384   1.000 13.911 0 64  CYS   A N   1 ? 
ATOM   523  C  CA  . CYS   A 1 64  ? 1.754   -10.901 6.721   1.000 13.573 0 64  CYS   A CA  1 ? 
ATOM   524  C  C   . CYS   A 1 64  ? 1.092   -11.864 7.700   1.000 12.977 0 64  CYS   A C   1 ? 
ATOM   525  O  O   . CYS   A 1 64  ? 0.048   -12.438 7.412   1.000 14.086 0 64  CYS   A O   1 ? 
ATOM   526  C  CB  . CYS   A 1 64  ? 1.590   -9.437  7.135   1.000 13.242 0 64  CYS   A CB  1 ? 
ATOM   527  S  SG  . CYS   A 1 64  ? -0.145  -8.885  7.264   1.000 13.837 0 64  CYS   A SG  1 ? 
ATOM   528  N  N   . ASN   A 1 65  ? 1.759   -12.045 8.843   1.000 13.118 0 65  ASN   A N   1 ? 
ATOM   529  C  CA  . ASN   A 1 65  ? 1.234   -12.845 9.930   1.000 13.046 0 65  ASN   A CA  1 ? 
ATOM   530  C  C   . ASN   A 1 65  ? 0.574   -11.969 10.994  1.000 11.765 0 65  ASN   A C   1 ? 
ATOM   531  O  O   . ASN   A 1 65  ? 1.242   -11.135 11.586  1.000 11.835 0 65  ASN   A O   1 ? 
ATOM   532  C  CB  . ASN   A 1 65  ? 2.321   -13.686 10.602  1.000 14.128 0 65  ASN   A CB  1 ? 
ATOM   533  C  CG  . ASN   A 1 65  ? 1.743   -14.513 11.746  1.000 14.473 0 65  ASN   A CG  1 ? 
ATOM   534  O  OD1 . ASN   A 1 65  ? 0.756   -15.224 11.572  1.000 16.132 0 65  ASN   A OD1 1 ? 
ATOM   535  N  ND2 . ASN   A 1 65  ? 2.268   -14.301 12.942  1.000 15.374 0 65  ASN   A ND2 1 ? 
ATOM   536  N  N   . ASP   A 1 66  ? -0.680  -12.287 11.322  1.000 12.217 0 66  ASP   A N   1 ? 
ATOM   537  C  CA  . ASP   A 1 66  ? -1.395  -11.729 12.463  1.000 12.238 0 66  ASP   A CA  1 ? 
ATOM   538  C  C   . ASP   A 1 66  ? -1.863  -12.780 13.481  1.000 14.422 0 66  ASP   A C   1 ? 
ATOM   539  O  O   . ASP   A 1 66  ? -2.559  -12.429 14.410  1.000 14.520 0 66  ASP   A O   1 ? 
ATOM   540  C  CB  . ASP   A 1 66  ? -2.536  -10.846 11.984  1.000 12.868 0 66  ASP   A CB  1 ? 
ATOM   541  C  CG  . ASP   A 1 66  ? -3.692  -11.542 11.299  1.000 12.377 0 66  ASP   A CG  1 ? 
ATOM   542  O  OD1 . ASP   A 1 66  ? -3.702  -12.831 11.217  1.000 14.031 0 66  ASP   A OD1 1 ? 
ATOM   543  O  OD2 . ASP   A 1 66  ? -4.590  -10.805 10.810  1.000 14.330 0 66  ASP   A OD2 1 ? 
ATOM   544  N  N   . GLY   A 1 67  ? -1.548  -14.063 13.286  1.000 14.040 0 67  GLY   A N   1 ? 
ATOM   545  C  CA  . GLY   A 1 67  ? -1.915  -15.101 14.255  1.000 15.474 0 67  GLY   A CA  1 ? 
ATOM   546  C  C   . GLY   A 1 67  ? -3.402  -15.453 14.279  1.000 18.976 0 67  GLY   A C   1 ? 
ATOM   547  O  O   . GLY   A 1 67  ? -3.823  -16.263 15.098  1.000 18.535 0 67  GLY   A O   1 ? 
ATOM   548  N  N   . ARG   A 1 68  ? -4.238  -14.832 13.432  1.000 16.840 0 68  ARG   A N   1 ? 
ATOM   549  C  CA  . ARG   A 1 68  ? -5.673  -15.079 13.497  1.000 17.101 0 68  ARG   A CA  1 ? 
ATOM   550  C  C   . ARG   A 1 68  ? -6.274  -15.190 12.102  1.000 17.420 0 68  ARG   A C   1 ? 
ATOM   551  O  O   . ARG   A 1 68  ? -7.450  -14.862 11.951  1.000 20.236 0 68  ARG   A O   1 ? 
ATOM   552  C  CB  . ARG   A 1 68  ? -6.433  -13.997 14.298  1.000 18.119 0 68  ARG   A CB  1 ? 
ATOM   553  C  CG  . ARG   A 1 68  ? -6.198  -12.558 13.842  1.000 18.673 0 68  ARG   A CG  1 ? 
ATOM   554  C  CD  . ARG   A 1 68  ? -7.367  -11.631 14.148  1.000 21.740 0 68  ARG   A CD  1 ? 
ATOM   555  N  NE  . ARG   A 1 68  ? -8.425  -11.827 13.162  1.000 23.633 0 68  ARG   A NE  1 ? 
ATOM   556  C  CZ  . ARG   A 1 68  ? -9.681  -12.225 13.393  1.000 24.612 0 68  ARG   A CZ  1 ? 
ATOM   557  N  NH1 . ARG   A 1 68  ? -10.193 -12.221 14.614  1.000 25.451 0 68  ARG   A NH1 1 ? 
ATOM   558  N  NH2 . ARG   A 1 68  ? -10.444 -12.604 12.372  1.000 22.219 0 68  ARG   A NH2 1 ? 
ATOM   559  N  N   . THR   A 1 69  ? -5.501  -15.641 11.104  1.000 14.982 0 69  THR   A N   1 ? 
ATOM   560  C  CA  . THR   A 1 69  ? -6.021  -15.878 9.780   1.000 15.982 0 69  THR   A CA  1 ? 
ATOM   561  C  C   . THR   A 1 69  ? -5.708  -17.332 9.434   1.000 18.355 0 69  THR   A C   1 ? 
ATOM   562  O  O   . THR   A 1 69  ? -4.721  -17.608 8.773   1.000 20.629 0 69  THR   A O   1 ? 
ATOM   563  C  CB  . THR   A 1 69  ? -5.455  -14.874 8.756   1.000 17.480 0 69  THR   A CB  1 ? 
ATOM   564  O  OG1 . THR   A 1 69  ? -5.538  -13.548 9.297   1.000 15.426 0 69  THR   A OG1 1 ? 
ATOM   565  C  CG2 . THR   A 1 69  ? -6.140  -14.943 7.396   1.000 16.992 0 69  THR   A CG2 1 ? 
ATOM   566  N  N   . PRO   A 1 70  ? -6.506  -18.302 9.917   1.000 19.475 0 70  PRO   A N   1 ? 
ATOM   567  C  CA  . PRO   A 1 70  ? -6.178  -19.720 9.704   1.000 19.703 0 70  PRO   A CA  1 ? 
ATOM   568  C  C   . PRO   A 1 70  ? -5.949  -20.067 8.244   1.000 21.993 0 70  PRO   A C   1 ? 
ATOM   569  O  O   . PRO   A 1 70  ? -6.691  -19.640 7.366   1.000 23.983 0 70  PRO   A O   1 ? 
ATOM   570  C  CB  . PRO   A 1 70  ? -7.360  -20.512 10.277  1.000 21.539 0 70  PRO   A CB  1 ? 
ATOM   571  C  CG  . PRO   A 1 70  ? -8.359  -19.502 10.780  1.000 22.166 0 70  PRO   A CG  1 ? 
ATOM   572  C  CD  . PRO   A 1 70  ? -7.750  -18.122 10.663  1.000 20.829 0 70  PRO   A CD  1 ? 
ATOM   573  N  N   . GLY   A 1 71  ? -4.876  -20.831 8.006   1.000 23.630 0 71  GLY   A N   1 ? 
ATOM   574  C  CA  . GLY   A 1 71  ? -4.579  -21.352 6.684   1.000 23.586 0 71  GLY   A CA  1 ? 
ATOM   575  C  C   . GLY   A 1 71  ? -3.864  -20.352 5.777   1.000 25.072 0 71  GLY   A C   1 ? 
ATOM   576  O  O   . GLY   A 1 71  ? -3.689  -20.623 4.585   1.000 26.976 0 71  GLY   A O   1 ? 
ATOM   577  N  N   . SER   A 1 72  ? -3.467  -19.189 6.331   1.000 22.821 0 72  SER   A N   1 ? 
ATOM   578  C  CA  . SER   A 1 72  ? -2.899  -18.112 5.533   1.000 21.121 0 72  SER   A CA  1 ? 
ATOM   579  C  C   . SER   A 1 72  ? -1.386  -18.261 5.358   1.000 20.728 0 72  SER   A C   1 ? 
ATOM   580  O  O   . SER   A 1 72  ? -0.744  -19.058 6.032   1.000 22.246 0 72  SER   A O   1 ? 
ATOM   581  C  CB  . SER   A 1 72  ? -3.248  -16.781 6.175   1.000 20.582 0 72  SER   A CB  1 ? 
ATOM   582  O  OG  . SER   A 1 72  ? -2.457  -16.575 7.319   1.000 18.991 0 72  SER   A OG  1 ? 
ATOM   583  N  N   . ARG   A 1 73  ? -0.826  -17.440 4.461   1.000 20.712 0 73  ARG   A N   1 ? 
ATOM   584  C  CA  . ARG   A 1 73  ? 0.602   -17.348 4.254   1.000 22.346 0 73  ARG   A CA  1 ? 
ATOM   585  C  C   . ARG   A 1 73  ? 1.119   -16.017 4.814   1.000 22.127 0 73  ARG   A C   1 ? 
ATOM   586  O  O   . ARG   A 1 73  ? 0.347   -15.116 5.151   1.000 20.567 0 73  ARG   A O   1 ? 
ATOM   587  C  CB  . ARG   A 1 73  ? 0.900   -17.491 2.752   1.000 26.587 0 73  ARG   A CB  1 ? 
ATOM   588  C  CG  . ARG   A 1 73  ? 0.701   -18.900 2.186   1.000 32.348 0 73  ARG   A CG  1 ? 
ATOM   589  C  CD  . ARG   A 1 73  ? 1.806   -19.885 2.569   1.000 38.430 0 73  ARG   A CD  1 ? 
ATOM   590  N  NE  . ARG   A 1 73  ? 2.394   -20.710 1.496   1.000 46.937 0 73  ARG   A NE  1 ? 
ATOM   591  C  CZ  . ARG   A 1 73  ? 3.101   -20.254 0.451   1.000 54.713 0 73  ARG   A CZ  1 ? 
ATOM   592  N  NH1 . ARG   A 1 73  ? 2.851   -19.053 -0.046  1.000 62.207 0 73  ARG   A NH1 1 ? 
ATOM   593  N  NH2 . ARG   A 1 73  ? 4.004   -21.025 -0.148  1.000 48.034 0 73  ARG   A NH2 1 ? 
ATOM   594  N  N   . ASN   A 1 74  ? 2.446   -15.895 4.841   1.000 19.030 0 74  ASN   A N   1 ? 
ATOM   595  C  CA  . ASN   A 1 74  ? 3.132   -14.697 5.303   1.000 18.350 0 74  ASN   A CA  1 ? 
ATOM   596  C  C   . ASN   A 1 74  ? 4.263   -14.390 4.323   1.000 17.705 0 74  ASN   A C   1 ? 
ATOM   597  O  O   . ASN   A 1 74  ? 5.447   -14.514 4.639   1.000 18.406 0 74  ASN   A O   1 ? 
ATOM   598  C  CB  . ASN   A 1 74  ? 3.639   -14.877 6.736   1.000 17.653 0 74  ASN   A CB  1 ? 
ATOM   599  C  CG  . ASN   A 1 74  ? 4.433   -13.700 7.279   1.000 16.913 0 74  ASN   A CG  1 ? 
ATOM   600  O  OD1 . ASN   A 1 74  ? 4.472   -12.611 6.698   1.000 16.470 0 74  ASN   A OD1 1 ? 
ATOM   601  N  ND2 . ASN   A 1 74  ? 5.073   -13.908 8.417   1.000 19.245 0 74  ASN   A ND2 1 ? 
ATOM   602  N  N   . LEU   A 1 75  ? 3.885   -13.989 3.106   1.000 16.988 0 75  LEU   A N   1 ? 
ATOM   603  C  CA  . LEU   A 1 75  ? 4.849   -13.967 2.011   1.000 18.747 0 75  LEU   A CA  1 ? 
ATOM   604  C  C   . LEU   A 1 75  ? 5.839   -12.804 2.168   1.000 21.185 0 75  LEU   A C   1 ? 
ATOM   605  O  O   . LEU   A 1 75  ? 6.957   -12.878 1.666   1.000 21.165 0 75  LEU   A O   1 ? 
ATOM   606  C  CB  . LEU   A 1 75  ? 4.133   -13.939 0.661   1.000 20.953 0 75  LEU   A CB  1 ? 
ATOM   607  C  CG  . LEU   A 1 75  ? 3.303   -15.173 0.321   1.000 23.754 0 75  LEU   A CG  1 ? 
ATOM   608  C  CD1 . LEU   A 1 75  ? 2.484   -14.966 -0.951  1.000 26.133 0 75  LEU   A CD1 1 ? 
ATOM   609  C  CD2 . LEU   A 1 75  ? 4.208   -16.399 0.217   1.000 27.478 0 75  LEU   A CD2 1 ? 
ATOM   610  N  N   . CYS   A 1 76  ? 5.476   -11.741 2.909   1.000 17.654 0 76  CYS   A N   1 ? 
ATOM   611  C  CA  . CYS   A 1 76  ? 6.421   -10.686 3.204   1.000 18.186 0 76  CYS   A CA  1 ? 
ATOM   612  C  C   . CYS   A 1 76  ? 7.285   -10.964 4.444   1.000 18.031 0 76  CYS   A C   1 ? 
ATOM   613  O  O   . CYS   A 1 76  ? 8.143   -10.152 4.776   1.000 17.081 0 76  CYS   A O   1 ? 
ATOM   614  C  CB  . CYS   A 1 76  ? 5.682   -9.352  3.326   1.000 17.259 0 76  CYS   A CB  1 ? 
ATOM   615  S  SG  . CYS   A 1 76  ? 5.016   -8.812  1.724   1.000 17.104 0 76  CYS   A SG  1 ? 
ATOM   616  N  N   . ASN   A 1 77  ? 7.037   -12.082 5.147   1.000 17.564 0 77  ASN   A N   1 ? 
ATOM   617  C  CA  . ASN   A 1 77  ? 7.822   -12.479 6.319   1.000 19.307 0 77  ASN   A CA  1 ? 
ATOM   618  C  C   . ASN   A 1 77  ? 7.870   -11.366 7.368   1.000 19.659 0 77  ASN   A C   1 ? 
ATOM   619  O  O   . ASN   A 1 77  ? 8.933   -10.966 7.851   1.000 21.089 0 77  ASN   A O   1 ? 
ATOM   620  C  CB  . ASN   A 1 77  ? 9.233   -12.892 5.908   1.000 20.829 0 77  ASN   A CB  1 ? 
ATOM   621  C  CG  . ASN   A 1 77  ? 9.157   -14.077 4.981   1.000 23.767 0 77  ASN   A CG  1 ? 
ATOM   622  O  OD1 . ASN   A 1 77  ? 8.597   -15.111 5.350   1.000 27.824 0 77  ASN   A OD1 1 ? 
ATOM   623  N  ND2 . ASN   A 1 77  ? 9.634   -13.907 3.757   1.000 32.298 0 77  ASN   A ND2 1 ? 
ATOM   624  N  N   . ILE   A 1 78  ? 6.681   -10.848 7.714   1.000 18.052 0 78  ILE   A N   1 ? 
ATOM   625  C  CA  . ILE   A 1 78  ? 6.563   -9.800  8.700   1.000 17.537 0 78  ILE   A CA  1 ? 
ATOM   626  C  C   . ILE   A 1 78  ? 5.275   -9.983  9.495   1.000 15.930 0 78  ILE   A C   1 ? 
ATOM   627  O  O   . ILE   A 1 78  ? 4.265   -10.455 8.945   1.000 15.228 0 78  ILE   A O   1 ? 
ATOM   628  C  CB  . ILE   A 1 78  ? 6.553   -8.415  8.033   1.000 20.684 0 78  ILE   A CB  1 ? 
ATOM   629  C  CG1 . ILE   A 1 78  ? 5.519   -8.336  6.910   1.000 19.737 0 78  ILE   A CG1 1 ? 
ATOM   630  C  CG2 . ILE   A 1 78  ? 7.933   -8.015  7.560   1.000 24.696 0 78  ILE   A CG2 1 ? 
ATOM   631  C  CD1 . ILE   A 1 78  ? 5.004   -6.923  6.644   1.000 22.577 0 78  ILE   A CD1 1 ? 
ATOM   632  N  N   . PRO   A 1 79  ? 5.265   -9.529  10.772  1.000 15.416 0 79  PRO   A N   1 ? 
ATOM   633  C  CA  . PRO   A 1 79  ? 4.030   -9.394  11.521  1.000 14.323 0 79  PRO   A CA  1 ? 
ATOM   634  C  C   . PRO   A 1 79  ? 3.211   -8.300  10.840  1.000 14.078 0 79  PRO   A C   1 ? 
ATOM   635  O  O   . PRO   A 1 79  ? 3.754   -7.262  10.448  1.000 12.889 0 79  PRO   A O   1 ? 
ATOM   636  C  CB  . PRO   A 1 79  ? 4.454   -9.001  12.941  1.000 14.789 0 79  PRO   A CB  1 ? 
ATOM   637  C  CG  . PRO   A 1 79  ? 5.814   -8.377  12.766  1.000 16.538 0 79  PRO   A CG  1 ? 
ATOM   638  C  CD  . PRO   A 1 79  ? 6.424   -9.023  11.536  1.000 17.591 0 79  PRO   A CD  1 ? 
ATOM   639  N  N   . CYS   A 1 80  ? 1.890   -8.491  10.805  1.000 12.212 0 80  CYS   A N   1 ? 
ATOM   640  C  CA  . CYS   A 1 80  ? 1.022   -7.474  10.256  1.000 12.998 0 80  CYS   A CA  1 ? 
ATOM   641  C  C   . CYS   A 1 80  ? 1.138   -6.151  11.018  1.000 12.246 0 80  CYS   A C   1 ? 
ATOM   642  O  O   . CYS   A 1 80  ? 0.997   -5.080  10.406  1.000 12.512 0 80  CYS   A O   1 ? 
ATOM   643  C  CB  . CYS   A 1 80  ? -0.420  -7.949  10.204  1.000 11.895 0 80  CYS   A CB  1 ? 
ATOM   644  S  SG  . CYS   A 1 80  ? -0.672  -9.425  9.177   1.000 13.007 0 80  CYS   A SG  1 ? 
ATOM   645  N  N   . SER   A 1 81  ? 1.415   -6.185  12.334  1.000 12.646 0 81  SER   A N   1 ? 
ATOM   646  C  CA  . SER   A 1 81  ? 1.606   -4.974  13.124  1.000 13.065 0 81  SER   A CA  1 ? 
ATOM   647  C  C   . SER   A 1 81  ? 2.670   -4.051  12.529  1.000 13.135 0 81  SER   A C   1 ? 
ATOM   648  O  O   . SER   A 1 81  ? 2.603   -2.828  12.714  1.000 14.084 0 81  SER   A O   1 ? 
ATOM   649  C  CB  . SER   A 1 81  ? 1.928   -5.306  14.572  1.000 14.688 0 81  SER   A CB  1 ? 
ATOM   650  O  OG  . SER   A 1 81  ? 3.138   -6.064  14.641  1.000 15.469 0 81  SER   A OG  1 ? 
ATOM   651  N  N   . ALA   A 1 82  ? 3.686   -4.626  11.870  1.000 12.869 0 82  ALA   A N   1 ? 
ATOM   652  C  CA  . ALA   A 1 82  ? 4.731   -3.793  11.291  1.000 13.883 0 82  ALA   A CA  1 ? 
ATOM   653  C  C   . ALA   A 1 82  ? 4.183   -2.877  10.204  1.000 13.772 0 82  ALA   A C   1 ? 
ATOM   654  O  O   . ALA   A 1 82  ? 4.795   -1.853  9.870   1.000 14.001 0 82  ALA   A O   1 ? 
ATOM   655  C  CB  . ALA   A 1 82  ? 5.807   -4.664  10.723  1.000 13.473 0 82  ALA   A CB  1 ? 
ATOM   656  N  N   . LEU   A 1 83  ? 3.063   -3.270  9.581   1.000 12.235 0 83  LEU   A N   1 ? 
ATOM   657  C  CA  . LEU   A 1 83  ? 2.448   -2.491  8.520   1.000 12.934 0 83  LEU   A CA  1 ? 
ATOM   658  C  C   . LEU   A 1 83  ? 1.626   -1.329  9.074   1.000 13.496 0 83  LEU   A C   1 ? 
ATOM   659  O  O   . LEU   A 1 83  ? 1.010   -0.613  8.278   1.000 13.452 0 83  LEU   A O   1 ? 
ATOM   660  C  CB  . LEU   A 1 83  ? 1.552   -3.421  7.693   1.000 14.069 0 83  LEU   A CB  1 ? 
ATOM   661  C  CG  . LEU   A 1 83  ? 2.278   -4.602  7.056   1.000 15.472 0 83  LEU   A CG  1 ? 
ATOM   662  C  CD1 . LEU   A 1 83  ? 1.288   -5.553  6.431   1.000 15.806 0 83  LEU   A CD1 1 ? 
ATOM   663  C  CD2 . LEU   A 1 83  ? 3.246   -4.088  6.002   1.000 17.425 0 83  LEU   A CD2 1 ? 
ATOM   664  N  N   . LEU   A 1 84  ? 1.582   -1.145  10.406  1.000 12.660 0 84  LEU   A N   1 ? 
ATOM   665  C  CA  . LEU   A 1 84  ? 0.830   -0.040  11.009  1.000 12.772 0 84  LEU   A CA  1 ? 
ATOM   666  C  C   . LEU   A 1 84  ? 1.726   1.078   11.542  1.000 14.560 0 84  LEU   A C   1 ? 
ATOM   667  O  O   . LEU   A 1 84  ? 1.233   2.099   12.027  1.000 15.899 0 84  LEU   A O   1 ? 
ATOM   668  C  CB  . LEU   A 1 84  ? -0.040  -0.567  12.155  1.000 12.674 0 84  LEU   A CB  1 ? 
ATOM   669  C  CG  . LEU   A 1 84  ? -1.079  -1.616  11.770  1.000 13.966 0 84  LEU   A CG  1 ? 
ATOM   670  C  CD1 . LEU   A 1 84  ? -1.939  -1.896  12.965  1.000 15.532 0 84  LEU   A CD1 1 ? 
ATOM   671  C  CD2 . LEU   A 1 84  ? -1.957  -1.173  10.629  1.000 13.908 0 84  LEU   A CD2 1 ? 
ATOM   672  N  N   . SER   A 1 85  ? 3.031   0.876   11.436  1.000 14.218 0 85  SER   A N   1 ? 
ATOM   673  C  CA  . SER   A 1 85  ? 4.017   1.824   11.924  1.000 14.608 0 85  SER   A CA  1 ? 
ATOM   674  C  C   . SER   A 1 85  ? 3.924   3.170   11.202  1.000 15.599 0 85  SER   A C   1 ? 
ATOM   675  O  O   . SER   A 1 85  ? 3.573   3.234   10.030  1.000 14.844 0 85  SER   A O   1 ? 
ATOM   676  C  CB  . SER   A 1 85  ? 5.378   1.232   11.706  1.000 16.020 0 85  SER   A CB  1 ? 
ATOM   677  O  OG  . SER   A 1 85  ? 6.385   2.131   12.137  1.000 19.046 0 85  SER   A OG  1 ? 
ATOM   678  N  N   . SER   A 1 86  ? 4.346   4.238   11.900  1.000 14.955 0 86  SER   A N   1 ? 
ATOM   679  C  CA  . SER   A 1 86  ? 4.491   5.561   11.309  1.000 16.632 0 86  SER   A CA  1 ? 
ATOM   680  C  C   . SER   A 1 86  ? 5.554   5.551   10.212  1.000 17.431 0 86  SER   A C   1 ? 
ATOM   681  O  O   . SER   A 1 86  ? 5.463   6.295   9.260   1.000 18.598 0 86  SER   A O   1 ? 
ATOM   682  C  CB  A SER   A 1 86  ? 4.799   6.582   12.387  0.500 15.997 0 86  SER   A CB  1 ? 
ATOM   683  C  CB  B SER   A 1 86  ? 4.839   6.600   12.351  0.500 18.439 0 86  SER   A CB  1 ? 
ATOM   684  O  OG  A SER   A 1 86  ? 6.022   6.272   13.049  0.500 14.630 0 86  SER   A OG  1 ? 
ATOM   685  O  OG  B SER   A 1 86  ? 3.735   6.887   13.181  0.500 21.674 0 86  SER   A OG  1 ? 
ATOM   686  N  N   . ASP   A 1 87  ? 6.521   4.651   10.335  1.000 16.598 0 87  ASP   A N   1 ? 
ATOM   687  C  CA  . ASP   A 1 87  ? 7.578   4.434   9.374   1.000 16.792 0 87  ASP   A CA  1 ? 
ATOM   688  C  C   . ASP   A 1 87  ? 7.080   3.472   8.298   1.000 16.467 0 87  ASP   A C   1 ? 
ATOM   689  O  O   . ASP   A 1 87  ? 6.803   2.289   8.595   1.000 15.897 0 87  ASP   A O   1 ? 
ATOM   690  C  CB  . ASP   A 1 87  ? 8.778   3.896   10.144  1.000 19.354 0 87  ASP   A CB  1 ? 
ATOM   691  C  CG  . ASP   A 1 87  ? 9.962   3.467   9.319   1.000 21.441 0 87  ASP   A CG  1 ? 
ATOM   692  O  OD1 . ASP   A 1 87  ? 9.840   3.423   8.085   1.000 18.811 0 87  ASP   A OD1 1 ? 
ATOM   693  O  OD2 . ASP   A 1 87  ? 11.008  3.162   9.962   1.000 24.869 0 87  ASP   A OD2 1 ? 
ATOM   694  N  N   . ILE   A 1 88  ? 6.980   3.987   7.064   1.000 15.609 0 88  ILE   A N   1 ? 
ATOM   695  C  CA  . ILE   A 1 88  ? 6.292   3.220   6.031   1.000 14.822 0 88  ILE   A CA  1 ? 
ATOM   696  C  C   . ILE   A 1 88  ? 7.163   2.135   5.388   1.000 13.701 0 88  ILE   A C   1 ? 
ATOM   697  O  O   . ILE   A 1 88  ? 6.690   1.406   4.510   1.000 12.622 0 88  ILE   A O   1 ? 
ATOM   698  C  CB  . ILE   A 1 88  ? 5.711   4.146   4.959   1.000 14.984 0 88  ILE   A CB  1 ? 
ATOM   699  C  CG1 . ILE   A 1 88  ? 6.791   4.928   4.200   1.000 15.072 0 88  ILE   A CG1 1 ? 
ATOM   700  C  CG2 . ILE   A 1 88  ? 4.696   5.093   5.601   1.000 14.967 0 88  ILE   A CG2 1 ? 
ATOM   701  C  CD1 . ILE   A 1 88  ? 6.261   5.630   2.966   1.000 17.650 0 88  ILE   A CD1 1 ? 
ATOM   702  N  N   . THR   A 1 89  ? 8.422   1.982   5.846   1.000 14.568 0 89  THR   A N   1 ? 
ATOM   703  C  CA  . THR   A 1 89  ? 9.337   1.019   5.244   1.000 13.414 0 89  THR   A CA  1 ? 
ATOM   704  C  C   . THR   A 1 89  ? 8.759   -0.393  5.097   1.000 12.631 0 89  THR   A C   1 ? 
ATOM   705  O  O   . THR   A 1 89  ? 8.837   -0.979  4.002   1.000 13.827 0 89  THR   A O   1 ? 
ATOM   706  C  CB  . THR   A 1 89  ? 10.654  0.923   6.033   1.000 15.400 0 89  THR   A CB  1 ? 
ATOM   707  O  OG1 . THR   A 1 89  ? 11.210  2.235   6.032   1.000 17.017 0 89  THR   A OG1 1 ? 
ATOM   708  C  CG2 . THR   A 1 89  ? 11.633  -0.044  5.404   1.000 15.585 0 89  THR   A CG2 1 ? 
ATOM   709  N  N   . ALA   A 1 90  ? 8.219   -0.985  6.169   1.000 13.419 0 90  ALA   A N   1 ? 
ATOM   710  C  CA  . ALA   A 1 90  ? 7.728   -2.345  6.030   1.000 13.050 0 90  ALA   A CA  1 ? 
ATOM   711  C  C   . ALA   A 1 90  ? 6.591   -2.426  5.011   1.000 13.168 0 90  ALA   A C   1 ? 
ATOM   712  O  O   . ALA   A 1 90  ? 6.520   -3.343  4.201   1.000 13.839 0 90  ALA   A O   1 ? 
ATOM   713  C  CB  . ALA   A 1 90  ? 7.315   -2.908  7.363   1.000 14.460 0 90  ALA   A CB  1 ? 
ATOM   714  N  N   . SER   A 1 91  ? 5.702   -1.447  5.022   1.000 13.034 0 91  SER   A N   1 ? 
ATOM   715  C  CA  . SER   A 1 91  ? 4.624   -1.428  4.049   1.000 11.434 0 91  SER   A CA  1 ? 
ATOM   716  C  C   . SER   A 1 91  ? 5.150   -1.328  2.627   1.000 11.813 0 91  SER   A C   1 ? 
ATOM   717  O  O   . SER   A 1 91  ? 4.646   -2.008  1.739   1.000 12.450 0 91  SER   A O   1 ? 
ATOM   718  C  CB  . SER   A 1 91  ? 3.635   -0.320  4.320   1.000 12.432 0 91  SER   A CB  1 ? 
ATOM   719  O  OG  . SER   A 1 91  ? 2.745   -0.675  5.358   1.000 14.465 0 91  SER   A OG  1 ? 
ATOM   720  N  N   . VAL   A 1 92  ? 6.117   -0.437  2.403   1.000 11.989 0 92  VAL   A N   1 ? 
ATOM   721  C  CA  . VAL   A 1 92  ? 6.671   -0.257  1.076   1.000 12.942 0 92  VAL   A CA  1 ? 
ATOM   722  C  C   . VAL   A 1 92  ? 7.373   -1.538  0.625   1.000 14.083 0 92  VAL   A C   1 ? 
ATOM   723  O  O   . VAL   A 1 92  ? 7.180   -1.991  -0.504  1.000 13.945 0 92  VAL   A O   1 ? 
ATOM   724  C  CB  . VAL   A 1 92  ? 7.624   0.952   1.042   1.000 13.982 0 92  VAL   A CB  1 ? 
ATOM   725  C  CG1 . VAL   A 1 92  ? 8.410   0.941   -0.253  1.000 13.447 0 92  VAL   A CG1 1 ? 
ATOM   726  C  CG2 . VAL   A 1 92  ? 6.886   2.260   1.245   1.000 13.886 0 92  VAL   A CG2 1 ? 
ATOM   727  N  N   . ASN   A 1 93  ? 8.190   -2.118  1.498   1.000 13.974 0 93  ASN   A N   1 ? 
ATOM   728  C  CA  . ASN   A 1 93  ? 8.932   -3.295  1.109   1.000 15.472 0 93  ASN   A CA  1 ? 
ATOM   729  C  C   . ASN   A 1 93  ? 7.976   -4.429  0.744   1.000 14.787 0 93  ASN   A C   1 ? 
ATOM   730  O  O   . ASN   A 1 93  ? 8.169   -5.160  -0.226  1.000 16.071 0 93  ASN   A O   1 ? 
ATOM   731  C  CB  . ASN   A 1 93  ? 9.895   -3.712  2.220   1.000 17.390 0 93  ASN   A CB  1 ? 
ATOM   732  C  CG  . ASN   A 1 93  ? 11.145  -2.861  2.281   1.000 21.383 0 93  ASN   A CG  1 ? 
ATOM   733  O  OD1 . ASN   A 1 93  ? 11.464  -2.146  1.339   1.000 26.754 0 93  ASN   A OD1 1 ? 
ATOM   734  N  ND2 . ASN   A 1 93  ? 11.855  -2.927  3.391   1.000 22.323 0 93  ASN   A ND2 1 ? 
ATOM   735  N  N   . CYS   A 1 94  ? 6.882   -4.576  1.482   1.000 13.920 0 94  CYS   A N   1 ? 
ATOM   736  C  CA  . CYS   A 1 94  ? 5.938   -5.636  1.197   1.000 13.873 0 94  CYS   A CA  1 ? 
ATOM   737  C  C   . CYS   A 1 94  ? 5.159   -5.289  -0.074  1.000 12.890 0 94  CYS   A C   1 ? 
ATOM   738  O  O   . CYS   A 1 94  ? 4.965   -6.130  -0.941  1.000 12.082 0 94  CYS   A O   1 ? 
ATOM   739  C  CB  . CYS   A 1 94  ? 5.064   -5.878  2.413   1.000 15.150 0 94  CYS   A CB  1 ? 
ATOM   740  S  SG  . CYS   A 1 94  ? 3.860   -7.198  2.202   1.000 16.403 0 94  CYS   A SG  1 ? 
ATOM   741  N  N   . ALA   A 1 95  ? 4.775   -4.033  -0.259  1.000 12.701 0 95  ALA   A N   1 ? 
ATOM   742  C  CA  . ALA   A 1 95  ? 4.126   -3.619  -1.514  1.000 13.321 0 95  ALA   A CA  1 ? 
ATOM   743  C  C   . ALA   A 1 95  ? 4.967   -3.907  -2.763  1.000 13.716 0 95  ALA   A C   1 ? 
ATOM   744  O  O   . ALA   A 1 95  ? 4.430   -4.272  -3.813  1.000 13.754 0 95  ALA   A O   1 ? 
ATOM   745  C  CB  . ALA   A 1 95  ? 3.776   -2.154  -1.455  1.000 14.146 0 95  ALA   A CB  1 ? 
ATOM   746  N  N   . LYS   A 1 96  ? 6.303   -3.798  -2.637  1.000 13.773 0 96  LYS   A N   1 ? 
ATOM   747  C  CA  . LYS   A 1 96  ? 7.181   -4.097  -3.764  1.000 15.035 0 96  LYS   A CA  1 ? 
ATOM   748  C  C   . LYS   A 1 96  ? 7.107   -5.575  -4.137  1.000 15.599 0 96  LYS   A C   1 ? 
ATOM   749  O  O   . LYS   A 1 96  ? 7.106   -5.927  -5.316  1.000 17.111 0 96  LYS   A O   1 ? 
ATOM   750  C  CB  . LYS   A 1 96  ? 8.606   -3.671  -3.412  1.000 15.900 0 96  LYS   A CB  1 ? 
ATOM   751  C  CG  . LYS   A 1 96  ? 8.851   -2.183  -3.402  1.000 16.358 0 96  LYS   A CG  1 ? 
ATOM   752  C  CD  . LYS   A 1 96  ? 10.289  -1.811  -3.040  1.000 18.131 0 96  LYS   A CD  1 ? 
ATOM   753  C  CE  . LYS   A 1 96  ? 10.520  -0.319  -3.152  1.000 18.463 0 96  LYS   A CE  1 ? 
ATOM   754  N  NZ  . LYS   A 1 96  ? 11.866  0.052   -2.654  1.000 19.769 0 96  LYS   A NZ  1 ? 
ATOM   755  N  N   . LYS   A 1 97  ? 7.010   -6.443  -3.155  1.000 15.331 0 97  LYS   A N   1 ? 
ATOM   756  C  CA  . LYS   A 1 97  ? 6.830   -7.862  -3.430  1.000 17.097 0 97  LYS   A CA  1 ? 
ATOM   757  C  C   . LYS   A 1 97  ? 5.475   -8.091  -4.089  1.000 17.542 0 97  LYS   A C   1 ? 
ATOM   758  O  O   . LYS   A 1 97  ? 5.359   -8.831  -5.052  1.000 18.658 0 97  LYS   A O   1 ? 
ATOM   759  C  CB  . LYS   A 1 97  ? 6.968   -8.698  -2.157  1.000 20.914 0 97  LYS   A CB  1 ? 
ATOM   760  C  CG  . LYS   A 1 97  ? 8.374   -8.802  -1.597  1.000 27.083 0 97  LYS   A CG  1 ? 
ATOM   761  C  CD  . LYS   A 1 97  ? 8.422   -9.732  -0.398  1.000 32.563 0 97  LYS   A CD  1 ? 
ATOM   762  C  CE  . LYS   A 1 97  ? 9.625   -9.509  0.498   1.000 36.266 0 97  LYS   A CE  1 ? 
ATOM   763  N  NZ  . LYS   A 1 97  ? 9.696   -8.097  0.953   1.000 38.634 0 97  LYS   A NZ  1 ? 
ATOM   764  N  N   . ILE   A 1 98  ? 4.412   -7.462  -3.566  1.000 13.972 0 98  ILE   A N   1 ? 
ATOM   765  C  CA  . ILE   A 1 98  ? 3.075   -7.686  -4.089  1.000 14.821 0 98  ILE   A CA  1 ? 
ATOM   766  C  C   . ILE   A 1 98  ? 3.023   -7.267  -5.564  1.000 14.893 0 98  ILE   A C   1 ? 
ATOM   767  O  O   . ILE   A 1 98  ? 2.511   -8.004  -6.403  1.000 15.755 0 98  ILE   A O   1 ? 
ATOM   768  C  CB  . ILE   A 1 98  ? 2.037   -6.932  -3.230  1.000 15.235 0 98  ILE   A CB  1 ? 
ATOM   769  C  CG1 . ILE   A 1 98  ? 1.920   -7.505  -1.815  1.000 15.999 0 98  ILE   A CG1 1 ? 
ATOM   770  C  CG2 . ILE   A 1 98  ? 0.679   -6.936  -3.916  1.000 15.875 0 98  ILE   A CG2 1 ? 
ATOM   771  C  CD1 . ILE   A 1 98  ? 1.131   -6.625  -0.877  1.000 15.551 0 98  ILE   A CD1 1 ? 
ATOM   772  N  N   . VAL   A 1 99  ? 3.547   -6.083  -5.863  1.000 13.977 0 99  VAL   A N   1 ? 
ATOM   773  C  CA  . VAL   A 1 99  ? 3.386   -5.522  -7.209  1.000 14.790 0 99  VAL   A CA  1 ? 
ATOM   774  C  C   . VAL   A 1 99  ? 4.260   -6.283  -8.204  1.000 17.875 0 99  VAL   A C   1 ? 
ATOM   775  O  O   . VAL   A 1 99  ? 4.069   -6.146  -9.416  1.000 17.712 0 99  VAL   A O   1 ? 
ATOM   776  C  CB  . VAL   A 1 99  ? 3.677   -4.010  -7.238  1.000 14.256 0 99  VAL   A CB  1 ? 
ATOM   777  C  CG1 . VAL   A 1 99  ? 5.155   -3.684  -7.169  1.000 14.859 0 99  VAL   A CG1 1 ? 
ATOM   778  C  CG2 . VAL   A 1 99  ? 3.041   -3.299  -8.428  1.000 15.751 0 99  VAL   A CG2 1 ? 
ATOM   779  N  N   . SER   A 1 100 ? 5.246   -7.042  -7.685  1.000 17.796 0 100 SER   A N   1 ? 
ATOM   780  C  CA  . SER   A 1 100 ? 6.155   -7.777  -8.555  1.000 22.353 0 100 SER   A CA  1 ? 
ATOM   781  C  C   . SER   A 1 100 ? 5.602   -9.164  -8.832  1.000 22.900 0 100 SER   A C   1 ? 
ATOM   782  O  O   . SER   A 1 100 ? 6.249   -9.926  -9.541  1.000 31.144 0 100 SER   A O   1 ? 
ATOM   783  C  CB  . SER   A 1 100 ? 7.542   -7.861  -7.956  1.000 21.803 0 100 SER   A CB  1 ? 
ATOM   784  O  OG  . SER   A 1 100 ? 8.088   -6.563  -7.731  1.000 23.277 0 100 SER   A OG  1 ? 
ATOM   785  N  N   . ASP   A 1 101 ? 4.410   -9.500  -8.327  1.000 26.773 0 101 ASP   A N   1 ? 
ATOM   786  C  CA  . ASP   A 1 101 ? 4.047   -10.907 -8.190  1.000 29.680 0 101 ASP   A CA  1 ? 
ATOM   787  C  C   . ASP   A 1 101 ? 3.112   -11.388 -9.306  1.000 31.616 0 101 ASP   A C   1 ? 
ATOM   788  O  O   . ASP   A 1 101 ? 2.656   -12.533 -9.256  1.000 32.801 0 101 ASP   A O   1 ? 
ATOM   789  C  CB  . ASP   A 1 101 ? 3.436   -11.166 -6.811  1.000 32.078 0 101 ASP   A CB  1 ? 
ATOM   790  C  CG  . ASP   A 1 101 ? 1.929   -11.195 -6.847  1.000 34.476 0 101 ASP   A CG  1 ? 
ATOM   791  O  OD1 . ASP   A 1 101 ? 1.350   -10.383 -7.609  1.000 42.184 0 101 ASP   A OD1 1 ? 
ATOM   792  O  OD2 . ASP   A 1 101 ? 1.352   -12.044 -6.153  1.000 44.675 0 101 ASP   A OD2 1 ? 
ATOM   793  N  N   . GLY   A 1 102 ? 2.789   -10.529 -10.282 1.000 29.605 0 102 GLY   A N   1 ? 
ATOM   794  C  CA  . GLY   A 1 102 ? 2.203   -10.997 -11.536 1.000 28.752 0 102 GLY   A CA  1 ? 
ATOM   795  C  C   . GLY   A 1 102 ? 1.067   -10.117 -12.044 1.000 26.979 0 102 GLY   A C   1 ? 
ATOM   796  O  O   . GLY   A 1 102 ? 0.940   -9.933  -13.259 1.000 25.840 0 102 GLY   A O   1 ? 
ATOM   797  N  N   . ASN   A 1 103 ? 0.266   -9.573  -11.113 1.000 24.710 0 103 ASN   A N   1 ? 
ATOM   798  C  CA  . ASN   A 1 103 ? -0.928  -8.797  -11.450 1.000 23.535 0 103 ASN   A CA  1 ? 
ATOM   799  C  C   . ASN   A 1 103 ? -0.696  -7.292  -11.265 1.000 16.818 0 103 ASN   A C   1 ? 
ATOM   800  O  O   . ASN   A 1 103 ? -1.623  -6.487  -11.446 1.000 15.642 0 103 ASN   A O   1 ? 
ATOM   801  C  CB  . ASN   A 1 103 ? -2.119  -9.221  -10.599 1.000 29.401 0 103 ASN   A CB  1 ? 
ATOM   802  C  CG  . ASN   A 1 103 ? -2.589  -10.609 -10.978 1.000 37.336 0 103 ASN   A CG  1 ? 
ATOM   803  O  OD1 . ASN   A 1 103 ? -3.018  -10.828 -12.111 1.000 47.021 0 103 ASN   A OD1 1 ? 
ATOM   804  N  ND2 . ASN   A 1 103 ? -2.474  -11.555 -10.062 1.000 41.808 0 103 ASN   A ND2 1 ? 
ATOM   805  N  N   . GLY   A 1 104 ? 0.531   -6.916  -10.950 1.000 15.622 0 104 GLY   A N   1 ? 
ATOM   806  C  CA  . GLY   A 1 104 ? 0.860   -5.514  -10.807 1.000 14.305 0 104 GLY   A CA  1 ? 
ATOM   807  C  C   . GLY   A 1 104 ? -0.041  -4.873  -9.758  1.000 12.981 0 104 GLY   A C   1 ? 
ATOM   808  O  O   . GLY   A 1 104 ? -0.332  -5.483  -8.736  1.000 14.951 0 104 GLY   A O   1 ? 
ATOM   809  N  N   . MET   A 1 105 ? -0.436  -3.626  -10.007 1.000 11.538 0 105 MET   A N   1 ? 
ATOM   810  C  CA  . MET   A 1 105 ? -1.166  -2.903  -8.978  1.000 11.802 0 105 MET   A CA  1 ? 
ATOM   811  C  C   . MET   A 1 105 ? -2.617  -3.355  -8.935  1.000 11.983 0 105 MET   A C   1 ? 
ATOM   812  O  O   . MET   A 1 105 ? -3.360  -2.880  -8.075  1.000 11.597 0 105 MET   A O   1 ? 
ATOM   813  C  CB  . MET   A 1 105 ? -1.047  -1.385  -9.162  1.000 11.711 0 105 MET   A CB  1 ? 
ATOM   814  C  CG  . MET   A 1 105 ? 0.344   -0.870  -8.744  1.000 12.015 0 105 MET   A CG  1 ? 
ATOM   815  S  SD  . MET   A 1 105 ? 0.394   0.911   -8.463  1.000 13.866 0 105 MET   A SD  1 ? 
ATOM   816  C  CE  . MET   A 1 105 ? -0.554  1.081   -6.951  1.000 12.815 0 105 MET   A CE  1 ? 
ATOM   817  N  N   . ASN   A 1 106 ? -3.036  -4.259  -9.815  1.000 12.491 0 106 ASN   A N   1 ? 
ATOM   818  C  CA  . ASN   A 1 106 ? -4.404  -4.787  -9.763  1.000 13.158 0 106 ASN   A CA  1 ? 
ATOM   819  C  C   . ASN   A 1 106 ? -4.689  -5.533  -8.454  1.000 13.054 0 106 ASN   A C   1 ? 
ATOM   820  O  O   . ASN   A 1 106 ? -5.864  -5.725  -8.129  1.000 15.115 0 106 ASN   A O   1 ? 
ATOM   821  C  CB  . ASN   A 1 106 ? -4.744  -5.640  -10.989 1.000 14.032 0 106 ASN   A CB  1 ? 
ATOM   822  C  CG  . ASN   A 1 106 ? -4.776  -4.822  -12.261 1.000 14.729 0 106 ASN   A CG  1 ? 
ATOM   823  O  OD1 . ASN   A 1 106 ? -5.628  -3.965  -12.490 1.000 14.610 0 106 ASN   A OD1 1 ? 
ATOM   824  N  ND2 . ASN   A 1 106 ? -3.752  -5.009  -13.079 1.000 17.017 0 106 ASN   A ND2 1 ? 
ATOM   825  N  N   . ALA   A 1 107 ? -3.639  -5.920  -7.725  1.000 13.979 0 107 ALA   A N   1 ? 
ATOM   826  C  CA  . ALA   A 1 107 ? -3.810  -6.552  -6.422  1.000 14.224 0 107 ALA   A CA  1 ? 
ATOM   827  C  C   . ALA   A 1 107 ? -4.587  -5.634  -5.475  1.000 14.576 0 107 ALA   A C   1 ? 
ATOM   828  O  O   . ALA   A 1 107 ? -5.218  -6.146  -4.552  1.000 15.261 0 107 ALA   A O   1 ? 
ATOM   829  C  CB  . ALA   A 1 107 ? -2.455  -6.902  -5.856  1.000 16.053 0 107 ALA   A CB  1 ? 
ATOM   830  N  N   . TRP   A 1 108 ? -4.443  -4.321  -5.648  1.000 12.597 0 108 TRP   A N   1 ? 
ATOM   831  C  CA  . TRP   A 1 108 ? -5.183  -3.319  -4.886  1.000 13.039 0 108 TRP   A CA  1 ? 
ATOM   832  C  C   . TRP   A 1 108 ? -6.492  -3.005  -5.595  1.000 14.834 0 108 TRP   A C   1 ? 
ATOM   833  O  O   . TRP   A 1 108 ? -6.504  -2.279  -6.575  1.000 12.707 0 108 TRP   A O   1 ? 
ATOM   834  C  CB  . TRP   A 1 108 ? -4.332  -2.057  -4.641  1.000 12.050 0 108 TRP   A CB  1 ? 
ATOM   835  C  CG  . TRP   A 1 108 ? -3.228  -2.271  -3.667  1.000 12.398 0 108 TRP   A CG  1 ? 
ATOM   836  C  CD1 . TRP   A 1 108 ? -3.300  -2.246  -2.304  1.000 12.427 0 108 TRP   A CD1 1 ? 
ATOM   837  C  CD2 . TRP   A 1 108 ? -1.876  -2.591  -3.993  1.000 11.698 0 108 TRP   A CD2 1 ? 
ATOM   838  N  NE1 . TRP   A 1 108 ? -2.073  -2.535  -1.778  1.000 12.871 0 108 TRP   A NE1 1 ? 
ATOM   839  C  CE2 . TRP   A 1 108 ? -1.161  -2.701  -2.789  1.000 12.911 0 108 TRP   A CE2 1 ? 
ATOM   840  C  CE3 . TRP   A 1 108 ? -1.203  -2.807  -5.181  1.000 13.336 0 108 TRP   A CE3 1 ? 
ATOM   841  C  CZ2 . TRP   A 1 108 ? 0.179   -3.054  -2.742  1.000 12.794 0 108 TRP   A CZ2 1 ? 
ATOM   842  C  CZ3 . TRP   A 1 108 ? 0.139   -3.087  -5.147  1.000 13.467 0 108 TRP   A CZ3 1 ? 
ATOM   843  C  CH2 . TRP   A 1 108 ? 0.825   -3.229  -3.957  1.000 13.647 0 108 TRP   A CH2 1 ? 
ATOM   844  N  N   . VAL   A 1 109 ? -7.595  -3.460  -5.016  1.000 16.724 0 109 VAL   A N   1 ? 
ATOM   845  C  CA  . VAL   A 1 109 ? -8.903  -3.297  -5.614  1.000 17.242 0 109 VAL   A CA  1 ? 
ATOM   846  C  C   . VAL   A 1 109 ? -9.218  -1.814  -5.802  1.000 15.246 0 109 VAL   A C   1 ? 
ATOM   847  O  O   . VAL   A 1 109 ? -9.710  -1.417  -6.855  1.000 14.954 0 109 VAL   A O   1 ? 
ATOM   848  C  CB  A VAL   A 1 109 ? -9.927  -4.035  -4.726  0.520 18.876 0 109 VAL   A CB  1 ? 
ATOM   849  C  CB  B VAL   A 1 109 ? -9.978  -3.984  -4.749  0.480 17.536 0 109 VAL   A CB  1 ? 
ATOM   850  C  CG1 A VAL   A 1 109 ? -11.339 -3.468  -4.817  0.520 18.935 0 109 VAL   A CG1 1 ? 
ATOM   851  C  CG1 B VAL   A 1 109 ? -10.141 -3.323  -3.381  0.480 17.582 0 109 VAL   A CG1 1 ? 
ATOM   852  C  CG2 A VAL   A 1 109 ? -9.898  -5.530  -5.016  0.520 20.465 0 109 VAL   A CG2 1 ? 
ATOM   853  C  CG2 B VAL   A 1 109 ? -11.302 -4.038  -5.487  0.480 17.456 0 109 VAL   A CG2 1 ? 
ATOM   854  N  N   . ALA   A 1 110 ? -8.896  -0.990  -4.808  1.000 14.961 0 110 ALA   A N   1 ? 
ATOM   855  C  CA  . ALA   A 1 110 ? -9.170  0.429   -4.881  1.000 15.775 0 110 ALA   A CA  1 ? 
ATOM   856  C  C   . ALA   A 1 110 ? -8.337  1.077   -5.994  1.000 14.786 0 110 ALA   A C   1 ? 
ATOM   857  O  O   . ALA   A 1 110 ? -8.811  2.013   -6.641  1.000 14.453 0 110 ALA   A O   1 ? 
ATOM   858  C  CB  . ALA   A 1 110 ? -8.939  1.054   -3.534  1.000 15.956 0 110 ALA   A CB  1 ? 
ATOM   859  N  N   . TRP   A 1 111 ? -7.089  0.621   -6.226  1.000 13.313 0 111 TRP   A N   1 ? 
ATOM   860  C  CA  . TRP   A 1 111 ? -6.308  1.133   -7.349  1.000 13.076 0 111 TRP   A CA  1 ? 
ATOM   861  C  C   . TRP   A 1 111 ? -7.038  0.783   -8.650  1.000 13.335 0 111 TRP   A C   1 ? 
ATOM   862  O  O   . TRP   A 1 111 ? -7.232  1.648   -9.498  1.000 12.297 0 111 TRP   A O   1 ? 
ATOM   863  C  CB  . TRP   A 1 111 ? -4.864  0.621   -7.318  1.000 12.497 0 111 TRP   A CB  1 ? 
ATOM   864  C  CG  . TRP   A 1 111 ? -4.072  1.100   -8.505  1.000 11.895 0 111 TRP   A CG  1 ? 
ATOM   865  C  CD1 . TRP   A 1 111 ? -3.436  2.301   -8.604  1.000 12.050 0 111 TRP   A CD1 1 ? 
ATOM   866  C  CD2 . TRP   A 1 111 ? -3.943  0.456   -9.790  1.000 13.057 0 111 TRP   A CD2 1 ? 
ATOM   867  N  NE1 . TRP   A 1 111 ? -2.911  2.440   -9.856  1.000 14.120 0 111 TRP   A NE1 1 ? 
ATOM   868  C  CE2 . TRP   A 1 111 ? -3.184  1.333   -10.599 1.000 12.832 0 111 TRP   A CE2 1 ? 
ATOM   869  C  CE3 . TRP   A 1 111 ? -4.346  -0.766  -10.333 1.000 12.775 0 111 TRP   A CE3 1 ? 
ATOM   870  C  CZ2 . TRP   A 1 111 ? -2.867  1.043   -11.929 1.000 13.472 0 111 TRP   A CZ2 1 ? 
ATOM   871  C  CZ3 . TRP   A 1 111 ? -4.004  -1.061  -11.636 1.000 13.632 0 111 TRP   A CZ3 1 ? 
ATOM   872  C  CH2 . TRP   A 1 111 ? -3.229  -0.197  -12.401 1.000 13.524 0 111 TRP   A CH2 1 ? 
ATOM   873  N  N   . ARG   A 1 112 ? -7.451  -0.470  -8.852  1.000 13.238 0 112 ARG   A N   1 ? 
ATOM   874  C  CA  . ARG   A 1 112 ? -8.045  -0.880  -10.110 1.000 15.756 0 112 ARG   A CA  1 ? 
ATOM   875  C  C   . ARG   A 1 112 ? -9.306  -0.059  -10.381 1.000 14.684 0 112 ARG   A C   1 ? 
ATOM   876  O  O   . ARG   A 1 112 ? -9.517  0.429   -11.482 1.000 15.766 0 112 ARG   A O   1 ? 
ATOM   877  C  CB  . ARG   A 1 112 ? -8.342  -2.384  -10.068 1.000 18.013 0 112 ARG   A CB  1 ? 
ATOM   878  C  CG  . ARG   A 1 112 ? -8.776  -2.977  -11.403 1.000 23.729 0 112 ARG   A CG  1 ? 
ATOM   879  C  CD  . ARG   A 1 112 ? -9.274  -4.412  -11.251 1.000 27.902 0 112 ARG   A CD  1 ? 
ATOM   880  N  NE  . ARG   A 1 112 ? -8.842  -5.013  -10.000 1.000 32.734 0 112 ARG   A NE  1 ? 
ATOM   881  C  CZ  . ARG   A 1 112 ? -9.620  -5.531  -9.048  1.000 38.141 0 112 ARG   A CZ  1 ? 
ATOM   882  N  NH1 . ARG   A 1 112 ? -10.940 -5.502  -9.133  1.000 37.574 0 112 ARG   A NH1 1 ? 
ATOM   883  N  NH2 . ARG   A 1 112 ? -9.045  -6.085  -7.990  1.000 39.857 0 112 ARG   A NH2 1 ? 
ATOM   884  N  N   . ASN   A 1 113 ? -10.104 0.149   -9.349  1.000 14.015 0 113 ASN   A N   1 ? 
ATOM   885  C  CA  . ASN   A 1 113 ? -11.409 0.761   -9.518  1.000 13.709 0 113 ASN   A CA  1 ? 
ATOM   886  C  C   . ASN   A 1 113 ? -11.376 2.274   -9.531  1.000 15.366 0 113 ASN   A C   1 ? 
ATOM   887  O  O   . ASN   A 1 113 ? -12.345 2.890   -9.978  1.000 16.043 0 113 ASN   A O   1 ? 
ATOM   888  C  CB  . ASN   A 1 113 ? -12.355 0.220   -8.448  1.000 14.238 0 113 ASN   A CB  1 ? 
ATOM   889  C  CG  . ASN   A 1 113 ? -12.730 -1.232  -8.704  1.000 14.315 0 113 ASN   A CG  1 ? 
ATOM   890  O  OD1 . ASN   A 1 113 ? -12.728 -1.667  -9.845  1.000 18.202 0 113 ASN   A OD1 1 ? 
ATOM   891  N  ND2 . ASN   A 1 113 ? -13.021 -1.989  -7.643  1.000 15.040 0 113 ASN   A ND2 1 ? 
ATOM   892  N  N   . ARG   A 1 114 ? -10.351 2.895   -8.942  1.000 13.714 0 114 ARG   A N   1 ? 
ATOM   893  C  CA  . ARG   A 1 114 ? -10.422 4.330   -8.723  1.000 14.238 0 114 ARG   A CA  1 ? 
ATOM   894  C  C   . ARG   A 1 114 ? -9.222  5.073   -9.269  1.000 14.500 0 114 ARG   A C   1 ? 
ATOM   895  O  O   . ARG   A 1 114 ? -9.282  6.284   -9.381  1.000 16.666 0 114 ARG   A O   1 ? 
ATOM   896  C  CB  . ARG   A 1 114 ? -10.648 4.608   -7.242  1.000 14.231 0 114 ARG   A CB  1 ? 
ATOM   897  C  CG  . ARG   A 1 114 ? -11.901 3.920   -6.716  1.000 14.448 0 114 ARG   A CG  1 ? 
ATOM   898  C  CD  . ARG   A 1 114 ? -12.152 4.165   -5.252  1.000 14.655 0 114 ARG   A CD  1 ? 
ATOM   899  N  NE  . ARG   A 1 114 ? -12.606 5.532   -5.025  1.000 14.496 0 114 ARG   A NE  1 ? 
ATOM   900  C  CZ  . ARG   A 1 114 ? -12.942 5.992   -3.837  1.000 14.997 0 114 ARG   A CZ  1 ? 
ATOM   901  N  NH1 . ARG   A 1 114 ? -12.856 5.186   -2.788  1.000 15.156 0 114 ARG   A NH1 1 ? 
ATOM   902  N  NH2 . ARG   A 1 114 ? -13.365 7.235   -3.720  1.000 16.076 0 114 ARG   A NH2 1 ? 
ATOM   903  N  N   . CYS   A 1 115 ? -8.135  4.383   -9.541  1.000 12.925 0 115 CYS   A N   1 ? 
ATOM   904  C  CA  . CYS   A 1 115 ? -6.912  5.080   -9.918  1.000 14.017 0 115 CYS   A CA  1 ? 
ATOM   905  C  C   . CYS   A 1 115 ? -6.500  4.699   -11.325 1.000 14.207 0 115 CYS   A C   1 ? 
ATOM   906  O  O   . CYS   A 1 115 ? -6.053  5.556   -12.089 1.000 14.264 0 115 CYS   A O   1 ? 
ATOM   907  C  CB  . CYS   A 1 115 ? -5.784  4.727   -8.959  1.000 13.753 0 115 CYS   A CB  1 ? 
ATOM   908  S  SG  . CYS   A 1 115 ? -6.091  5.201   -7.248  1.000 15.124 0 115 CYS   A SG  1 ? 
ATOM   909  N  N   . LYS   A 1 116 ? -6.586  3.417   -11.644 1.000 13.010 0 116 LYS   A N   1 ? 
ATOM   910  C  CA  . LYS   A 1 116 ? -6.138  2.898   -12.918 1.000 14.638 0 116 LYS   A CA  1 ? 
ATOM   911  C  C   . LYS   A 1 116 ? -6.784  3.672   -14.058 1.000 16.266 0 116 LYS   A C   1 ? 
ATOM   912  O  O   . LYS   A 1 116 ? -7.988  3.794   -14.110 1.000 16.302 0 116 LYS   A O   1 ? 
ATOM   913  C  CB  . LYS   A 1 116 ? -6.512  1.432   -12.979 1.000 15.153 0 116 LYS   A CB  1 ? 
ATOM   914  C  CG  . LYS   A 1 116 ? -6.084  0.705   -14.227 1.000 14.715 0 116 LYS   A CG  1 ? 
ATOM   915  C  CD  . LYS   A 1 116 ? -6.505  -0.745  -14.176 1.000 15.170 0 116 LYS   A CD  1 ? 
ATOM   916  C  CE  . LYS   A 1 116 ? -5.979  -1.555  -15.327 1.000 16.107 0 116 LYS   A CE  1 ? 
ATOM   917  N  NZ  . LYS   A 1 116 ? -6.302  -2.985  -15.143 1.000 16.011 0 116 LYS   A NZ  1 ? 
ATOM   918  N  N   . GLY   A 1 117 ? -5.965  4.170   -14.982 1.000 17.865 0 117 GLY   A N   1 ? 
ATOM   919  C  CA  . GLY   A 1 117 ? -6.511  4.815   -16.159 1.000 20.468 0 117 GLY   A CA  1 ? 
ATOM   920  C  C   . GLY   A 1 117 ? -6.780  6.296   -15.957 1.000 22.200 0 117 GLY   A C   1 ? 
ATOM   921  O  O   . GLY   A 1 117 ? -7.063  6.985   -16.930 1.000 26.242 0 117 GLY   A O   1 ? 
ATOM   922  N  N   . THR   A 1 118 ? -6.674  6.787   -14.714 1.000 19.191 0 118 THR   A N   1 ? 
ATOM   923  C  CA  . THR   A 1 118 ? -7.017  8.161   -14.412 1.000 19.381 0 118 THR   A CA  1 ? 
ATOM   924  C  C   . THR   A 1 118 ? -5.748  9.018   -14.495 1.000 18.913 0 118 THR   A C   1 ? 
ATOM   925  O  O   . THR   A 1 118 ? -4.626  8.553   -14.664 1.000 18.242 0 118 THR   A O   1 ? 
ATOM   926  C  CB  . THR   A 1 118 ? -7.691  8.313   -13.030 1.000 19.136 0 118 THR   A CB  1 ? 
ATOM   927  O  OG1 . THR   A 1 118 ? -6.715  8.108   -12.003 1.000 18.260 0 118 THR   A OG1 1 ? 
ATOM   928  C  CG2 . THR   A 1 118 ? -8.873  7.399   -12.805 1.000 19.226 0 118 THR   A CG2 1 ? 
ATOM   929  N  N   . ASP   A 1 119 ? -5.935  10.317  -14.314 1.000 22.904 0 119 ASP   A N   1 ? 
ATOM   930  C  CA  . ASP   A 1 119 ? -4.846  11.266  -14.287 1.000 26.054 0 119 ASP   A CA  1 ? 
ATOM   931  C  C   . ASP   A 1 119 ? -4.168  11.218  -12.914 1.000 24.208 0 119 ASP   A C   1 ? 
ATOM   932  O  O   . ASP   A 1 119 ? -4.382  12.092  -12.071 1.000 24.547 0 119 ASP   A O   1 ? 
ATOM   933  C  CB  . ASP   A 1 119 ? -5.426  12.641  -14.627 1.000 28.604 0 119 ASP   A CB  1 ? 
ATOM   934  C  CG  . ASP   A 1 119 ? -4.441  13.783  -14.502 1.000 36.232 0 119 ASP   A CG  1 ? 
ATOM   935  O  OD1 . ASP   A 1 119 ? -3.222  13.502  -14.574 1.000 40.038 0 119 ASP   A OD1 1 ? 
ATOM   936  O  OD2 . ASP   A 1 119 ? -4.916  14.946  -14.307 1.000 39.278 0 119 ASP   A OD2 1 ? 
ATOM   937  N  N   . VAL   A 1 120 ? -3.310  10.217  -12.704 1.000 21.564 0 120 VAL   A N   1 ? 
ATOM   938  C  CA  . VAL   A 1 120 ? -2.684  10.017  -11.400 1.000 21.493 0 120 VAL   A CA  1 ? 
ATOM   939  C  C   . VAL   A 1 120 ? -1.625  11.070  -11.063 1.000 20.664 0 120 VAL   A C   1 ? 
ATOM   940  O  O   . VAL   A 1 120 ? -1.271  11.202  -9.889  1.000 18.515 0 120 VAL   A O   1 ? 
ATOM   941  C  CB  . VAL   A 1 120 ? -2.144  8.585   -11.243 1.000 20.596 0 120 VAL   A CB  1 ? 
ATOM   942  C  CG1 . VAL   A 1 120 ? -3.272  7.565   -11.223 1.000 21.773 0 120 VAL   A CG1 1 ? 
ATOM   943  C  CG2 . VAL   A 1 120 ? -1.139  8.237   -12.307 1.000 21.693 0 120 VAL   A CG2 1 ? 
ATOM   944  N  N   . GLN   A 1 121 ? -1.131  11.851  -12.055 1.000 21.062 0 121 GLN   A N   1 ? 
ATOM   945  C  CA  . GLN   A 1 121 ? -0.154  12.906  -11.798 1.000 23.508 0 121 GLN   A CA  1 ? 
ATOM   946  C  C   . GLN   A 1 121 ? -0.767  13.985  -10.905 1.000 20.698 0 121 GLN   A C   1 ? 
ATOM   947  O  O   . GLN   A 1 121 ? -0.047  14.678  -10.193 1.000 20.207 0 121 GLN   A O   1 ? 
ATOM   948  C  CB  . GLN   A 1 121 ? 0.376   13.570  -13.075 1.000 29.643 0 121 GLN   A CB  1 ? 
ATOM   949  C  CG  . GLN   A 1 121 ? 1.876   13.872  -13.029 1.000 35.952 0 121 GLN   A CG  1 ? 
ATOM   950  C  CD  . GLN   A 1 121 ? 2.305   15.192  -12.416 1.000 46.472 0 121 GLN   A CD  1 ? 
ATOM   951  O  OE1 . GLN   A 1 121 ? 1.500   15.985  -11.919 1.000 53.326 0 121 GLN   A OE1 1 ? 
ATOM   952  N  NE2 . GLN   A 1 121 ? 3.605   15.458  -12.474 1.000 46.732 0 121 GLN   A NE2 1 ? 
ATOM   953  N  N   . ALA   A 1 122 ? -2.101  14.137  -10.953 1.000 20.800 0 122 ALA   A N   1 ? 
ATOM   954  C  CA  . ALA   A 1 122 ? -2.795  15.057  -10.072 1.000 20.495 0 122 ALA   A CA  1 ? 
ATOM   955  C  C   . ALA   A 1 122 ? -2.423  14.810  -8.600  1.000 20.353 0 122 ALA   A C   1 ? 
ATOM   956  O  O   . ALA   A 1 122 ? -2.272  15.733  -7.802  1.000 21.119 0 122 ALA   A O   1 ? 
ATOM   957  C  CB  . ALA   A 1 122 ? -4.281  14.934  -10.310 1.000 22.074 0 122 ALA   A CB  1 ? 
ATOM   958  N  N   . TRP   A 1 123 ? -2.184  13.546  -8.236  1.000 17.695 0 123 TRP   A N   1 ? 
ATOM   959  C  CA  . TRP   A 1 123 ? -1.896  13.233  -6.847  1.000 18.558 0 123 TRP   A CA  1 ? 
ATOM   960  C  C   . TRP   A 1 123 ? -0.550  13.764  -6.381  1.000 19.595 0 123 TRP   A C   1 ? 
ATOM   961  O  O   . TRP   A 1 123 ? -0.306  13.838  -5.174  1.000 18.068 0 123 TRP   A O   1 ? 
ATOM   962  C  CB  . TRP   A 1 123 ? -2.032  11.717  -6.616  1.000 17.339 0 123 TRP   A CB  1 ? 
ATOM   963  C  CG  . TRP   A 1 123 ? -3.449  11.295  -6.764  1.000 17.123 0 123 TRP   A CG  1 ? 
ATOM   964  C  CD1 . TRP   A 1 123 ? -4.041  10.737  -7.856  1.000 18.128 0 123 TRP   A CD1 1 ? 
ATOM   965  C  CD2 . TRP   A 1 123 ? -4.465  11.442  -5.774  1.000 17.271 0 123 TRP   A CD2 1 ? 
ATOM   966  N  NE1 . TRP   A 1 123 ? -5.364  10.515  -7.615  1.000 17.779 0 123 TRP   A NE1 1 ? 
ATOM   967  C  CE2 . TRP   A 1 123 ? -5.656  10.934  -6.343  1.000 18.559 0 123 TRP   A CE2 1 ? 
ATOM   968  C  CE3 . TRP   A 1 123 ? -4.475  11.937  -4.470  1.000 18.491 0 123 TRP   A CE3 1 ? 
ATOM   969  C  CZ2 . TRP   A 1 123 ? -6.856  10.929  -5.630  1.000 20.063 0 123 TRP   A CZ2 1 ? 
ATOM   970  C  CZ3 . TRP   A 1 123 ? -5.666  11.950  -3.779  1.000 20.290 0 123 TRP   A CZ3 1 ? 
ATOM   971  C  CH2 . TRP   A 1 123 ? -6.843  11.464  -4.364  1.000 20.949 0 123 TRP   A CH2 1 ? 
ATOM   972  N  N   . ILE   A 1 124 ? 0.349   14.119  -7.307  1.000 19.211 0 124 ILE   A N   1 ? 
ATOM   973  C  CA  . ILE   A 1 124 ? 1.625   14.657  -6.851  1.000 22.149 0 124 ILE   A CA  1 ? 
ATOM   974  C  C   . ILE   A 1 124 ? 1.777   16.140  -7.211  1.000 24.029 0 124 ILE   A C   1 ? 
ATOM   975  O  O   . ILE   A 1 124 ? 2.836   16.716  -7.005  1.000 24.546 0 124 ILE   A O   1 ? 
ATOM   976  C  CB  . ILE   A 1 124 ? 2.797   13.781  -7.340  1.000 23.840 0 124 ILE   A CB  1 ? 
ATOM   977  C  CG1 . ILE   A 1 124 ? 2.843   13.647  -8.864  1.000 26.376 0 124 ILE   A CG1 1 ? 
ATOM   978  C  CG2 . ILE   A 1 124 ? 2.770   12.417  -6.660  1.000 23.701 0 124 ILE   A CG2 1 ? 
ATOM   979  C  CD1 . ILE   A 1 124 ? 4.205   13.309  -9.417  1.000 28.048 0 124 ILE   A CD1 1 ? 
ATOM   980  N  N   . ARG   A 1 125 ? 0.709   16.811  -7.632  1.000 26.501 0 125 ARG   A N   1 ? 
ATOM   981  C  CA  . ARG   A 1 125 ? 0.892   18.196  -8.048  1.000 30.208 0 125 ARG   A CA  1 ? 
ATOM   982  C  C   . ARG   A 1 125 ? 0.919   19.116  -6.816  1.000 29.233 0 125 ARG   A C   1 ? 
ATOM   983  O  O   . ARG   A 1 125 ? 0.247   18.899  -5.787  1.000 27.063 0 125 ARG   A O   1 ? 
ATOM   984  C  CB  . ARG   A 1 125 ? -0.123  18.544  -9.145  1.000 38.475 0 125 ARG   A CB  1 ? 
ATOM   985  C  CG  . ARG   A 1 125 ? -1.507  18.896  -8.626  1.000 44.457 0 125 ARG   A CG  1 ? 
ATOM   986  C  CD  . ARG   A 1 125 ? -1.724  20.388  -8.457  1.000 49.215 0 125 ARG   A CD  1 ? 
ATOM   987  N  NE  . ARG   A 1 125 ? -2.744  20.769  -7.472  1.000 55.685 0 125 ARG   A NE  1 ? 
ATOM   988  C  CZ  . ARG   A 1 125 ? -3.483  19.939  -6.731  1.000 54.722 0 125 ARG   A CZ  1 ? 
ATOM   989  N  NH1 . ARG   A 1 125 ? -3.409  18.626  -6.889  1.000 47.032 0 125 ARG   A NH1 1 ? 
ATOM   990  N  NH2 . ARG   A 1 125 ? -4.316  20.443  -5.836  1.000 55.545 0 125 ARG   A NH2 1 ? 
ATOM   991  N  N   . GLY   A 1 126 ? 1.777   20.135  -6.910  1.000 24.852 0 126 GLY   A N   1 ? 
ATOM   992  C  CA  . GLY   A 1 126 ? 2.016   21.050  -5.809  1.000 27.575 0 126 GLY   A CA  1 ? 
ATOM   993  C  C   . GLY   A 1 126 ? 3.046   20.545  -4.795  1.000 27.078 0 126 GLY   A C   1 ? 
ATOM   994  O  O   . GLY   A 1 126 ? 3.320   21.241  -3.815  1.000 31.090 0 126 GLY   A O   1 ? 
ATOM   995  N  N   . CYS   A 1 127 ? 3.616   19.349  -5.031  1.000 26.972 0 127 CYS   A N   1 ? 
ATOM   996  C  CA  . CYS   A 1 127 ? 4.490   18.701  -4.057  1.000 28.274 0 127 CYS   A CA  1 ? 
ATOM   997  C  C   . CYS   A 1 127 ? 5.950   18.921  -4.451  1.000 28.831 0 127 CYS   A C   1 ? 
ATOM   998  O  O   . CYS   A 1 127 ? 6.296   18.766  -5.621  1.000 26.151 0 127 CYS   A O   1 ? 
ATOM   999  C  CB  . CYS   A 1 127 ? 4.265   17.187  -3.996  1.000 27.030 0 127 CYS   A CB  1 ? 
ATOM   1000 S  SG  . CYS   A 1 127 ? 2.549   16.695  -3.670  1.000 21.351 0 127 CYS   A SG  1 ? 
ATOM   1001 N  N   . ARG   A 1 128 ? 6.818   19.222  -3.475  1.000 32.857 0 128 ARG   A N   1 ? 
ATOM   1002 C  CA  . ARG   A 1 128 ? 8.249   19.229  -3.750  1.000 38.546 0 128 ARG   A CA  1 ? 
ATOM   1003 C  C   . ARG   A 1 128 ? 8.759   17.792  -3.736  1.000 41.000 0 128 ARG   A C   1 ? 
ATOM   1004 O  O   . ARG   A 1 128 ? 8.694   17.147  -2.704  1.000 38.300 0 128 ARG   A O   1 ? 
ATOM   1005 C  CB  . ARG   A 1 128 ? 9.014   20.087  -2.737  1.000 45.417 0 128 ARG   A CB  1 ? 
ATOM   1006 C  CG  . ARG   A 1 128 ? 10.469  20.334  -3.126  1.000 51.137 0 128 ARG   A CG  1 ? 
ATOM   1007 C  CD  . ARG   A 1 128 ? 11.144  21.486  -2.386  1.000 55.364 0 128 ARG   A CD  1 ? 
ATOM   1008 N  NE  . ARG   A 1 128 ? 11.610  21.175  -1.036  1.000 58.662 0 128 ARG   A NE  1 ? 
ATOM   1009 C  CZ  . ARG   A 1 128 ? 10.843  21.114  0.051   1.000 65.461 0 128 ARG   A CZ  1 ? 
ATOM   1010 N  NH1 . ARG   A 1 128 ? 9.532   21.276  -0.036  1.000 69.050 0 128 ARG   A NH1 1 ? 
ATOM   1011 N  NH2 . ARG   A 1 128 ? 11.398  20.903  1.234   1.000 65.756 0 128 ARG   A NH2 1 ? 
ATOM   1012 N  N   . LEU   A 1 129 ? 9.250   17.282  -4.875  1.000 46.075 0 129 LEU   A N   1 ? 
ATOM   1013 C  CA  . LEU   A 1 129 ? 9.753   15.915  -4.957  1.000 51.162 0 129 LEU   A CA  1 ? 
ATOM   1014 C  C   . LEU   A 1 129 ? 11.194  15.917  -5.493  1.000 55.016 0 129 LEU   A C   1 ? 
ATOM   1015 O  O   . LEU   A 1 129 ? 11.739  17.028  -5.664  1.000 64.954 0 129 LEU   A O   1 ? 
ATOM   1016 C  CB  . LEU   A 1 129 ? 8.855   15.067  -5.868  1.000 51.844 0 129 LEU   A CB  1 ? 
ATOM   1017 C  CG  . LEU   A 1 129 ? 7.625   14.394  -5.251  1.000 52.444 0 129 LEU   A CG  1 ? 
ATOM   1018 C  CD1 . LEU   A 1 129 ? 7.701   14.320  -3.734  1.000 53.389 0 129 LEU   A CD1 1 ? 
ATOM   1019 C  CD2 . LEU   A 1 129 ? 6.339   15.068  -5.699  1.000 54.673 0 129 LEU   A CD2 1 ? 
ATOM   1020 O  OXT . LEU   A 1 129 ? 11.724  14.804  -5.720  1.000 56.345 0 129 LEU   A OXT 1 ? 
HETATM 1021 CL CL  . CL    B 2 .   ? 2.324   -4.311  -14.466 1.000 21.233 0 201 CL    A CL  1 ? 
HETATM 1022 NA NA  . NA    C 3 .   ? -1.017  -14.572 7.217   1.000 15.034 0 202 NA    A NA  1 ? 
HETATM 1023 O  O17 . A1ICR D 4 .   ? 7.247   11.376  5.640   0.800 23.748 0 203 A1ICR A O17 1 ? 
HETATM 1024 V  V1  . A1ICR D 4 .   ? 10.857  7.947   9.827   0.800 24.416 0 203 A1ICR A V1  1 ? 
HETATM 1025 V  V2  . A1ICR D 4 .   ? 12.272  5.912   7.586   0.800 26.601 0 203 A1ICR A V2  1 ? 
HETATM 1026 V  V3  . A1ICR D 4 .   ? 9.466   10.706  9.748   0.800 21.372 0 203 A1ICR A V3  1 ? 
HETATM 1027 V  V4  . A1ICR D 4 .   ? 9.339   7.958   7.363   0.800 24.081 0 203 A1ICR A V4  1 ? 
HETATM 1028 V  V5  . A1ICR D 4 .   ? 8.692   11.092  6.198   0.800 18.059 0 203 A1ICR A V5  1 ? 
HETATM 1029 V  V6  . A1ICR D 4 .   ? 10.929  11.785  4.415   0.800 17.970 0 203 A1ICR A V6  1 ? 
HETATM 1030 V  V7  . A1ICR D 4 .   ? 14.307  7.956   8.859   0.800 25.872 0 203 A1ICR A V7  1 ? 
HETATM 1031 V  V8  . A1ICR D 4 .   ? 11.049  8.975   4.496   0.800 23.177 0 203 A1ICR A V8  1 ? 
HETATM 1032 V  V9  . A1ICR D 4 .   ? 14.264  7.951   5.876   0.800 26.770 0 203 A1ICR A V9  1 ? 
HETATM 1033 V  V10 . A1ICR D 4 .   ? 12.981  3.050   9.644   0.800 26.121 0 203 A1ICR A V10 1 ? 
HETATM 1034 O  O1  . A1ICR D 4 .   ? 10.882  7.063   8.103   0.800 24.341 0 203 A1ICR A O1  1 ? 
HETATM 1035 O  O2  . A1ICR D 4 .   ? 9.202   8.834   9.066   0.800 20.989 0 203 A1ICR A O2  1 ? 
HETATM 1036 O  O3  . A1ICR D 4 .   ? 12.768  7.941   9.929   0.800 24.854 0 203 A1ICR A O3  1 ? 
HETATM 1037 O  O4  . A1ICR D 4 .   ? 11.022  10.166  10.908  0.400 22.726 0 203 A1ICR A O4  1 ? 
HETATM 1038 O  O5  . A1ICR D 4 .   ? 10.232  7.001   10.882  0.800 24.514 0 203 A1ICR A O5  1 ? 
HETATM 1039 O  O6  . A1ICR D 4 .   ? 12.485  4.675   8.807   0.800 27.712 0 203 A1ICR A O6  1 ? 
HETATM 1040 O  O7  . A1ICR D 4 .   ? 11.857  5.163   6.084   0.800 22.247 0 203 A1ICR A O7  1 ? 
HETATM 1041 O  O8  . A1ICR D 4 .   ? 13.908  6.886   7.374   0.800 20.736 0 203 A1ICR A O8  1 ? 
HETATM 1042 O  O9  . A1ICR D 4 .   ? 8.219   10.897  10.765  0.800 26.839 0 203 A1ICR A O9  1 ? 
HETATM 1043 O  O10 . A1ICR D 4 .   ? 8.861   11.552  8.091   0.800 23.707 0 203 A1ICR A O10 1 ? 
HETATM 1044 O  O11 . A1ICR D 4 .   ? 10.154  7.914   5.743   0.800 24.510 0 203 A1ICR A O11 1 ? 
HETATM 1045 O  O12 . A1ICR D 4 .   ? 8.543   9.388   6.753   0.800 23.007 0 203 A1ICR A O12 1 ? 
HETATM 1046 O  O13 . A1ICR D 4 .   ? 8.111   6.744   7.315   0.800 23.920 0 203 A1ICR A O13 1 ? 
HETATM 1047 O  O15 . A1ICR D 4 .   ? 9.853   12.697  5.797   0.800 21.682 0 203 A1ICR A O15 1 ? 
HETATM 1048 O  O16 . A1ICR D 4 .   ? 9.732   10.319  4.863   0.800 19.483 0 203 A1ICR A O16 1 ? 
HETATM 1049 O  O18 . A1ICR D 4 .   ? 12.143  10.410  4.023   0.800 18.149 0 203 A1ICR A O18 1 ? 
HETATM 1050 O  O19 . A1ICR D 4 .   ? 10.503  12.418  2.994   0.800 22.037 0 203 A1ICR A O19 1 ? 
HETATM 1051 O  O20 . A1ICR D 4 .   ? 12.607  8.072   4.914   0.800 25.799 0 203 A1ICR A O20 1 ? 
HETATM 1052 O  O21 . A1ICR D 4 .   ? 10.582  8.312   3.007   0.800 22.545 0 203 A1ICR A O21 1 ? 
HETATM 1053 O  O22 . A1ICR D 4 .   ? 15.621  7.258   9.682   0.800 30.363 0 203 A1ICR A O22 1 ? 
HETATM 1054 O  O23 . A1ICR D 4 .   ? 15.414  7.155   4.910   0.800 28.945 0 203 A1ICR A O23 1 ? 
HETATM 1055 O  O29 . A1ICR D 4 .   ? 15.167  3.137   9.595   0.800 28.247 0 203 A1ICR A O29 1 ? 
HETATM 1056 O  O30 . A1ICR D 4 .   ? 12.501  3.962   11.586  0.800 35.644 0 203 A1ICR A O30 1 ? 
HETATM 1057 O  O31 . A1ICR D 4 .   ? 12.609  1.220   10.601  0.800 32.906 0 203 A1ICR A O31 1 ? 
HETATM 1058 O  O32 . A1ICR D 4 .   ? 12.562  2.219   7.991   0.800 30.648 0 203 A1ICR A O32 1 ? 
HETATM 1059 V  V   . VO4   E 5 .   ? -10.050 -6.005  2.100   0.500 23.425 0 204 VO4   A V   1 ? 
HETATM 1060 O  O1  . VO4   E 5 .   ? -11.067 -4.708  3.175   0.500 21.121 0 204 VO4   A O1  1 ? 
HETATM 1061 O  O2  . VO4   E 5 .   ? -11.584 -6.373  1.066   0.500 24.626 0 204 VO4   A O2  1 ? 
HETATM 1062 O  O3  . VO4   E 5 .   ? -9.034  -7.255  1.152   0.500 22.452 0 204 VO4   A O3  1 ? 
HETATM 1063 O  O4  . VO4   E 5 .   ? -9.537  -4.640  0.889   0.500 28.293 0 204 VO4   A O4  1 ? 
HETATM 1064 CL CL  . CL    F 2 .   ? 0.095   -1.198  4.133   1.000 22.566 0 205 CL    A CL  1 ? 
HETATM 1065 CL CL  . CL    G 2 .   ? -2.490  -16.843 11.130  1.000 21.918 0 206 CL    A CL  1 ? 
HETATM 1066 O  O   . HOH   H 6 .   ? 10.526  16.743  -1.569  1.000 37.771 0 301 HOH   A O   1 ? 
HETATM 1067 O  O   . HOH   H 6 .   ? -12.023 -4.363  -10.686 1.000 36.098 0 302 HOH   A O   1 ? 
HETATM 1068 O  O   . HOH   H 6 .   ? 11.159  -0.055  9.451   1.000 29.809 0 303 HOH   A O   1 ? 
HETATM 1069 O  O   . HOH   H 6 .   ? 1.732   6.282   14.139  1.000 21.060 0 304 HOH   A O   1 ? 
HETATM 1070 O  O   . HOH   H 6 .   ? 8.392   11.748  -9.767  1.000 38.503 0 305 HOH   A O   1 ? 
HETATM 1071 O  O   . HOH   H 6 .   ? 10.624  9.775   13.166  0.500 34.338 0 306 HOH   A O   1 ? 
HETATM 1072 O  O   . HOH   H 6 .   ? -9.098  -12.417 1.772   1.000 35.885 0 307 HOH   A O   1 ? 
HETATM 1073 O  O   . HOH   H 6 .   ? 12.118  23.203  1.215   1.000 31.811 0 308 HOH   A O   1 ? 
HETATM 1074 O  O   . HOH   H 6 .   ? -7.523  6.431   -19.268 1.000 42.011 0 309 HOH   A O   1 ? 
HETATM 1075 O  O   . HOH   H 6 .   ? -3.174  -17.728 1.889   1.000 49.152 0 310 HOH   A O   1 ? 
HETATM 1076 O  O   . HOH   H 6 .   ? 8.677   -7.774  3.183   1.000 23.349 0 311 HOH   A O   1 ? 
HETATM 1077 O  O   . HOH   H 6 .   ? 5.139   17.388  -7.630  1.000 30.547 0 312 HOH   A O   1 ? 
HETATM 1078 O  O   . HOH   H 6 .   ? 6.900   -10.687 -5.709  1.000 30.948 0 313 HOH   A O   1 ? 
HETATM 1079 O  O   . HOH   H 6 .   ? 0.673   -17.585 12.457  1.000 31.229 0 314 HOH   A O   1 ? 
HETATM 1080 O  O   . HOH   H 6 .   ? 0.237   -8.124  -7.868  1.000 21.804 0 315 HOH   A O   1 ? 
HETATM 1081 O  O   . HOH   H 6 .   ? 3.467   -7.645  16.607  1.000 19.920 0 316 HOH   A O   1 ? 
HETATM 1082 O  O   . HOH   H 6 .   ? 2.299   -22.924 -0.269  1.000 28.616 0 317 HOH   A O   1 ? 
HETATM 1083 O  O   . HOH   H 6 .   ? 8.399   20.263  2.021   1.000 43.180 0 318 HOH   A O   1 ? 
HETATM 1084 O  O   . HOH   H 6 .   ? 6.641   8.784   9.267   1.000 27.289 0 319 HOH   A O   1 ? 
HETATM 1085 O  O   . HOH   H 6 .   ? -2.191  14.303  9.463   1.000 37.842 0 320 HOH   A O   1 ? 
HETATM 1086 O  O   . HOH   H 6 .   ? -5.530  -8.647  -3.882  1.000 33.791 0 321 HOH   A O   1 ? 
HETATM 1087 O  O   . HOH   H 6 .   ? 11.672  12.058  -1.102  1.000 35.456 0 322 HOH   A O   1 ? 
HETATM 1088 O  O   . HOH   H 6 .   ? 3.538   2.361   7.544   1.000 14.428 0 323 HOH   A O   1 ? 
HETATM 1089 O  O   . HOH   H 6 .   ? -3.380  6.338   -15.390 1.000 25.092 0 324 HOH   A O   1 ? 
HETATM 1090 O  O   . HOH   H 6 .   ? -17.583 -12.453 7.502   1.000 42.906 0 325 HOH   A O   1 ? 
HETATM 1091 O  O   . HOH   H 6 .   ? -6.771  12.379  -10.972 1.000 27.605 0 326 HOH   A O   1 ? 
HETATM 1092 O  O   . HOH   H 6 .   ? -7.280  0.409   12.790  1.000 15.436 0 327 HOH   A O   1 ? 
HETATM 1093 O  O   . HOH   H 6 .   ? -10.624 -0.142  -13.823 1.000 29.704 0 328 HOH   A O   1 ? 
HETATM 1094 O  O   . HOH   H 6 .   ? -7.167  -11.438 10.569  1.000 14.407 0 329 HOH   A O   1 ? 
HETATM 1095 O  O   . HOH   H 6 .   ? -6.784  9.891   -10.004 1.000 20.435 0 330 HOH   A O   1 ? 
HETATM 1096 O  O   . HOH   H 6 .   ? 3.457   -7.877  -11.369 1.000 24.847 0 331 HOH   A O   1 ? 
HETATM 1097 O  O   . HOH   H 6 .   ? -7.162  9.398   7.399   1.000 28.989 0 332 HOH   A O   1 ? 
HETATM 1098 O  O   . HOH   H 6 .   ? 5.511   12.598  11.697  1.000 33.206 0 333 HOH   A O   1 ? 
HETATM 1099 O  O   . HOH   H 6 .   ? 8.481   0.191   8.864   1.000 17.986 0 334 HOH   A O   1 ? 
HETATM 1100 O  O   . HOH   H 6 .   ? -9.443  -2.259  3.117   1.000 19.533 0 335 HOH   A O   1 ? 
HETATM 1101 O  O   . HOH   H 6 .   ? -2.215  -18.343 15.777  1.000 37.421 0 336 HOH   A O   1 ? 
HETATM 1102 O  O   . HOH   H 6 .   ? 1.231   1.521   6.598   1.000 17.783 0 337 HOH   A O   1 ? 
HETATM 1103 O  O   . HOH   H 6 .   ? -10.923 8.434   -8.931  1.000 23.700 0 338 HOH   A O   1 ? 
HETATM 1104 O  O   . HOH   H 6 .   ? -10.062 8.082   1.191   1.000 26.364 0 339 HOH   A O   1 ? 
HETATM 1105 O  O   . HOH   H 6 .   ? 10.667  -5.914  -1.107  1.000 24.687 0 340 HOH   A O   1 ? 
HETATM 1106 O  O   . HOH   H 6 .   ? -6.419  -4.242  0.025   1.000 32.963 0 341 HOH   A O   1 ? 
HETATM 1107 O  O   . HOH   H 6 .   ? 3.624   -0.888  14.395  1.000 25.418 0 342 HOH   A O   1 ? 
HETATM 1108 O  O   . HOH   H 6 .   ? 11.137  6.685   -6.030  1.000 25.381 0 343 HOH   A O   1 ? 
HETATM 1109 O  O   . HOH   H 6 .   ? 5.504   -4.618  14.570  1.000 28.489 0 344 HOH   A O   1 ? 
HETATM 1110 O  O   . HOH   H 6 .   ? -2.040  -14.270 9.514   1.000 14.129 0 345 HOH   A O   1 ? 
HETATM 1111 O  O   . HOH   H 6 .   ? -8.125  5.241   7.695   1.000 28.615 0 346 HOH   A O   1 ? 
HETATM 1112 O  O   . HOH   H 6 .   ? -9.981  4.656   -15.852 1.000 26.915 0 347 HOH   A O   1 ? 
HETATM 1113 O  O   . HOH   H 6 .   ? 17.050  9.618   4.555   1.000 31.770 0 348 HOH   A O   1 ? 
HETATM 1114 O  O   . HOH   H 6 .   ? -10.610 1.054   -0.437  1.000 24.771 0 349 HOH   A O   1 ? 
HETATM 1115 O  O   . HOH   H 6 .   ? -12.828 -11.737 2.115   1.000 26.406 0 350 HOH   A O   1 ? 
HETATM 1116 O  O   . HOH   H 6 .   ? -2.824  4.139   -13.795 1.000 18.813 0 351 HOH   A O   1 ? 
HETATM 1117 O  O   . HOH   H 6 .   ? -2.782  7.237   12.753  1.000 13.415 0 352 HOH   A O   1 ? 
HETATM 1118 O  O   . HOH   H 6 .   ? 8.000   -5.701  4.769   1.000 17.675 0 353 HOH   A O   1 ? 
HETATM 1119 O  O   . HOH   H 6 .   ? -0.072  17.777  0.881   1.000 28.944 0 354 HOH   A O   1 ? 
HETATM 1120 O  O   . HOH   H 6 .   ? 3.772   -1.284  -15.224 1.000 19.271 0 355 HOH   A O   1 ? 
HETATM 1121 O  O   . HOH   H 6 .   ? 7.506   -1.422  10.698  1.000 20.901 0 356 HOH   A O   1 ? 
HETATM 1122 O  O   . HOH   H 6 .   ? 4.293   -18.054 4.352   1.000 25.097 0 357 HOH   A O   1 ? 
HETATM 1123 O  O   . HOH   H 6 .   ? 11.210  -1.473  -10.952 1.000 31.109 0 358 HOH   A O   1 ? 
HETATM 1124 O  O   . HOH   H 6 .   ? -9.066  -2.483  -15.797 1.000 24.918 0 359 HOH   A O   1 ? 
HETATM 1125 O  O   . HOH   H 6 .   ? 14.454  -1.713  3.743   1.000 33.864 0 360 HOH   A O   1 ? 
HETATM 1126 O  O   . HOH   H 6 .   ? -7.221  -5.016  -2.584  1.000 20.984 0 361 HOH   A O   1 ? 
HETATM 1127 O  O   . HOH   H 6 .   ? -10.178 3.218   -12.279 1.000 18.208 0 362 HOH   A O   1 ? 
HETATM 1128 O  O   . HOH   H 6 .   ? 5.830   19.462  -0.745  1.000 33.477 0 363 HOH   A O   1 ? 
HETATM 1129 O  O   . HOH   H 6 .   ? 6.188   16.851  -1.247  1.000 28.734 0 364 HOH   A O   1 ? 
HETATM 1130 O  O   . HOH   H 6 .   ? -13.600 8.098   -0.940  1.000 17.556 0 365 HOH   A O   1 ? 
HETATM 1131 O  O   . HOH   H 6 .   ? -12.913 7.553   -7.114  1.000 16.828 0 366 HOH   A O   1 ? 
HETATM 1132 O  O   . HOH   H 6 .   ? -13.230 -3.941  10.073  1.000 18.908 0 367 HOH   A O   1 ? 
HETATM 1133 O  O   . HOH   H 6 .   ? -8.617  11.507  -14.539 1.000 25.970 0 368 HOH   A O   1 ? 
HETATM 1134 O  O   . HOH   H 6 .   ? 1.654   16.983  3.014   1.000 26.625 0 369 HOH   A O   1 ? 
HETATM 1135 O  O   . HOH   H 6 .   ? 5.197   -19.597 2.146   1.000 30.977 0 370 HOH   A O   1 ? 
HETATM 1136 O  O   . HOH   H 6 .   ? 11.720  10.894  7.654   0.400 19.632 0 371 HOH   A O   1 ? 
HETATM 1137 O  O   . HOH   H 6 .   ? 5.186   0.015   7.576   1.000 15.355 0 372 HOH   A O   1 ? 
HETATM 1138 O  O   . HOH   H 6 .   ? -3.200  -21.501 10.390  0.500 33.328 0 373 HOH   A O   1 ? 
HETATM 1139 O  O   . HOH   H 6 .   ? -6.706  -5.943  -14.902 1.000 30.590 0 374 HOH   A O   1 ? 
HETATM 1140 O  O   . HOH   H 6 .   ? 1.383   -15.328 15.615  1.000 14.969 0 375 HOH   A O   1 ? 
HETATM 1141 O  O   . HOH   H 6 .   ? 0.484   -15.746 8.622   1.000 20.062 0 376 HOH   A O   1 ? 
HETATM 1142 O  O   . HOH   H 6 .   ? -5.759  -15.829 17.397  1.000 27.832 0 377 HOH   A O   1 ? 
HETATM 1143 O  O   . HOH   H 6 .   ? 2.516   10.287  -11.389 1.000 13.772 0 378 HOH   A O   1 ? 
HETATM 1144 O  O   . HOH   H 6 .   ? -13.625 10.259  -3.436  1.000 22.925 0 379 HOH   A O   1 ? 
HETATM 1145 O  O   . HOH   H 6 .   ? -2.898  -7.180  -0.057  1.000 18.722 0 380 HOH   A O   1 ? 
HETATM 1146 O  O   . HOH   H 6 .   ? 4.757   3.790   14.915  1.000 23.980 0 381 HOH   A O   1 ? 
HETATM 1147 O  O   . HOH   H 6 .   ? 5.946   10.412  -11.406 1.000 41.041 0 382 HOH   A O   1 ? 
HETATM 1148 O  O   . HOH   H 6 .   ? -2.862  -10.053 -3.231  1.000 35.103 0 383 HOH   A O   1 ? 
HETATM 1149 O  O   . HOH   H 6 .   ? 4.492   -16.688 9.851   1.000 25.343 0 384 HOH   A O   1 ? 
HETATM 1150 O  O   . HOH   H 6 .   ? -11.817 11.273  6.800   1.000 42.284 0 385 HOH   A O   1 ? 
HETATM 1151 O  O   . HOH   H 6 .   ? -1.396  10.728  -15.234 1.000 38.414 0 386 HOH   A O   1 ? 
HETATM 1152 O  O   . HOH   H 6 .   ? -3.730  15.732  2.669   1.000 32.765 0 387 HOH   A O   1 ? 
HETATM 1153 O  O   . HOH   H 6 .   ? -9.031  -11.540 17.554  1.000 19.358 0 388 HOH   A O   1 ? 
HETATM 1154 O  O   . HOH   H 6 .   ? 20.290  6.030   2.040   1.000 28.768 0 389 HOH   A O   1 ? 
HETATM 1155 O  O   . HOH   H 6 .   ? -13.919 -8.464  2.049   1.000 32.473 0 390 HOH   A O   1 ? 
HETATM 1156 O  O   . HOH   H 6 .   ? -4.765  9.728   -17.755 1.000 39.822 0 391 HOH   A O   1 ? 
HETATM 1157 O  O   . HOH   H 6 .   ? 10.555  -4.600  6.027   1.000 21.373 0 392 HOH   A O   1 ? 
HETATM 1158 O  O   . HOH   H 6 .   ? 11.490  21.732  4.570   1.000 34.878 0 393 HOH   A O   1 ? 
HETATM 1159 O  O   . HOH   H 6 .   ? -4.233  -19.143 12.450  1.000 35.475 0 394 HOH   A O   1 ? 
HETATM 1160 O  O   . HOH   H 6 .   ? -7.370  2.021   -17.461 1.000 23.364 0 395 HOH   A O   1 ? 
HETATM 1161 O  O   . HOH   H 6 .   ? -5.906  14.250  -0.584  1.000 20.756 0 396 HOH   A O   1 ? 
HETATM 1162 O  O   . HOH   H 6 .   ? -1.538  18.009  -12.383 1.000 38.416 0 397 HOH   A O   1 ? 
HETATM 1163 O  O   . HOH   H 6 .   ? 18.124  3.936   4.341   1.000 38.575 0 398 HOH   A O   1 ? 
HETATM 1164 O  O   . HOH   H 6 .   ? 4.978   -13.212 15.250  1.000 16.967 0 399 HOH   A O   1 ? 
HETATM 1165 O  O   . HOH   H 6 .   ? 3.182   10.322  14.568  1.000 25.841 0 400 HOH   A O   1 ? 
HETATM 1166 O  O   . HOH   H 6 .   ? 4.779   -16.823 14.210  1.000 25.937 0 401 HOH   A O   1 ? 
HETATM 1167 O  O   . HOH   H 6 .   ? -9.096  10.404  -8.209  1.000 28.093 0 402 HOH   A O   1 ? 
HETATM 1168 O  O   . HOH   H 6 .   ? 6.211   -12.875 12.409  1.000 20.424 0 403 HOH   A O   1 ? 
HETATM 1169 O  O   . HOH   H 6 .   ? 6.560   9.583   -14.944 1.000 39.377 0 404 HOH   A O   1 ? 
HETATM 1170 O  O   . HOH   H 6 .   ? 8.504   -14.262 10.407  1.000 23.408 0 405 HOH   A O   1 ? 
HETATM 1171 O  O   . HOH   H 6 .   ? -12.986 -1.209  3.525   1.000 38.760 0 406 HOH   A O   1 ? 
HETATM 1172 O  O   . HOH   H 6 .   ? -3.339  6.262   -18.222 1.000 25.204 0 407 HOH   A O   1 ? 
HETATM 1173 O  O   . HOH   H 6 .   ? -4.659  -10.539 -15.827 1.000 32.318 0 408 HOH   A O   1 ? 
HETATM 1174 O  O   . HOH   H 6 .   ? 6.419   -16.139 11.557  1.000 27.311 0 409 HOH   A O   1 ? 
HETATM 1175 O  O   . HOH   H 6 .   ? 12.732  -4.313  -1.878  1.000 31.919 0 410 HOH   A O   1 ? 
HETATM 1176 O  O   . HOH   H 6 .   ? -5.991  14.953  -5.707  1.000 39.124 0 411 HOH   A O   1 ? 
HETATM 1177 O  O   . HOH   H 6 .   ? 9.750   -9.631  11.923  1.000 39.231 0 412 HOH   A O   1 ? 
HETATM 1178 O  O   A HOH   H 6 .   ? 0.108   11.643  14.002  0.500 10.005 0 413 HOH   A O   1 ? 
HETATM 1179 O  O   B HOH   H 6 .   ? -0.839  11.486  12.786  0.500 15.358 0 413 HOH   A O   1 ? 
HETATM 1180 O  O   . HOH   H 6 .   ? 12.415  10.430  -14.260 1.000 43.392 0 414 HOH   A O   1 ? 
HETATM 1181 O  O   . HOH   H 6 .   ? 0.291   -17.909 15.294  1.000 29.258 0 415 HOH   A O   1 ? 
HETATM 1182 O  O   . HOH   H 6 .   ? -7.332  -23.267 4.858   1.000 47.473 0 416 HOH   A O   1 ? 
HETATM 1183 O  O   . HOH   H 6 .   ? -9.391  0.158   -16.329 1.000 20.968 0 417 HOH   A O   1 ? 
HETATM 1184 O  O   . HOH   H 6 .   ? 2.892   8.635   17.268  1.000 20.064 0 418 HOH   A O   1 ? 
HETATM 1185 O  O   . HOH   H 6 .   ? -10.241 12.392  -2.999  1.000 35.287 0 419 HOH   A O   1 ? 
HETATM 1186 O  O   . HOH   H 6 .   ? 9.303   -11.704 12.892  1.000 30.624 0 420 HOH   A O   1 ? 
HETATM 1187 O  O   . HOH   H 6 .   ? 9.522   -3.464  10.646  1.000 30.265 0 421 HOH   A O   1 ? 
HETATM 1188 O  O   . HOH   H 6 .   ? 7.540   24.263  4.400   1.000 42.185 0 422 HOH   A O   1 ? 
HETATM 1189 O  O   . HOH   H 6 .   ? 15.453  4.915   16.408  1.000 30.595 0 423 HOH   A O   1 ? 
HETATM 1190 O  O   . HOH   H 6 .   ? 11.426  -14.084 12.614  1.000 48.388 0 424 HOH   A O   1 ? 
HETATM 1191 O  O   . HOH   H 6 .   ? 17.415  0.584   3.412   1.000 39.207 0 425 HOH   A O   1 ? 
HETATM 1192 O  O   . HOH   H 6 .   ? -0.434  14.896  15.262  1.000 27.613 0 426 HOH   A O   1 ? 
HETATM 1193 O  O   . HOH   H 6 .   ? 1.743   12.240  17.579  1.000 33.569 0 427 HOH   A O   1 ? 
HETATM 1194 O  O   . HOH   H 6 .   ? 11.365  -12.759 14.687  1.000 33.358 0 428 HOH   A O   1 ? 
HETATM 1195 O  O   . HOH   H 6 .   ? 2.683   15.763  16.596  1.000 31.896 0 429 HOH   A O   1 ? 
HETATM 1196 O  O   . HOH   H 6 .   ? 4.358   14.149  19.126  1.000 44.958 0 430 HOH   A O   1 ? 
HETATM 1197 O  O   . HOH   H 6 .   ? -0.994  15.574  18.358  0.500 36.106 0 431 HOH   A O   1 ? 
# 
